data_3TJQ
# 
_entry.id   3TJQ 
# 
_audit_conform.dict_name       mmcif_pdbx.dic 
_audit_conform.dict_version    5.397 
_audit_conform.dict_location   http://mmcif.pdb.org/dictionaries/ascii/mmcif_pdbx.dic 
# 
loop_
_database_2.database_id 
_database_2.database_code 
_database_2.pdbx_database_accession 
_database_2.pdbx_DOI 
PDB   3TJQ         pdb_00003tjq 10.2210/pdb3tjq/pdb 
RCSB  RCSB067562   ?            ?                   
WWPDB D_1000067562 ?            ?                   
# 
loop_
_pdbx_audit_revision_history.ordinal 
_pdbx_audit_revision_history.data_content_type 
_pdbx_audit_revision_history.major_revision 
_pdbx_audit_revision_history.minor_revision 
_pdbx_audit_revision_history.revision_date 
1 'Structure model' 1 0 2012-05-16 
2 'Structure model' 1 1 2012-06-13 
3 'Structure model' 1 2 2012-06-27 
4 'Structure model' 1 3 2024-10-09 
# 
_pdbx_audit_revision_details.ordinal             1 
_pdbx_audit_revision_details.revision_ordinal    1 
_pdbx_audit_revision_details.data_content_type   'Structure model' 
_pdbx_audit_revision_details.provider            repository 
_pdbx_audit_revision_details.type                'Initial release' 
_pdbx_audit_revision_details.description         ? 
_pdbx_audit_revision_details.details             ? 
# 
loop_
_pdbx_audit_revision_group.ordinal 
_pdbx_audit_revision_group.revision_ordinal 
_pdbx_audit_revision_group.data_content_type 
_pdbx_audit_revision_group.group 
1 2 'Structure model' 'Database references'  
2 3 'Structure model' 'Database references'  
3 4 'Structure model' 'Data collection'      
4 4 'Structure model' 'Database references'  
5 4 'Structure model' 'Derived calculations' 
6 4 'Structure model' 'Structure summary'    
# 
loop_
_pdbx_audit_revision_category.ordinal 
_pdbx_audit_revision_category.revision_ordinal 
_pdbx_audit_revision_category.data_content_type 
_pdbx_audit_revision_category.category 
1 4 'Structure model' chem_comp_atom            
2 4 'Structure model' chem_comp_bond            
3 4 'Structure model' database_2                
4 4 'Structure model' pdbx_entry_details        
5 4 'Structure model' pdbx_modification_feature 
6 4 'Structure model' struct_ref_seq_dif        
7 4 'Structure model' struct_site               
# 
loop_
_pdbx_audit_revision_item.ordinal 
_pdbx_audit_revision_item.revision_ordinal 
_pdbx_audit_revision_item.data_content_type 
_pdbx_audit_revision_item.item 
1 4 'Structure model' '_database_2.pdbx_DOI'                
2 4 'Structure model' '_database_2.pdbx_database_accession' 
3 4 'Structure model' '_struct_ref_seq_dif.details'         
4 4 'Structure model' '_struct_site.pdbx_auth_asym_id'      
5 4 'Structure model' '_struct_site.pdbx_auth_comp_id'      
6 4 'Structure model' '_struct_site.pdbx_auth_seq_id'       
# 
_pdbx_database_status.status_code                     REL 
_pdbx_database_status.entry_id                        3TJQ 
_pdbx_database_status.recvd_initial_deposition_date   2011-08-24 
_pdbx_database_status.deposit_site                    RCSB 
_pdbx_database_status.process_site                    RCSB 
_pdbx_database_status.status_code_sf                  REL 
_pdbx_database_status.status_code_mr                  ? 
_pdbx_database_status.SG_entry                        ? 
_pdbx_database_status.status_code_cs                  ? 
_pdbx_database_status.methods_development_category    ? 
_pdbx_database_status.pdb_format_compatible           Y 
_pdbx_database_status.status_code_nmr_data            ? 
# 
loop_
_pdbx_database_related.db_name 
_pdbx_database_related.db_id 
_pdbx_database_related.content_type 
_pdbx_database_related.details 
PDB 3TJN unspecified . 
PDB 3TJO unspecified . 
# 
loop_
_audit_author.name 
_audit_author.pdbx_ordinal 
'Eigenbrot, C.' 1 
'Ultsch, M.'    2 
# 
_citation.id                        primary 
_citation.title                     'Structural and Functional Analysis of HtrA1 and Its Subdomains.' 
_citation.journal_abbrev            Structure 
_citation.journal_volume            20 
_citation.page_first                1040 
_citation.page_last                 1050 
_citation.year                      2012 
_citation.journal_id_ASTM           STRUE6 
_citation.country                   UK 
_citation.journal_id_ISSN           0969-2126 
_citation.journal_id_CSD            2005 
_citation.book_publisher            ? 
_citation.pdbx_database_id_PubMed   22578544 
_citation.pdbx_database_id_DOI      10.1016/j.str.2012.03.021 
# 
loop_
_citation_author.citation_id 
_citation_author.name 
_citation_author.ordinal 
_citation_author.identifier_ORCID 
primary 'Eigenbrot, C.'             1  ? 
primary 'Ultsch, M.'                2  ? 
primary 'Lipari, M.T.'              3  ? 
primary 'Moran, P.'                 4  ? 
primary 'Lin, S.J.'                 5  ? 
primary 'Ganesan, R.'               6  ? 
primary 'Quan, C.'                  7  ? 
primary 'Tom, J.'                   8  ? 
primary 'Sandoval, W.'              9  ? 
primary 'van Lookeren Campagne, M.' 10 ? 
primary 'Kirchhofer, D.'            11 ? 
# 
loop_
_entity.id 
_entity.type 
_entity.src_method 
_entity.pdbx_description 
_entity.formula_weight 
_entity.pdbx_number_of_molecules 
_entity.pdbx_ec 
_entity.pdbx_mutation 
_entity.pdbx_fragment 
_entity.details 
1 polymer     man 'Serine protease HTRA1' 14651.489 1  3.4.21.- ? 'N-terminal part (UNP residues 36-155)' ? 
2 non-polymer syn 'PLATINUM (II) ION'     195.078   2  ?        ? ?                                       ? 
3 non-polymer syn 'CHLORIDE ION'          35.453    6  ?        ? ?                                       ? 
4 non-polymer syn 'THIOCYANATE ION'       58.082    4  ?        ? ?                                       ? 
5 non-polymer syn GLYCEROL                92.094    1  ?        ? ?                                       ? 
6 water       nat water                   18.015    38 ?        ? ?                                       ? 
# 
_entity_name_com.entity_id   1 
_entity_name_com.name        'High-temperature requirement A serine peptidase 1, L56, Serine protease 11' 
# 
_entity_poly.entity_id                      1 
_entity_poly.type                           'polypeptide(L)' 
_entity_poly.nstd_linkage                   no 
_entity_poly.nstd_monomer                   no 
_entity_poly.pdbx_seq_one_letter_code       
;AHHHHHHGENLYFQGSAGCPDRCEPARCPPQPEHCEGGRARDACGCCEVCGAPEGAACGLQEGPCGEGLQCVVPFGVPAS
ATVRRRAQAGLCVCASSEPVCGSDANTYANLCQLRAASRRSERLHRPPVIVLQRGACGNS
;
_entity_poly.pdbx_seq_one_letter_code_can   
;AHHHHHHGENLYFQGSAGCPDRCEPARCPPQPEHCEGGRARDACGCCEVCGAPEGAACGLQEGPCGEGLQCVVPFGVPAS
ATVRRRAQAGLCVCASSEPVCGSDANTYANLCQLRAASRRSERLHRPPVIVLQRGACGNS
;
_entity_poly.pdbx_strand_id                 A 
_entity_poly.pdbx_target_identifier         ? 
# 
loop_
_pdbx_entity_nonpoly.entity_id 
_pdbx_entity_nonpoly.name 
_pdbx_entity_nonpoly.comp_id 
2 'PLATINUM (II) ION' PT  
3 'CHLORIDE ION'      CL  
4 'THIOCYANATE ION'   SCN 
5 GLYCEROL            GOL 
6 water               HOH 
# 
loop_
_entity_poly_seq.entity_id 
_entity_poly_seq.num 
_entity_poly_seq.mon_id 
_entity_poly_seq.hetero 
1 1   ALA n 
1 2   HIS n 
1 3   HIS n 
1 4   HIS n 
1 5   HIS n 
1 6   HIS n 
1 7   HIS n 
1 8   GLY n 
1 9   GLU n 
1 10  ASN n 
1 11  LEU n 
1 12  TYR n 
1 13  PHE n 
1 14  GLN n 
1 15  GLY n 
1 16  SER n 
1 17  ALA n 
1 18  GLY n 
1 19  CYS n 
1 20  PRO n 
1 21  ASP n 
1 22  ARG n 
1 23  CYS n 
1 24  GLU n 
1 25  PRO n 
1 26  ALA n 
1 27  ARG n 
1 28  CYS n 
1 29  PRO n 
1 30  PRO n 
1 31  GLN n 
1 32  PRO n 
1 33  GLU n 
1 34  HIS n 
1 35  CYS n 
1 36  GLU n 
1 37  GLY n 
1 38  GLY n 
1 39  ARG n 
1 40  ALA n 
1 41  ARG n 
1 42  ASP n 
1 43  ALA n 
1 44  CYS n 
1 45  GLY n 
1 46  CYS n 
1 47  CYS n 
1 48  GLU n 
1 49  VAL n 
1 50  CYS n 
1 51  GLY n 
1 52  ALA n 
1 53  PRO n 
1 54  GLU n 
1 55  GLY n 
1 56  ALA n 
1 57  ALA n 
1 58  CYS n 
1 59  GLY n 
1 60  LEU n 
1 61  GLN n 
1 62  GLU n 
1 63  GLY n 
1 64  PRO n 
1 65  CYS n 
1 66  GLY n 
1 67  GLU n 
1 68  GLY n 
1 69  LEU n 
1 70  GLN n 
1 71  CYS n 
1 72  VAL n 
1 73  VAL n 
1 74  PRO n 
1 75  PHE n 
1 76  GLY n 
1 77  VAL n 
1 78  PRO n 
1 79  ALA n 
1 80  SER n 
1 81  ALA n 
1 82  THR n 
1 83  VAL n 
1 84  ARG n 
1 85  ARG n 
1 86  ARG n 
1 87  ALA n 
1 88  GLN n 
1 89  ALA n 
1 90  GLY n 
1 91  LEU n 
1 92  CYS n 
1 93  VAL n 
1 94  CYS n 
1 95  ALA n 
1 96  SER n 
1 97  SER n 
1 98  GLU n 
1 99  PRO n 
1 100 VAL n 
1 101 CYS n 
1 102 GLY n 
1 103 SER n 
1 104 ASP n 
1 105 ALA n 
1 106 ASN n 
1 107 THR n 
1 108 TYR n 
1 109 ALA n 
1 110 ASN n 
1 111 LEU n 
1 112 CYS n 
1 113 GLN n 
1 114 LEU n 
1 115 ARG n 
1 116 ALA n 
1 117 ALA n 
1 118 SER n 
1 119 ARG n 
1 120 ARG n 
1 121 SER n 
1 122 GLU n 
1 123 ARG n 
1 124 LEU n 
1 125 HIS n 
1 126 ARG n 
1 127 PRO n 
1 128 PRO n 
1 129 VAL n 
1 130 ILE n 
1 131 VAL n 
1 132 LEU n 
1 133 GLN n 
1 134 ARG n 
1 135 GLY n 
1 136 ALA n 
1 137 CYS n 
1 138 GLY n 
1 139 ASN n 
1 140 SER n 
# 
_entity_src_gen.entity_id                          1 
_entity_src_gen.pdbx_src_id                        1 
_entity_src_gen.pdbx_alt_source_flag               sample 
_entity_src_gen.pdbx_seq_type                      ? 
_entity_src_gen.pdbx_beg_seq_num                   ? 
_entity_src_gen.pdbx_end_seq_num                   ? 
_entity_src_gen.gene_src_common_name               human 
_entity_src_gen.gene_src_genus                     ? 
_entity_src_gen.pdbx_gene_src_gene                 'HTRA, HTRA1, PRSS11' 
_entity_src_gen.gene_src_species                   ? 
_entity_src_gen.gene_src_strain                    ? 
_entity_src_gen.gene_src_tissue                    ? 
_entity_src_gen.gene_src_tissue_fraction           ? 
_entity_src_gen.gene_src_details                   ? 
_entity_src_gen.pdbx_gene_src_fragment             ? 
_entity_src_gen.pdbx_gene_src_scientific_name      'Homo sapiens' 
_entity_src_gen.pdbx_gene_src_ncbi_taxonomy_id     9606 
_entity_src_gen.pdbx_gene_src_variant              ? 
_entity_src_gen.pdbx_gene_src_cell_line            ? 
_entity_src_gen.pdbx_gene_src_atcc                 ? 
_entity_src_gen.pdbx_gene_src_organ                ? 
_entity_src_gen.pdbx_gene_src_organelle            ? 
_entity_src_gen.pdbx_gene_src_cell                 ? 
_entity_src_gen.pdbx_gene_src_cellular_location    ? 
_entity_src_gen.host_org_common_name               ? 
_entity_src_gen.pdbx_host_org_scientific_name      'Spodoptera frugiperda' 
_entity_src_gen.pdbx_host_org_ncbi_taxonomy_id     7108 
_entity_src_gen.host_org_genus                     ? 
_entity_src_gen.pdbx_host_org_gene                 ? 
_entity_src_gen.pdbx_host_org_organ                ? 
_entity_src_gen.host_org_species                   ? 
_entity_src_gen.pdbx_host_org_tissue               ? 
_entity_src_gen.pdbx_host_org_tissue_fraction      ? 
_entity_src_gen.pdbx_host_org_strain               'T. ni' 
_entity_src_gen.pdbx_host_org_variant              ? 
_entity_src_gen.pdbx_host_org_cell_line            ? 
_entity_src_gen.pdbx_host_org_atcc                 ? 
_entity_src_gen.pdbx_host_org_culture_collection   ? 
_entity_src_gen.pdbx_host_org_cell                 ? 
_entity_src_gen.pdbx_host_org_organelle            ? 
_entity_src_gen.pdbx_host_org_cellular_location    ? 
_entity_src_gen.pdbx_host_org_vector_type          ? 
_entity_src_gen.pdbx_host_org_vector               ? 
_entity_src_gen.host_org_details                   ? 
_entity_src_gen.expression_system_id               ? 
_entity_src_gen.plasmid_name                       ? 
_entity_src_gen.plasmid_details                    ? 
_entity_src_gen.pdbx_description                   ? 
# 
loop_
_chem_comp.id 
_chem_comp.type 
_chem_comp.mon_nstd_flag 
_chem_comp.name 
_chem_comp.pdbx_synonyms 
_chem_comp.formula 
_chem_comp.formula_weight 
ALA 'L-peptide linking' y ALANINE             ?                               'C3 H7 N O2'     89.093  
ARG 'L-peptide linking' y ARGININE            ?                               'C6 H15 N4 O2 1' 175.209 
ASN 'L-peptide linking' y ASPARAGINE          ?                               'C4 H8 N2 O3'    132.118 
ASP 'L-peptide linking' y 'ASPARTIC ACID'     ?                               'C4 H7 N O4'     133.103 
CL  non-polymer         . 'CHLORIDE ION'      ?                               'Cl -1'          35.453  
CYS 'L-peptide linking' y CYSTEINE            ?                               'C3 H7 N O2 S'   121.158 
GLN 'L-peptide linking' y GLUTAMINE           ?                               'C5 H10 N2 O3'   146.144 
GLU 'L-peptide linking' y 'GLUTAMIC ACID'     ?                               'C5 H9 N O4'     147.129 
GLY 'peptide linking'   y GLYCINE             ?                               'C2 H5 N O2'     75.067  
GOL non-polymer         . GLYCEROL            'GLYCERIN; PROPANE-1,2,3-TRIOL' 'C3 H8 O3'       92.094  
HIS 'L-peptide linking' y HISTIDINE           ?                               'C6 H10 N3 O2 1' 156.162 
HOH non-polymer         . WATER               ?                               'H2 O'           18.015  
ILE 'L-peptide linking' y ISOLEUCINE          ?                               'C6 H13 N O2'    131.173 
LEU 'L-peptide linking' y LEUCINE             ?                               'C6 H13 N O2'    131.173 
PHE 'L-peptide linking' y PHENYLALANINE       ?                               'C9 H11 N O2'    165.189 
PRO 'L-peptide linking' y PROLINE             ?                               'C5 H9 N O2'     115.130 
PT  non-polymer         . 'PLATINUM (II) ION' ?                               'Pt 2'           195.078 
SCN non-polymer         . 'THIOCYANATE ION'   ?                               'C N S -1'       58.082  
SER 'L-peptide linking' y SERINE              ?                               'C3 H7 N O3'     105.093 
THR 'L-peptide linking' y THREONINE           ?                               'C4 H9 N O3'     119.119 
TYR 'L-peptide linking' y TYROSINE            ?                               'C9 H11 N O3'    181.189 
VAL 'L-peptide linking' y VALINE              ?                               'C5 H11 N O2'    117.146 
# 
loop_
_pdbx_poly_seq_scheme.asym_id 
_pdbx_poly_seq_scheme.entity_id 
_pdbx_poly_seq_scheme.seq_id 
_pdbx_poly_seq_scheme.mon_id 
_pdbx_poly_seq_scheme.ndb_seq_num 
_pdbx_poly_seq_scheme.pdb_seq_num 
_pdbx_poly_seq_scheme.auth_seq_num 
_pdbx_poly_seq_scheme.pdb_mon_id 
_pdbx_poly_seq_scheme.auth_mon_id 
_pdbx_poly_seq_scheme.pdb_strand_id 
_pdbx_poly_seq_scheme.pdb_ins_code 
_pdbx_poly_seq_scheme.hetero 
A 1 1   ALA 1   19  ?   ?   ?   A . n 
A 1 2   HIS 2   20  ?   ?   ?   A . n 
A 1 3   HIS 3   21  ?   ?   ?   A . n 
A 1 4   HIS 4   22  ?   ?   ?   A . n 
A 1 5   HIS 5   23  ?   ?   ?   A . n 
A 1 6   HIS 6   24  ?   ?   ?   A . n 
A 1 7   HIS 7   25  ?   ?   ?   A . n 
A 1 8   GLY 8   26  ?   ?   ?   A . n 
A 1 9   GLU 9   27  ?   ?   ?   A . n 
A 1 10  ASN 10  28  ?   ?   ?   A . n 
A 1 11  LEU 11  29  ?   ?   ?   A . n 
A 1 12  TYR 12  30  ?   ?   ?   A . n 
A 1 13  PHE 13  31  ?   ?   ?   A . n 
A 1 14  GLN 14  32  ?   ?   ?   A . n 
A 1 15  GLY 15  33  ?   ?   ?   A . n 
A 1 16  SER 16  34  ?   ?   ?   A . n 
A 1 17  ALA 17  35  ?   ?   ?   A . n 
A 1 18  GLY 18  36  36  GLY GLY A . n 
A 1 19  CYS 19  37  37  CYS CYS A . n 
A 1 20  PRO 20  38  38  PRO PRO A . n 
A 1 21  ASP 21  39  39  ASP ASP A . n 
A 1 22  ARG 22  40  40  ARG ARG A . n 
A 1 23  CYS 23  41  41  CYS CYS A . n 
A 1 24  GLU 24  42  42  GLU GLU A . n 
A 1 25  PRO 25  43  43  PRO PRO A . n 
A 1 26  ALA 26  44  44  ALA ALA A . n 
A 1 27  ARG 27  45  45  ARG ARG A . n 
A 1 28  CYS 28  46  46  CYS CYS A . n 
A 1 29  PRO 29  47  47  PRO PRO A . n 
A 1 30  PRO 30  48  48  PRO PRO A . n 
A 1 31  GLN 31  49  49  GLN GLN A . n 
A 1 32  PRO 32  50  50  PRO PRO A . n 
A 1 33  GLU 33  51  51  GLU GLU A . n 
A 1 34  HIS 34  52  52  HIS HIS A . n 
A 1 35  CYS 35  53  53  CYS CYS A . n 
A 1 36  GLU 36  54  54  GLU GLU A . n 
A 1 37  GLY 37  55  55  GLY GLY A . n 
A 1 38  GLY 38  56  56  GLY GLY A . n 
A 1 39  ARG 39  57  57  ARG ARG A . n 
A 1 40  ALA 40  58  58  ALA ALA A . n 
A 1 41  ARG 41  59  59  ARG ARG A . n 
A 1 42  ASP 42  60  60  ASP ASP A . n 
A 1 43  ALA 43  61  61  ALA ALA A . n 
A 1 44  CYS 44  62  62  CYS CYS A . n 
A 1 45  GLY 45  63  63  GLY GLY A . n 
A 1 46  CYS 46  64  64  CYS CYS A . n 
A 1 47  CYS 47  65  65  CYS CYS A . n 
A 1 48  GLU 48  66  66  GLU GLU A . n 
A 1 49  VAL 49  67  67  VAL VAL A . n 
A 1 50  CYS 50  68  68  CYS CYS A . n 
A 1 51  GLY 51  69  69  GLY GLY A . n 
A 1 52  ALA 52  70  70  ALA ALA A . n 
A 1 53  PRO 53  71  71  PRO PRO A . n 
A 1 54  GLU 54  72  72  GLU GLU A . n 
A 1 55  GLY 55  73  73  GLY GLY A . n 
A 1 56  ALA 56  74  74  ALA ALA A . n 
A 1 57  ALA 57  75  75  ALA ALA A . n 
A 1 58  CYS 58  76  76  CYS CYS A . n 
A 1 59  GLY 59  77  77  GLY GLY A . n 
A 1 60  LEU 60  78  78  LEU LEU A . n 
A 1 61  GLN 61  79  79  GLN GLN A . n 
A 1 62  GLU 62  80  80  GLU GLU A . n 
A 1 63  GLY 63  81  81  GLY GLY A . n 
A 1 64  PRO 64  82  82  PRO PRO A . n 
A 1 65  CYS 65  83  83  CYS CYS A . n 
A 1 66  GLY 66  84  84  GLY GLY A . n 
A 1 67  GLU 67  85  85  GLU GLU A . n 
A 1 68  GLY 68  86  86  GLY GLY A . n 
A 1 69  LEU 69  87  87  LEU LEU A . n 
A 1 70  GLN 70  88  88  GLN GLN A . n 
A 1 71  CYS 71  89  89  CYS CYS A . n 
A 1 72  VAL 72  90  90  VAL VAL A . n 
A 1 73  VAL 73  91  91  VAL VAL A . n 
A 1 74  PRO 74  92  92  PRO PRO A . n 
A 1 75  PHE 75  93  93  PHE PHE A . n 
A 1 76  GLY 76  94  ?   ?   ?   A . n 
A 1 77  VAL 77  95  ?   ?   ?   A . n 
A 1 78  PRO 78  96  ?   ?   ?   A . n 
A 1 79  ALA 79  97  ?   ?   ?   A . n 
A 1 80  SER 80  98  ?   ?   ?   A . n 
A 1 81  ALA 81  99  ?   ?   ?   A . n 
A 1 82  THR 82  100 ?   ?   ?   A . n 
A 1 83  VAL 83  101 ?   ?   ?   A . n 
A 1 84  ARG 84  102 ?   ?   ?   A . n 
A 1 85  ARG 85  103 ?   ?   ?   A . n 
A 1 86  ARG 86  104 ?   ?   ?   A . n 
A 1 87  ALA 87  105 ?   ?   ?   A . n 
A 1 88  GLN 88  106 ?   ?   ?   A . n 
A 1 89  ALA 89  107 107 ALA ALA A . n 
A 1 90  GLY 90  108 108 GLY GLY A . n 
A 1 91  LEU 91  109 109 LEU LEU A . n 
A 1 92  CYS 92  110 110 CYS CYS A . n 
A 1 93  VAL 93  111 111 VAL VAL A . n 
A 1 94  CYS 94  112 112 CYS CYS A . n 
A 1 95  ALA 95  113 113 ALA ALA A . n 
A 1 96  SER 96  114 114 SER SER A . n 
A 1 97  SER 97  115 115 SER SER A . n 
A 1 98  GLU 98  116 116 GLU GLU A . n 
A 1 99  PRO 99  117 117 PRO PRO A . n 
A 1 100 VAL 100 118 118 VAL VAL A . n 
A 1 101 CYS 101 119 119 CYS CYS A . n 
A 1 102 GLY 102 120 120 GLY GLY A . n 
A 1 103 SER 103 121 121 SER SER A . n 
A 1 104 ASP 104 122 122 ASP ASP A . n 
A 1 105 ALA 105 123 123 ALA ALA A . n 
A 1 106 ASN 106 124 124 ASN ASN A . n 
A 1 107 THR 107 125 125 THR THR A . n 
A 1 108 TYR 108 126 126 TYR TYR A . n 
A 1 109 ALA 109 127 127 ALA ALA A . n 
A 1 110 ASN 110 128 128 ASN ASN A . n 
A 1 111 LEU 111 129 129 LEU LEU A . n 
A 1 112 CYS 112 130 130 CYS CYS A . n 
A 1 113 GLN 113 131 131 GLN GLN A . n 
A 1 114 LEU 114 132 132 LEU LEU A . n 
A 1 115 ARG 115 133 133 ARG ARG A . n 
A 1 116 ALA 116 134 134 ALA ALA A . n 
A 1 117 ALA 117 135 135 ALA ALA A . n 
A 1 118 SER 118 136 136 SER SER A . n 
A 1 119 ARG 119 137 137 ARG ARG A . n 
A 1 120 ARG 120 138 138 ARG ARG A . n 
A 1 121 SER 121 139 139 SER SER A . n 
A 1 122 GLU 122 140 140 GLU GLU A . n 
A 1 123 ARG 123 141 141 ARG ARG A . n 
A 1 124 LEU 124 142 142 LEU LEU A . n 
A 1 125 HIS 125 143 143 HIS HIS A . n 
A 1 126 ARG 126 144 144 ARG ARG A . n 
A 1 127 PRO 127 145 145 PRO PRO A . n 
A 1 128 PRO 128 146 146 PRO PRO A . n 
A 1 129 VAL 129 147 147 VAL VAL A . n 
A 1 130 ILE 130 148 148 ILE ILE A . n 
A 1 131 VAL 131 149 149 VAL VAL A . n 
A 1 132 LEU 132 150 150 LEU LEU A . n 
A 1 133 GLN 133 151 151 GLN GLN A . n 
A 1 134 ARG 134 152 152 ARG ARG A . n 
A 1 135 GLY 135 153 153 GLY GLY A . n 
A 1 136 ALA 136 154 154 ALA ALA A . n 
A 1 137 CYS 137 155 ?   ?   ?   A . n 
A 1 138 GLY 138 156 ?   ?   ?   A . n 
A 1 139 ASN 139 157 ?   ?   ?   A . n 
A 1 140 SER 140 158 ?   ?   ?   A . n 
# 
loop_
_pdbx_nonpoly_scheme.asym_id 
_pdbx_nonpoly_scheme.entity_id 
_pdbx_nonpoly_scheme.mon_id 
_pdbx_nonpoly_scheme.ndb_seq_num 
_pdbx_nonpoly_scheme.pdb_seq_num 
_pdbx_nonpoly_scheme.auth_seq_num 
_pdbx_nonpoly_scheme.pdb_mon_id 
_pdbx_nonpoly_scheme.auth_mon_id 
_pdbx_nonpoly_scheme.pdb_strand_id 
_pdbx_nonpoly_scheme.pdb_ins_code 
B 2 PT  1  1   1  PT  PT  A . 
C 3 CL  1  4   4  CL  CL  A . 
D 3 CL  1  5   5  CL  CL  A . 
E 3 CL  1  6   6  CL  CL  A . 
F 2 PT  1  2   2  PT  PT  A . 
G 3 CL  1  7   7  CL  CL  A . 
H 3 CL  1  8   8  CL  CL  A . 
I 4 SCN 1  159 51 SCN SCN A . 
J 5 GOL 1  160 54 GOL GOL A . 
K 3 CL  1  161 55 CL  CL  A . 
L 4 SCN 1  162 52 SCN SCN A . 
M 4 SCN 1  163 53 SCN SCN A . 
N 4 SCN 1  164 56 SCN SCN A . 
O 6 HOH 1  3   3  HOH HOH A . 
O 6 HOH 2  9   9  HOH HOH A . 
O 6 HOH 3  10  10 HOH HOH A . 
O 6 HOH 4  11  11 HOH HOH A . 
O 6 HOH 5  12  12 HOH HOH A . 
O 6 HOH 6  15  15 HOH HOH A . 
O 6 HOH 7  16  16 HOH HOH A . 
O 6 HOH 8  17  17 HOH HOH A . 
O 6 HOH 9  18  18 HOH HOH A . 
O 6 HOH 10 165 1  HOH HOH A . 
O 6 HOH 11 166 2  HOH HOH A . 
O 6 HOH 12 167 4  HOH HOH A . 
O 6 HOH 13 168 5  HOH HOH A . 
O 6 HOH 14 169 6  HOH HOH A . 
O 6 HOH 15 170 7  HOH HOH A . 
O 6 HOH 16 171 8  HOH HOH A . 
O 6 HOH 17 172 19 HOH HOH A . 
O 6 HOH 18 173 20 HOH HOH A . 
O 6 HOH 19 174 21 HOH HOH A . 
O 6 HOH 20 175 22 HOH HOH A . 
O 6 HOH 21 176 23 HOH HOH A . 
O 6 HOH 22 177 24 HOH HOH A . 
O 6 HOH 23 178 25 HOH HOH A . 
O 6 HOH 24 179 26 HOH HOH A . 
O 6 HOH 25 180 27 HOH HOH A . 
O 6 HOH 26 181 28 HOH HOH A . 
O 6 HOH 27 182 29 HOH HOH A . 
O 6 HOH 28 183 30 HOH HOH A . 
O 6 HOH 29 184 32 HOH HOH A . 
O 6 HOH 30 185 33 HOH HOH A . 
O 6 HOH 31 186 34 HOH HOH A . 
O 6 HOH 32 187 36 HOH HOH A . 
O 6 HOH 33 188 37 HOH HOH A . 
O 6 HOH 34 189 38 HOH HOH A . 
O 6 HOH 35 190 39 HOH HOH A . 
O 6 HOH 36 191 40 HOH HOH A . 
O 6 HOH 37 192 41 HOH HOH A . 
O 6 HOH 38 193 42 HOH HOH A . 
# 
loop_
_software.name 
_software.classification 
_software.version 
_software.citation_id 
_software.pdbx_ordinal 
BOS      'data collection' .        ? 1 
PHENIX   'model building'  .        ? 2 
REFMAC   refinement        5.5.0109 ? 3 
HKL-2000 'data reduction'  .        ? 4 
HKL-2000 'data scaling'    .        ? 5 
PHENIX   phasing           .        ? 6 
# 
_cell.entry_id           3TJQ 
_cell.length_a           72.085 
_cell.length_b           72.085 
_cell.length_c           41.289 
_cell.angle_alpha        90.00 
_cell.angle_beta         90.00 
_cell.angle_gamma        120.00 
_cell.Z_PDB              6 
_cell.pdbx_unique_axis   ? 
_cell.length_a_esd       ? 
_cell.length_b_esd       ? 
_cell.length_c_esd       ? 
_cell.angle_alpha_esd    ? 
_cell.angle_beta_esd     ? 
_cell.angle_gamma_esd    ? 
# 
_symmetry.entry_id                         3TJQ 
_symmetry.space_group_name_H-M             'P 31 2 1' 
_symmetry.pdbx_full_space_group_name_H-M   ? 
_symmetry.cell_setting                     ? 
_symmetry.Int_Tables_number                152 
_symmetry.space_group_name_Hall            ? 
# 
_exptl.entry_id          3TJQ 
_exptl.method            'X-RAY DIFFRACTION' 
_exptl.crystals_number   1 
# 
_exptl_crystal.id                    1 
_exptl_crystal.density_meas          ? 
_exptl_crystal.density_Matthews      2.11 
_exptl_crystal.density_percent_sol   41.81 
_exptl_crystal.description           ? 
_exptl_crystal.F_000                 ? 
_exptl_crystal.preparation           ? 
# 
_exptl_crystal_grow.crystal_id      1 
_exptl_crystal_grow.method          'VAPOR DIFFUSION, SITTING DROP' 
_exptl_crystal_grow.temp            300 
_exptl_crystal_grow.temp_details    ? 
_exptl_crystal_grow.pH              4.5 
_exptl_crystal_grow.pdbx_details    
'potassium thiocyanate, sodium acetate, pH 4.5, VAPOR DIFFUSION, SITTING DROP, temperature 300K' 
_exptl_crystal_grow.pdbx_pH_range   ? 
# 
_diffrn.id                     1 
_diffrn.ambient_temp           110 
_diffrn.ambient_temp_details   ? 
_diffrn.crystal_id             1 
# 
_diffrn_detector.diffrn_id              1 
_diffrn_detector.detector               CCD 
_diffrn_detector.type                   'ADSC QUANTUM 315r' 
_diffrn_detector.pdbx_collection_date   2010-11-23 
_diffrn_detector.details                ? 
# 
_diffrn_radiation.diffrn_id                        1 
_diffrn_radiation.wavelength_id                    1 
_diffrn_radiation.pdbx_monochromatic_or_laue_m_l   M 
_diffrn_radiation.monochromator                    ? 
_diffrn_radiation.pdbx_diffrn_protocol             'SINGLE WAVELENGTH' 
_diffrn_radiation.pdbx_scattering_type             x-ray 
# 
_diffrn_radiation_wavelength.id           1 
_diffrn_radiation_wavelength.wavelength   0.98 
_diffrn_radiation_wavelength.wt           1.0 
# 
_diffrn_source.diffrn_id                   1 
_diffrn_source.source                      SYNCHROTRON 
_diffrn_source.type                        'ALS BEAMLINE 5.0.1' 
_diffrn_source.pdbx_synchrotron_site       ALS 
_diffrn_source.pdbx_synchrotron_beamline   5.0.1 
_diffrn_source.pdbx_wavelength             ? 
_diffrn_source.pdbx_wavelength_list        0.98 
# 
_reflns.entry_id                     3TJQ 
_reflns.observed_criterion_sigma_I   -2 
_reflns.observed_criterion_sigma_F   0 
_reflns.d_resolution_low             50.0 
_reflns.d_resolution_high            2.0 
_reflns.number_obs                   7676 
_reflns.number_all                   8555 
_reflns.percent_possible_obs         90 
_reflns.pdbx_Rmerge_I_obs            ? 
_reflns.pdbx_Rsym_value              0.106 
_reflns.pdbx_netI_over_sigmaI        19 
_reflns.B_iso_Wilson_estimate        ? 
_reflns.pdbx_redundancy              9.8 
_reflns.R_free_details               ? 
_reflns.limit_h_max                  ? 
_reflns.limit_h_min                  ? 
_reflns.limit_k_max                  ? 
_reflns.limit_k_min                  ? 
_reflns.limit_l_max                  ? 
_reflns.limit_l_min                  ? 
_reflns.observed_criterion_F_max     ? 
_reflns.observed_criterion_F_min     ? 
_reflns.pdbx_chi_squared             ? 
_reflns.pdbx_scaling_rejects         ? 
_reflns.pdbx_ordinal                 1 
_reflns.pdbx_diffrn_id               1 
# 
_refine.entry_id                                 3TJQ 
_refine.ls_number_reflns_obs                     7676 
_refine.ls_number_reflns_all                     ? 
_refine.pdbx_ls_sigma_I                          0 
_refine.pdbx_ls_sigma_F                          0 
_refine.pdbx_data_cutoff_high_absF               ? 
_refine.pdbx_data_cutoff_low_absF                ? 
_refine.pdbx_data_cutoff_high_rms_absF           ? 
_refine.ls_d_res_low                             40.00 
_refine.ls_d_res_high                            2.001 
_refine.ls_percent_reflns_obs                    99.12 
_refine.ls_R_factor_obs                          0.22212 
_refine.ls_R_factor_all                          ? 
_refine.ls_R_factor_R_work                       0.21677 
_refine.ls_R_factor_R_free                       0.26960 
_refine.ls_R_factor_R_free_error                 ? 
_refine.ls_R_factor_R_free_error_details         ? 
_refine.ls_percent_reflns_R_free                 10.1 
_refine.ls_number_reflns_R_free                  859 
_refine.ls_number_parameters                     ? 
_refine.ls_number_restraints                     ? 
_refine.occupancy_min                            ? 
_refine.occupancy_max                            ? 
_refine.correlation_coeff_Fo_to_Fc               0.941 
_refine.correlation_coeff_Fo_to_Fc_free          0.910 
_refine.B_iso_mean                               41.153 
_refine.aniso_B[1][1]                            1.55 
_refine.aniso_B[2][2]                            1.55 
_refine.aniso_B[3][3]                            -2.33 
_refine.aniso_B[1][2]                            0.78 
_refine.aniso_B[1][3]                            -0.00 
_refine.aniso_B[2][3]                            -0.00 
_refine.solvent_model_details                    MASK 
_refine.solvent_model_param_ksol                 ? 
_refine.solvent_model_param_bsol                 ? 
_refine.pdbx_solvent_vdw_probe_radii             1.40 
_refine.pdbx_solvent_ion_probe_radii             0.80 
_refine.pdbx_solvent_shrinkage_radii             0.80 
_refine.pdbx_ls_cross_valid_method               THROUGHOUT 
_refine.details                                  'HYDROGENS HAVE BEEN ADDED IN THE RIDING POSITIONS' 
_refine.pdbx_starting_model                      ? 
_refine.pdbx_method_to_determine_struct          SAD 
_refine.pdbx_isotropic_thermal_model             ? 
_refine.pdbx_stereochemistry_target_values       'MAXIMUM LIKELIHOOD' 
_refine.pdbx_stereochem_target_val_spec_case     ? 
_refine.pdbx_R_Free_selection_details            RANDOM 
_refine.pdbx_overall_ESU_R_Free                  0.184 
_refine.overall_SU_ML                            0.119 
_refine.pdbx_overall_phase_error                 ? 
_refine.overall_SU_B                             7.584 
_refine.overall_SU_R_Cruickshank_DPI             ? 
_refine.ls_redundancy_reflns_obs                 ? 
_refine.B_iso_min                                ? 
_refine.B_iso_max                                ? 
_refine.overall_SU_R_free                        ? 
_refine.ls_wR_factor_R_free                      ? 
_refine.ls_wR_factor_R_work                      ? 
_refine.overall_FOM_free_R_set                   ? 
_refine.overall_FOM_work_R_set                   ? 
_refine.pdbx_diffrn_id                           1 
_refine.pdbx_refine_id                           'X-RAY DIFFRACTION' 
_refine.pdbx_overall_ESU_R                       ? 
_refine.pdbx_TLS_residual_ADP_flag               ? 
_refine.pdbx_overall_SU_R_free_Cruickshank_DPI   ? 
_refine.pdbx_overall_SU_R_Blow_DPI               ? 
_refine.pdbx_overall_SU_R_free_Blow_DPI          ? 
# 
_refine_hist.pdbx_refine_id                   'X-RAY DIFFRACTION' 
_refine_hist.cycle_id                         LAST 
_refine_hist.pdbx_number_atoms_protein        753 
_refine_hist.pdbx_number_atoms_nucleic_acid   0 
_refine_hist.pdbx_number_atoms_ligand         26 
_refine_hist.number_atoms_solvent             38 
_refine_hist.number_atoms_total               817 
_refine_hist.d_res_high                       2.001 
_refine_hist.d_res_low                        40.00 
# 
loop_
_refine_ls_restr.type 
_refine_ls_restr.dev_ideal 
_refine_ls_restr.dev_ideal_target 
_refine_ls_restr.weight 
_refine_ls_restr.number 
_refine_ls_restr.pdbx_restraint_function 
_refine_ls_restr.pdbx_refine_id 
r_bond_refined_d       0.009  0.021  ? 798  ? 'X-RAY DIFFRACTION' 
r_angle_refined_deg    1.233  1.996  ? 1077 ? 'X-RAY DIFFRACTION' 
r_dihedral_angle_1_deg 5.633  5.000  ? 106  ? 'X-RAY DIFFRACTION' 
r_dihedral_angle_2_deg 29.636 22.353 ? 34   ? 'X-RAY DIFFRACTION' 
r_dihedral_angle_3_deg 15.157 15.000 ? 114  ? 'X-RAY DIFFRACTION' 
r_dihedral_angle_4_deg 16.335 15.000 ? 11   ? 'X-RAY DIFFRACTION' 
r_chiral_restr         0.072  0.200  ? 110  ? 'X-RAY DIFFRACTION' 
r_gen_planes_refined   0.005  0.022  ? 626  ? 'X-RAY DIFFRACTION' 
r_mcbond_it            3.857  2.500  ? 540  ? 'X-RAY DIFFRACTION' 
r_mcangle_it           5.674  5.000  ? 847  ? 'X-RAY DIFFRACTION' 
r_scbond_it            4.667  2.500  ? 258  ? 'X-RAY DIFFRACTION' 
r_scangle_it           6.711  5.000  ? 230  ? 'X-RAY DIFFRACTION' 
# 
_refine_ls_shell.pdbx_total_number_of_bins_used   10 
_refine_ls_shell.d_res_high                       2.001 
_refine_ls_shell.d_res_low                        2.109 
_refine_ls_shell.number_reflns_R_work             1053 
_refine_ls_shell.R_factor_R_work                  0.265 
_refine_ls_shell.percent_reflns_obs               94.71 
_refine_ls_shell.R_factor_R_free                  0.323 
_refine_ls_shell.R_factor_R_free_error            ? 
_refine_ls_shell.percent_reflns_R_free            ? 
_refine_ls_shell.number_reflns_R_free             111 
_refine_ls_shell.number_reflns_all                ? 
_refine_ls_shell.R_factor_all                     ? 
_refine_ls_shell.number_reflns_obs                ? 
_refine_ls_shell.redundancy_reflns_obs            ? 
_refine_ls_shell.pdbx_refine_id                   'X-RAY DIFFRACTION' 
# 
_struct.entry_id                  3TJQ 
_struct.title                     'N-domain of HtrA1' 
_struct.pdbx_model_details        ? 
_struct.pdbx_CASP_flag            ? 
_struct.pdbx_model_type_details   ? 
# 
_struct_keywords.entry_id        3TJQ 
_struct_keywords.pdbx_keywords   HYDROLASE 
_struct_keywords.text            hydrolase 
# 
loop_
_struct_asym.id 
_struct_asym.pdbx_blank_PDB_chainid_flag 
_struct_asym.pdbx_modified 
_struct_asym.entity_id 
_struct_asym.details 
A N N 1 ? 
B N N 2 ? 
C N N 3 ? 
D N N 3 ? 
E N N 3 ? 
F N N 2 ? 
G N N 3 ? 
H N N 3 ? 
I N N 4 ? 
J N N 5 ? 
K N N 3 ? 
L N N 4 ? 
M N N 4 ? 
N N N 4 ? 
O N N 6 ? 
# 
_struct_ref.id                         1 
_struct_ref.db_name                    UNP 
_struct_ref.db_code                    HTRA1_HUMAN 
_struct_ref.pdbx_db_accession          Q92743 
_struct_ref.entity_id                  1 
_struct_ref.pdbx_seq_one_letter_code   
;AAGCPDRCEPARCPPQPEHCEGGRARDACGCCEVCGAPEGAACGLQEGPCGEGLQCVVPFGVPASATVRRRAQAGLCVCA
SSEPVCGSDANTYANLCQLRAASRRSERLHRPPVIVLQRGACG
;
_struct_ref.pdbx_align_begin           34 
_struct_ref.pdbx_db_isoform            ? 
# 
_struct_ref_seq.align_id                      1 
_struct_ref_seq.ref_id                        1 
_struct_ref_seq.pdbx_PDB_id_code              3TJQ 
_struct_ref_seq.pdbx_strand_id                A 
_struct_ref_seq.seq_align_beg                 1 
_struct_ref_seq.pdbx_seq_align_beg_ins_code   ? 
_struct_ref_seq.seq_align_end                 138 
_struct_ref_seq.pdbx_seq_align_end_ins_code   ? 
_struct_ref_seq.pdbx_db_accession             Q92743 
_struct_ref_seq.db_align_beg                  34 
_struct_ref_seq.pdbx_db_align_beg_ins_code    ? 
_struct_ref_seq.db_align_end                  156 
_struct_ref_seq.pdbx_db_align_end_ins_code    ? 
_struct_ref_seq.pdbx_auth_seq_align_beg       19 
_struct_ref_seq.pdbx_auth_seq_align_end       156 
# 
loop_
_struct_ref_seq_dif.align_id 
_struct_ref_seq_dif.pdbx_pdb_id_code 
_struct_ref_seq_dif.mon_id 
_struct_ref_seq_dif.pdbx_pdb_strand_id 
_struct_ref_seq_dif.seq_num 
_struct_ref_seq_dif.pdbx_pdb_ins_code 
_struct_ref_seq_dif.pdbx_seq_db_name 
_struct_ref_seq_dif.pdbx_seq_db_accession_code 
_struct_ref_seq_dif.db_mon_id 
_struct_ref_seq_dif.pdbx_seq_db_seq_num 
_struct_ref_seq_dif.details 
_struct_ref_seq_dif.pdbx_auth_seq_num 
_struct_ref_seq_dif.pdbx_ordinal 
1 3TJQ HIS A 2   ? UNP Q92743 ? ? 'expression tag' 20  1  
1 3TJQ HIS A 3   ? UNP Q92743 ? ? 'expression tag' 21  2  
1 3TJQ HIS A 4   ? UNP Q92743 ? ? 'expression tag' 22  3  
1 3TJQ HIS A 5   ? UNP Q92743 ? ? 'expression tag' 23  4  
1 3TJQ HIS A 6   ? UNP Q92743 ? ? 'expression tag' 24  5  
1 3TJQ HIS A 7   ? UNP Q92743 ? ? 'expression tag' 25  6  
1 3TJQ GLY A 8   ? UNP Q92743 ? ? 'expression tag' 26  7  
1 3TJQ GLU A 9   ? UNP Q92743 ? ? 'expression tag' 27  8  
1 3TJQ ASN A 10  ? UNP Q92743 ? ? 'expression tag' 28  9  
1 3TJQ LEU A 11  ? UNP Q92743 ? ? 'expression tag' 29  10 
1 3TJQ TYR A 12  ? UNP Q92743 ? ? 'expression tag' 30  11 
1 3TJQ PHE A 13  ? UNP Q92743 ? ? 'expression tag' 31  12 
1 3TJQ GLN A 14  ? UNP Q92743 ? ? 'expression tag' 32  13 
1 3TJQ GLY A 15  ? UNP Q92743 ? ? 'expression tag' 33  14 
1 3TJQ SER A 16  ? UNP Q92743 ? ? 'expression tag' 34  15 
1 3TJQ ASN A 139 ? UNP Q92743 ? ? 'expression tag' 157 16 
1 3TJQ SER A 140 ? UNP Q92743 ? ? 'expression tag' 158 17 
# 
_pdbx_struct_assembly.id                   1 
_pdbx_struct_assembly.details              author_defined_assembly 
_pdbx_struct_assembly.method_details       ? 
_pdbx_struct_assembly.oligomeric_details   monomeric 
_pdbx_struct_assembly.oligomeric_count     1 
# 
_pdbx_struct_assembly_gen.assembly_id       1 
_pdbx_struct_assembly_gen.oper_expression   1 
_pdbx_struct_assembly_gen.asym_id_list      A,B,C,D,E,F,G,H,I,J,K,L,M,N,O 
# 
_pdbx_struct_oper_list.id                   1 
_pdbx_struct_oper_list.type                 'identity operation' 
_pdbx_struct_oper_list.name                 1_555 
_pdbx_struct_oper_list.symmetry_operation   x,y,z 
_pdbx_struct_oper_list.matrix[1][1]         1.0000000000 
_pdbx_struct_oper_list.matrix[1][2]         0.0000000000 
_pdbx_struct_oper_list.matrix[1][3]         0.0000000000 
_pdbx_struct_oper_list.vector[1]            0.0000000000 
_pdbx_struct_oper_list.matrix[2][1]         0.0000000000 
_pdbx_struct_oper_list.matrix[2][2]         1.0000000000 
_pdbx_struct_oper_list.matrix[2][3]         0.0000000000 
_pdbx_struct_oper_list.vector[2]            0.0000000000 
_pdbx_struct_oper_list.matrix[3][1]         0.0000000000 
_pdbx_struct_oper_list.matrix[3][2]         0.0000000000 
_pdbx_struct_oper_list.matrix[3][3]         1.0000000000 
_pdbx_struct_oper_list.vector[3]            0.0000000000 
# 
_struct_biol.id        1 
_struct_biol.details   ? 
# 
loop_
_struct_conf.conf_type_id 
_struct_conf.id 
_struct_conf.pdbx_PDB_helix_id 
_struct_conf.beg_label_comp_id 
_struct_conf.beg_label_asym_id 
_struct_conf.beg_label_seq_id 
_struct_conf.pdbx_beg_PDB_ins_code 
_struct_conf.end_label_comp_id 
_struct_conf.end_label_asym_id 
_struct_conf.end_label_seq_id 
_struct_conf.pdbx_end_PDB_ins_code 
_struct_conf.beg_auth_comp_id 
_struct_conf.beg_auth_asym_id 
_struct_conf.beg_auth_seq_id 
_struct_conf.end_auth_comp_id 
_struct_conf.end_auth_asym_id 
_struct_conf.end_auth_seq_id 
_struct_conf.pdbx_PDB_helix_class 
_struct_conf.details 
_struct_conf.pdbx_PDB_helix_length 
HELX_P HELX_P1 1 GLU A 24  ? CYS A 28  ? GLU A 42  CYS A 46  5 ? 5  
HELX_P HELX_P2 2 ASN A 110 ? LEU A 124 ? ASN A 128 LEU A 142 1 ? 15 
# 
_struct_conf_type.id          HELX_P 
_struct_conf_type.criteria    ? 
_struct_conf_type.reference   ? 
# 
loop_
_struct_conn.id 
_struct_conn.conn_type_id 
_struct_conn.pdbx_leaving_atom_flag 
_struct_conn.pdbx_PDB_id 
_struct_conn.ptnr1_label_asym_id 
_struct_conn.ptnr1_label_comp_id 
_struct_conn.ptnr1_label_seq_id 
_struct_conn.ptnr1_label_atom_id 
_struct_conn.pdbx_ptnr1_label_alt_id 
_struct_conn.pdbx_ptnr1_PDB_ins_code 
_struct_conn.pdbx_ptnr1_standard_comp_id 
_struct_conn.ptnr1_symmetry 
_struct_conn.ptnr2_label_asym_id 
_struct_conn.ptnr2_label_comp_id 
_struct_conn.ptnr2_label_seq_id 
_struct_conn.ptnr2_label_atom_id 
_struct_conn.pdbx_ptnr2_label_alt_id 
_struct_conn.pdbx_ptnr2_PDB_ins_code 
_struct_conn.ptnr1_auth_asym_id 
_struct_conn.ptnr1_auth_comp_id 
_struct_conn.ptnr1_auth_seq_id 
_struct_conn.ptnr2_auth_asym_id 
_struct_conn.ptnr2_auth_comp_id 
_struct_conn.ptnr2_auth_seq_id 
_struct_conn.ptnr2_symmetry 
_struct_conn.pdbx_ptnr3_label_atom_id 
_struct_conn.pdbx_ptnr3_label_seq_id 
_struct_conn.pdbx_ptnr3_label_comp_id 
_struct_conn.pdbx_ptnr3_label_asym_id 
_struct_conn.pdbx_ptnr3_label_alt_id 
_struct_conn.pdbx_ptnr3_PDB_ins_code 
_struct_conn.details 
_struct_conn.pdbx_dist_value 
_struct_conn.pdbx_value_order 
_struct_conn.pdbx_role 
disulf1 disulf ? ? A CYS 19 SG ? ? ? 1_555 A CYS 44  SG ? ? A CYS 37  A CYS 62  1_555 ? ? ? ? ? ? ? 2.026 ? ? 
disulf2 disulf ? ? A CYS 23 SG ? ? ? 1_555 A CYS 46  SG ? ? A CYS 41  A CYS 64  1_555 ? ? ? ? ? ? ? 2.044 ? ? 
disulf3 disulf ? ? A CYS 28 SG ? ? ? 1_555 A CYS 47  SG ? ? A CYS 46  A CYS 65  1_555 ? ? ? ? ? ? ? 2.043 ? ? 
disulf4 disulf ? ? A CYS 35 SG ? ? ? 1_555 A CYS 50  SG ? ? A CYS 53  A CYS 68  1_555 ? ? ? ? ? ? ? 2.050 ? ? 
disulf5 disulf ? ? A CYS 58 SG ? ? ? 1_555 A CYS 71  SG ? ? A CYS 76  A CYS 89  1_555 ? ? ? ? ? ? ? 2.040 ? ? 
disulf6 disulf ? ? A CYS 65 SG ? ? ? 1_555 A CYS 92  SG ? ? A CYS 83  A CYS 110 1_555 ? ? ? ? ? ? ? 2.047 ? ? 
disulf7 disulf ? ? A CYS 94 SG ? ? ? 1_555 A CYS 112 SG ? ? A CYS 112 A CYS 130 1_555 ? ? ? ? ? ? ? 2.026 ? ? 
metalc1 metalc ? ? F PT  .  PT ? ? ? 1_555 O HOH .   O  ? ? A PT  2   A HOH 177 1_555 ? ? ? ? ? ? ? 2.029 ? ? 
# 
loop_
_struct_conn_type.id 
_struct_conn_type.criteria 
_struct_conn_type.reference 
disulf ? ? 
metalc ? ? 
# 
loop_
_pdbx_modification_feature.ordinal 
_pdbx_modification_feature.label_comp_id 
_pdbx_modification_feature.label_asym_id 
_pdbx_modification_feature.label_seq_id 
_pdbx_modification_feature.label_alt_id 
_pdbx_modification_feature.modified_residue_label_comp_id 
_pdbx_modification_feature.modified_residue_label_asym_id 
_pdbx_modification_feature.modified_residue_label_seq_id 
_pdbx_modification_feature.modified_residue_label_alt_id 
_pdbx_modification_feature.auth_comp_id 
_pdbx_modification_feature.auth_asym_id 
_pdbx_modification_feature.auth_seq_id 
_pdbx_modification_feature.PDB_ins_code 
_pdbx_modification_feature.symmetry 
_pdbx_modification_feature.modified_residue_auth_comp_id 
_pdbx_modification_feature.modified_residue_auth_asym_id 
_pdbx_modification_feature.modified_residue_auth_seq_id 
_pdbx_modification_feature.modified_residue_PDB_ins_code 
_pdbx_modification_feature.modified_residue_symmetry 
_pdbx_modification_feature.comp_id_linking_atom 
_pdbx_modification_feature.modified_residue_id_linking_atom 
_pdbx_modification_feature.modified_residue_id 
_pdbx_modification_feature.ref_pcm_id 
_pdbx_modification_feature.ref_comp_id 
_pdbx_modification_feature.type 
_pdbx_modification_feature.category 
1 CYS A 19 ? CYS A 44  ? CYS A 37  ? 1_555 CYS A 62  ? 1_555 SG SG . . . None 'Disulfide bridge' 
2 CYS A 23 ? CYS A 46  ? CYS A 41  ? 1_555 CYS A 64  ? 1_555 SG SG . . . None 'Disulfide bridge' 
3 CYS A 28 ? CYS A 47  ? CYS A 46  ? 1_555 CYS A 65  ? 1_555 SG SG . . . None 'Disulfide bridge' 
4 CYS A 35 ? CYS A 50  ? CYS A 53  ? 1_555 CYS A 68  ? 1_555 SG SG . . . None 'Disulfide bridge' 
5 CYS A 58 ? CYS A 71  ? CYS A 76  ? 1_555 CYS A 89  ? 1_555 SG SG . . . None 'Disulfide bridge' 
6 CYS A 65 ? CYS A 92  ? CYS A 83  ? 1_555 CYS A 110 ? 1_555 SG SG . . . None 'Disulfide bridge' 
7 CYS A 94 ? CYS A 112 ? CYS A 112 ? 1_555 CYS A 130 ? 1_555 SG SG . . . None 'Disulfide bridge' 
# 
loop_
_struct_sheet.id 
_struct_sheet.type 
_struct_sheet.number_strands 
_struct_sheet.details 
A ? 2 ? 
B ? 3 ? 
C ? 2 ? 
# 
loop_
_struct_sheet_order.sheet_id 
_struct_sheet_order.range_id_1 
_struct_sheet_order.range_id_2 
_struct_sheet_order.offset 
_struct_sheet_order.sense 
A 1 2 ? anti-parallel 
B 1 2 ? anti-parallel 
B 2 3 ? anti-parallel 
C 1 2 ? anti-parallel 
# 
loop_
_struct_sheet_range.sheet_id 
_struct_sheet_range.id 
_struct_sheet_range.beg_label_comp_id 
_struct_sheet_range.beg_label_asym_id 
_struct_sheet_range.beg_label_seq_id 
_struct_sheet_range.pdbx_beg_PDB_ins_code 
_struct_sheet_range.end_label_comp_id 
_struct_sheet_range.end_label_asym_id 
_struct_sheet_range.end_label_seq_id 
_struct_sheet_range.pdbx_end_PDB_ins_code 
_struct_sheet_range.beg_auth_comp_id 
_struct_sheet_range.beg_auth_asym_id 
_struct_sheet_range.beg_auth_seq_id 
_struct_sheet_range.end_auth_comp_id 
_struct_sheet_range.end_auth_asym_id 
_struct_sheet_range.end_auth_seq_id 
A 1 ARG A 39  ? ARG A 41  ? ARG A 57  ARG A 59  
A 2 GLU A 48  ? CYS A 50  ? GLU A 66  CYS A 68  
B 1 ALA A 57  ? CYS A 58  ? ALA A 75  CYS A 76  
B 2 GLY A 90  ? CYS A 94  ? GLY A 108 CYS A 112 
B 3 LEU A 69  ? VAL A 72  ? LEU A 87  VAL A 90  
C 1 VAL A 100 ? CYS A 101 ? VAL A 118 CYS A 119 
C 2 THR A 107 ? TYR A 108 ? THR A 125 TYR A 126 
# 
loop_
_pdbx_struct_sheet_hbond.sheet_id 
_pdbx_struct_sheet_hbond.range_id_1 
_pdbx_struct_sheet_hbond.range_id_2 
_pdbx_struct_sheet_hbond.range_1_label_atom_id 
_pdbx_struct_sheet_hbond.range_1_label_comp_id 
_pdbx_struct_sheet_hbond.range_1_label_asym_id 
_pdbx_struct_sheet_hbond.range_1_label_seq_id 
_pdbx_struct_sheet_hbond.range_1_PDB_ins_code 
_pdbx_struct_sheet_hbond.range_1_auth_atom_id 
_pdbx_struct_sheet_hbond.range_1_auth_comp_id 
_pdbx_struct_sheet_hbond.range_1_auth_asym_id 
_pdbx_struct_sheet_hbond.range_1_auth_seq_id 
_pdbx_struct_sheet_hbond.range_2_label_atom_id 
_pdbx_struct_sheet_hbond.range_2_label_comp_id 
_pdbx_struct_sheet_hbond.range_2_label_asym_id 
_pdbx_struct_sheet_hbond.range_2_label_seq_id 
_pdbx_struct_sheet_hbond.range_2_PDB_ins_code 
_pdbx_struct_sheet_hbond.range_2_auth_atom_id 
_pdbx_struct_sheet_hbond.range_2_auth_comp_id 
_pdbx_struct_sheet_hbond.range_2_auth_asym_id 
_pdbx_struct_sheet_hbond.range_2_auth_seq_id 
A 1 2 N ALA A 40  ? N ALA A 58  O VAL A 49  ? O VAL A 67  
B 1 2 N CYS A 58  ? N CYS A 76  O GLY A 90  ? O GLY A 108 
B 2 3 O LEU A 91  ? O LEU A 109 N VAL A 72  ? N VAL A 90  
C 1 2 N VAL A 100 ? N VAL A 118 O TYR A 108 ? O TYR A 126 
# 
loop_
_struct_site.id 
_struct_site.pdbx_evidence_code 
_struct_site.pdbx_auth_asym_id 
_struct_site.pdbx_auth_comp_id 
_struct_site.pdbx_auth_seq_id 
_struct_site.pdbx_auth_ins_code 
_struct_site.pdbx_num_residues 
_struct_site.details 
AC1 Software A PT  1   ? 3 'BINDING SITE FOR RESIDUE PT A 1'    
AC2 Software A CL  4   ? 5 'BINDING SITE FOR RESIDUE CL A 4'    
AC3 Software A CL  5   ? 3 'BINDING SITE FOR RESIDUE CL A 5'    
AC4 Software A CL  6   ? 4 'BINDING SITE FOR RESIDUE CL A 6'    
AC5 Software A PT  2   ? 5 'BINDING SITE FOR RESIDUE PT A 2'    
AC6 Software A CL  7   ? 3 'BINDING SITE FOR RESIDUE CL A 7'    
AC7 Software A CL  8   ? 4 'BINDING SITE FOR RESIDUE CL A 8'    
AC8 Software A SCN 159 ? 4 'BINDING SITE FOR RESIDUE SCN A 159' 
AC9 Software A GOL 160 ? 6 'BINDING SITE FOR RESIDUE GOL A 160' 
BC1 Software A CL  161 ? 4 'BINDING SITE FOR RESIDUE CL A 161'  
BC2 Software A SCN 162 ? 2 'BINDING SITE FOR RESIDUE SCN A 162' 
BC3 Software A SCN 163 ? 3 'BINDING SITE FOR RESIDUE SCN A 163' 
# 
loop_
_struct_site_gen.id 
_struct_site_gen.site_id 
_struct_site_gen.pdbx_num_res 
_struct_site_gen.label_comp_id 
_struct_site_gen.label_asym_id 
_struct_site_gen.label_seq_id 
_struct_site_gen.pdbx_auth_ins_code 
_struct_site_gen.auth_comp_id 
_struct_site_gen.auth_asym_id 
_struct_site_gen.auth_seq_id 
_struct_site_gen.label_atom_id 
_struct_site_gen.label_alt_id 
_struct_site_gen.symmetry 
_struct_site_gen.details 
1  AC1 3 CL  C .   ? CL  A 4   . ? 1_555 ? 
2  AC1 3 CL  D .   ? CL  A 5   . ? 1_555 ? 
3  AC1 3 CL  E .   ? CL  A 6   . ? 1_555 ? 
4  AC2 5 PT  B .   ? PT  A 1   . ? 1_555 ? 
5  AC2 5 CL  D .   ? CL  A 5   . ? 1_555 ? 
6  AC2 5 CL  E .   ? CL  A 6   . ? 1_555 ? 
7  AC2 5 PRO A 25  ? PRO A 43  . ? 5_665 ? 
8  AC2 5 HOH O .   ? HOH A 180 . ? 1_555 ? 
9  AC3 3 PT  B .   ? PT  A 1   . ? 1_555 ? 
10 AC3 3 CL  C .   ? CL  A 4   . ? 1_555 ? 
11 AC3 3 ARG A 22  ? ARG A 40  . ? 5_665 ? 
12 AC4 4 PT  B .   ? PT  A 1   . ? 1_555 ? 
13 AC4 4 CL  C .   ? CL  A 4   . ? 1_555 ? 
14 AC4 4 VAL A 72  ? VAL A 90  . ? 4_556 ? 
15 AC4 4 LEU A 91  ? LEU A 109 . ? 4_556 ? 
16 AC5 5 CL  G .   ? CL  A 7   . ? 1_555 ? 
17 AC5 5 CL  H .   ? CL  A 8   . ? 1_555 ? 
18 AC5 5 ARG A 119 ? ARG A 137 . ? 1_555 ? 
19 AC5 5 CL  K .   ? CL  A 161 . ? 1_555 ? 
20 AC5 5 HOH O .   ? HOH A 177 . ? 1_555 ? 
21 AC6 3 PT  F .   ? PT  A 2   . ? 1_555 ? 
22 AC6 3 CL  H .   ? CL  A 8   . ? 1_555 ? 
23 AC6 3 HOH O .   ? HOH A 12  . ? 1_555 ? 
24 AC7 4 PT  F .   ? PT  A 2   . ? 1_555 ? 
25 AC7 4 CL  G .   ? CL  A 7   . ? 1_555 ? 
26 AC7 4 PRO A 30  ? PRO A 48  . ? 3_564 ? 
27 AC7 4 ARG A 119 ? ARG A 137 . ? 1_555 ? 
28 AC8 4 GLU A 33  ? GLU A 51  . ? 3_564 ? 
29 AC8 4 SER A 96  ? SER A 114 . ? 1_555 ? 
30 AC8 4 CYS A 112 ? CYS A 130 . ? 1_555 ? 
31 AC8 4 ARG A 115 ? ARG A 133 . ? 1_555 ? 
32 AC9 6 GLU A 36  ? GLU A 54  . ? 1_555 ? 
33 AC9 6 ALA A 40  ? ALA A 58  . ? 2_665 ? 
34 AC9 6 ARG A 41  ? ARG A 59  . ? 2_665 ? 
35 AC9 6 GLY A 51  ? GLY A 69  . ? 1_555 ? 
36 AC9 6 GLU A 67  ? GLU A 85  . ? 2_665 ? 
37 AC9 6 HOH O .   ? HOH A 192 . ? 1_555 ? 
38 BC1 4 PT  F .   ? PT  A 2   . ? 1_555 ? 
39 BC1 4 CYS A 35  ? CYS A 53  . ? 1_555 ? 
40 BC1 4 ARG A 39  ? ARG A 57  . ? 1_555 ? 
41 BC1 4 ARG A 119 ? ARG A 137 . ? 1_555 ? 
42 BC2 2 GLN A 31  ? GLN A 49  . ? 2_665 ? 
43 BC2 2 GLN A 61  ? GLN A 79  . ? 1_555 ? 
44 BC3 3 GLU A 54  ? GLU A 72  . ? 1_555 ? 
45 BC3 3 ALA A 116 ? ALA A 134 . ? 1_555 ? 
46 BC3 3 ARG A 119 ? ARG A 137 . ? 1_555 ? 
# 
_pdbx_entry_details.entry_id                   3TJQ 
_pdbx_entry_details.compound_details           ? 
_pdbx_entry_details.source_details             ? 
_pdbx_entry_details.nonpolymer_details         ? 
_pdbx_entry_details.sequence_details           ? 
_pdbx_entry_details.has_ligand_of_interest     ? 
_pdbx_entry_details.has_protein_modification   Y 
# 
loop_
_pdbx_validate_torsion.id 
_pdbx_validate_torsion.PDB_model_num 
_pdbx_validate_torsion.auth_comp_id 
_pdbx_validate_torsion.auth_asym_id 
_pdbx_validate_torsion.auth_seq_id 
_pdbx_validate_torsion.PDB_ins_code 
_pdbx_validate_torsion.label_alt_id 
_pdbx_validate_torsion.phi 
_pdbx_validate_torsion.psi 
1 1 CYS A 64  ? ? -101.98 -73.28  
2 1 LEU A 78  ? ? 56.09   -108.45 
3 1 ASP A 122 ? ? -78.88  -166.75 
4 1 LEU A 142 ? ? -89.46  32.92   
5 1 LEU A 142 ? ? -95.32  32.92   
6 1 LEU A 150 ? ? -93.29  -61.94  
7 1 GLN A 151 ? ? -139.72 -119.70 
8 1 ARG A 152 ? ? -150.86 84.71   
# 
loop_
_pdbx_refine_tls.pdbx_refine_id 
_pdbx_refine_tls.id 
_pdbx_refine_tls.details 
_pdbx_refine_tls.method 
_pdbx_refine_tls.origin_x 
_pdbx_refine_tls.origin_y 
_pdbx_refine_tls.origin_z 
_pdbx_refine_tls.T[1][1] 
_pdbx_refine_tls.T[2][2] 
_pdbx_refine_tls.T[3][3] 
_pdbx_refine_tls.T[1][2] 
_pdbx_refine_tls.T[1][3] 
_pdbx_refine_tls.T[2][3] 
_pdbx_refine_tls.L[1][1] 
_pdbx_refine_tls.L[2][2] 
_pdbx_refine_tls.L[3][3] 
_pdbx_refine_tls.L[1][2] 
_pdbx_refine_tls.L[1][3] 
_pdbx_refine_tls.L[2][3] 
_pdbx_refine_tls.S[1][1] 
_pdbx_refine_tls.S[1][2] 
_pdbx_refine_tls.S[1][3] 
_pdbx_refine_tls.S[2][1] 
_pdbx_refine_tls.S[2][2] 
_pdbx_refine_tls.S[2][3] 
_pdbx_refine_tls.S[3][1] 
_pdbx_refine_tls.S[3][2] 
_pdbx_refine_tls.S[3][3] 
'X-RAY DIFFRACTION' 1 ? refined -1.8773 -7.7761 -10.7084 0.0849 0.0181 0.0259 0.0023 0.0092 -0.0008 1.0799 0.5756 3.4984 0.0497 -1.0840 0.0135  -0.0018 0.0730  -0.1044 0.1634 -0.0464 0.0092 0.2840  0.0019  0.0482 
'X-RAY DIFFRACTION' 2 ? refined 0.4037  3.4292  4.3272   0.1186 0.0161 0.0629 0.0069 0.0253 -0.0009 1.6492 1.4810 0.1684 0.2500 0.1776  -0.4231 -0.0270 -0.1021 0.2308  0.1419 0.0262  0.0800 -0.0183 -0.0298 0.0008 
# 
loop_
_pdbx_refine_tls_group.pdbx_refine_id 
_pdbx_refine_tls_group.id 
_pdbx_refine_tls_group.refine_tls_id 
_pdbx_refine_tls_group.beg_auth_asym_id 
_pdbx_refine_tls_group.beg_auth_seq_id 
_pdbx_refine_tls_group.beg_label_asym_id 
_pdbx_refine_tls_group.beg_label_seq_id 
_pdbx_refine_tls_group.end_auth_asym_id 
_pdbx_refine_tls_group.end_auth_seq_id 
_pdbx_refine_tls_group.end_label_asym_id 
_pdbx_refine_tls_group.end_label_seq_id 
_pdbx_refine_tls_group.selection 
_pdbx_refine_tls_group.selection_details 
'X-RAY DIFFRACTION' 1 1 A 36 ? ? A 65  ? ? ? ? 
'X-RAY DIFFRACTION' 2 2 A 66 ? ? A 154 ? ? ? ? 
# 
loop_
_pdbx_unobs_or_zero_occ_residues.id 
_pdbx_unobs_or_zero_occ_residues.PDB_model_num 
_pdbx_unobs_or_zero_occ_residues.polymer_flag 
_pdbx_unobs_or_zero_occ_residues.occupancy_flag 
_pdbx_unobs_or_zero_occ_residues.auth_asym_id 
_pdbx_unobs_or_zero_occ_residues.auth_comp_id 
_pdbx_unobs_or_zero_occ_residues.auth_seq_id 
_pdbx_unobs_or_zero_occ_residues.PDB_ins_code 
_pdbx_unobs_or_zero_occ_residues.label_asym_id 
_pdbx_unobs_or_zero_occ_residues.label_comp_id 
_pdbx_unobs_or_zero_occ_residues.label_seq_id 
1  1 Y 1 A ALA 19  ? A ALA 1   
2  1 Y 1 A HIS 20  ? A HIS 2   
3  1 Y 1 A HIS 21  ? A HIS 3   
4  1 Y 1 A HIS 22  ? A HIS 4   
5  1 Y 1 A HIS 23  ? A HIS 5   
6  1 Y 1 A HIS 24  ? A HIS 6   
7  1 Y 1 A HIS 25  ? A HIS 7   
8  1 Y 1 A GLY 26  ? A GLY 8   
9  1 Y 1 A GLU 27  ? A GLU 9   
10 1 Y 1 A ASN 28  ? A ASN 10  
11 1 Y 1 A LEU 29  ? A LEU 11  
12 1 Y 1 A TYR 30  ? A TYR 12  
13 1 Y 1 A PHE 31  ? A PHE 13  
14 1 Y 1 A GLN 32  ? A GLN 14  
15 1 Y 1 A GLY 33  ? A GLY 15  
16 1 Y 1 A SER 34  ? A SER 16  
17 1 Y 1 A ALA 35  ? A ALA 17  
18 1 Y 1 A GLY 94  ? A GLY 76  
19 1 Y 1 A VAL 95  ? A VAL 77  
20 1 Y 1 A PRO 96  ? A PRO 78  
21 1 Y 1 A ALA 97  ? A ALA 79  
22 1 Y 1 A SER 98  ? A SER 80  
23 1 Y 1 A ALA 99  ? A ALA 81  
24 1 Y 1 A THR 100 ? A THR 82  
25 1 Y 1 A VAL 101 ? A VAL 83  
26 1 Y 1 A ARG 102 ? A ARG 84  
27 1 Y 1 A ARG 103 ? A ARG 85  
28 1 Y 1 A ARG 104 ? A ARG 86  
29 1 Y 1 A ALA 105 ? A ALA 87  
30 1 Y 1 A GLN 106 ? A GLN 88  
31 1 Y 1 A CYS 155 ? A CYS 137 
32 1 Y 1 A GLY 156 ? A GLY 138 
33 1 Y 1 A ASN 157 ? A ASN 139 
34 1 Y 1 A SER 158 ? A SER 140 
# 
loop_
_chem_comp_atom.comp_id 
_chem_comp_atom.atom_id 
_chem_comp_atom.type_symbol 
_chem_comp_atom.pdbx_aromatic_flag 
_chem_comp_atom.pdbx_stereo_config 
_chem_comp_atom.pdbx_ordinal 
ALA N    N  N N 1   
ALA CA   C  N S 2   
ALA C    C  N N 3   
ALA O    O  N N 4   
ALA CB   C  N N 5   
ALA OXT  O  N N 6   
ALA H    H  N N 7   
ALA H2   H  N N 8   
ALA HA   H  N N 9   
ALA HB1  H  N N 10  
ALA HB2  H  N N 11  
ALA HB3  H  N N 12  
ALA HXT  H  N N 13  
ARG N    N  N N 14  
ARG CA   C  N S 15  
ARG C    C  N N 16  
ARG O    O  N N 17  
ARG CB   C  N N 18  
ARG CG   C  N N 19  
ARG CD   C  N N 20  
ARG NE   N  N N 21  
ARG CZ   C  N N 22  
ARG NH1  N  N N 23  
ARG NH2  N  N N 24  
ARG OXT  O  N N 25  
ARG H    H  N N 26  
ARG H2   H  N N 27  
ARG HA   H  N N 28  
ARG HB2  H  N N 29  
ARG HB3  H  N N 30  
ARG HG2  H  N N 31  
ARG HG3  H  N N 32  
ARG HD2  H  N N 33  
ARG HD3  H  N N 34  
ARG HE   H  N N 35  
ARG HH11 H  N N 36  
ARG HH12 H  N N 37  
ARG HH21 H  N N 38  
ARG HH22 H  N N 39  
ARG HXT  H  N N 40  
ASN N    N  N N 41  
ASN CA   C  N S 42  
ASN C    C  N N 43  
ASN O    O  N N 44  
ASN CB   C  N N 45  
ASN CG   C  N N 46  
ASN OD1  O  N N 47  
ASN ND2  N  N N 48  
ASN OXT  O  N N 49  
ASN H    H  N N 50  
ASN H2   H  N N 51  
ASN HA   H  N N 52  
ASN HB2  H  N N 53  
ASN HB3  H  N N 54  
ASN HD21 H  N N 55  
ASN HD22 H  N N 56  
ASN HXT  H  N N 57  
ASP N    N  N N 58  
ASP CA   C  N S 59  
ASP C    C  N N 60  
ASP O    O  N N 61  
ASP CB   C  N N 62  
ASP CG   C  N N 63  
ASP OD1  O  N N 64  
ASP OD2  O  N N 65  
ASP OXT  O  N N 66  
ASP H    H  N N 67  
ASP H2   H  N N 68  
ASP HA   H  N N 69  
ASP HB2  H  N N 70  
ASP HB3  H  N N 71  
ASP HD2  H  N N 72  
ASP HXT  H  N N 73  
CL  CL   CL N N 74  
CYS N    N  N N 75  
CYS CA   C  N R 76  
CYS C    C  N N 77  
CYS O    O  N N 78  
CYS CB   C  N N 79  
CYS SG   S  N N 80  
CYS OXT  O  N N 81  
CYS H    H  N N 82  
CYS H2   H  N N 83  
CYS HA   H  N N 84  
CYS HB2  H  N N 85  
CYS HB3  H  N N 86  
CYS HG   H  N N 87  
CYS HXT  H  N N 88  
GLN N    N  N N 89  
GLN CA   C  N S 90  
GLN C    C  N N 91  
GLN O    O  N N 92  
GLN CB   C  N N 93  
GLN CG   C  N N 94  
GLN CD   C  N N 95  
GLN OE1  O  N N 96  
GLN NE2  N  N N 97  
GLN OXT  O  N N 98  
GLN H    H  N N 99  
GLN H2   H  N N 100 
GLN HA   H  N N 101 
GLN HB2  H  N N 102 
GLN HB3  H  N N 103 
GLN HG2  H  N N 104 
GLN HG3  H  N N 105 
GLN HE21 H  N N 106 
GLN HE22 H  N N 107 
GLN HXT  H  N N 108 
GLU N    N  N N 109 
GLU CA   C  N S 110 
GLU C    C  N N 111 
GLU O    O  N N 112 
GLU CB   C  N N 113 
GLU CG   C  N N 114 
GLU CD   C  N N 115 
GLU OE1  O  N N 116 
GLU OE2  O  N N 117 
GLU OXT  O  N N 118 
GLU H    H  N N 119 
GLU H2   H  N N 120 
GLU HA   H  N N 121 
GLU HB2  H  N N 122 
GLU HB3  H  N N 123 
GLU HG2  H  N N 124 
GLU HG3  H  N N 125 
GLU HE2  H  N N 126 
GLU HXT  H  N N 127 
GLY N    N  N N 128 
GLY CA   C  N N 129 
GLY C    C  N N 130 
GLY O    O  N N 131 
GLY OXT  O  N N 132 
GLY H    H  N N 133 
GLY H2   H  N N 134 
GLY HA2  H  N N 135 
GLY HA3  H  N N 136 
GLY HXT  H  N N 137 
GOL C1   C  N N 138 
GOL O1   O  N N 139 
GOL C2   C  N N 140 
GOL O2   O  N N 141 
GOL C3   C  N N 142 
GOL O3   O  N N 143 
GOL H11  H  N N 144 
GOL H12  H  N N 145 
GOL HO1  H  N N 146 
GOL H2   H  N N 147 
GOL HO2  H  N N 148 
GOL H31  H  N N 149 
GOL H32  H  N N 150 
GOL HO3  H  N N 151 
HIS N    N  N N 152 
HIS CA   C  N S 153 
HIS C    C  N N 154 
HIS O    O  N N 155 
HIS CB   C  N N 156 
HIS CG   C  Y N 157 
HIS ND1  N  Y N 158 
HIS CD2  C  Y N 159 
HIS CE1  C  Y N 160 
HIS NE2  N  Y N 161 
HIS OXT  O  N N 162 
HIS H    H  N N 163 
HIS H2   H  N N 164 
HIS HA   H  N N 165 
HIS HB2  H  N N 166 
HIS HB3  H  N N 167 
HIS HD1  H  N N 168 
HIS HD2  H  N N 169 
HIS HE1  H  N N 170 
HIS HE2  H  N N 171 
HIS HXT  H  N N 172 
HOH O    O  N N 173 
HOH H1   H  N N 174 
HOH H2   H  N N 175 
ILE N    N  N N 176 
ILE CA   C  N S 177 
ILE C    C  N N 178 
ILE O    O  N N 179 
ILE CB   C  N S 180 
ILE CG1  C  N N 181 
ILE CG2  C  N N 182 
ILE CD1  C  N N 183 
ILE OXT  O  N N 184 
ILE H    H  N N 185 
ILE H2   H  N N 186 
ILE HA   H  N N 187 
ILE HB   H  N N 188 
ILE HG12 H  N N 189 
ILE HG13 H  N N 190 
ILE HG21 H  N N 191 
ILE HG22 H  N N 192 
ILE HG23 H  N N 193 
ILE HD11 H  N N 194 
ILE HD12 H  N N 195 
ILE HD13 H  N N 196 
ILE HXT  H  N N 197 
LEU N    N  N N 198 
LEU CA   C  N S 199 
LEU C    C  N N 200 
LEU O    O  N N 201 
LEU CB   C  N N 202 
LEU CG   C  N N 203 
LEU CD1  C  N N 204 
LEU CD2  C  N N 205 
LEU OXT  O  N N 206 
LEU H    H  N N 207 
LEU H2   H  N N 208 
LEU HA   H  N N 209 
LEU HB2  H  N N 210 
LEU HB3  H  N N 211 
LEU HG   H  N N 212 
LEU HD11 H  N N 213 
LEU HD12 H  N N 214 
LEU HD13 H  N N 215 
LEU HD21 H  N N 216 
LEU HD22 H  N N 217 
LEU HD23 H  N N 218 
LEU HXT  H  N N 219 
PHE N    N  N N 220 
PHE CA   C  N S 221 
PHE C    C  N N 222 
PHE O    O  N N 223 
PHE CB   C  N N 224 
PHE CG   C  Y N 225 
PHE CD1  C  Y N 226 
PHE CD2  C  Y N 227 
PHE CE1  C  Y N 228 
PHE CE2  C  Y N 229 
PHE CZ   C  Y N 230 
PHE OXT  O  N N 231 
PHE H    H  N N 232 
PHE H2   H  N N 233 
PHE HA   H  N N 234 
PHE HB2  H  N N 235 
PHE HB3  H  N N 236 
PHE HD1  H  N N 237 
PHE HD2  H  N N 238 
PHE HE1  H  N N 239 
PHE HE2  H  N N 240 
PHE HZ   H  N N 241 
PHE HXT  H  N N 242 
PRO N    N  N N 243 
PRO CA   C  N S 244 
PRO C    C  N N 245 
PRO O    O  N N 246 
PRO CB   C  N N 247 
PRO CG   C  N N 248 
PRO CD   C  N N 249 
PRO OXT  O  N N 250 
PRO H    H  N N 251 
PRO HA   H  N N 252 
PRO HB2  H  N N 253 
PRO HB3  H  N N 254 
PRO HG2  H  N N 255 
PRO HG3  H  N N 256 
PRO HD2  H  N N 257 
PRO HD3  H  N N 258 
PRO HXT  H  N N 259 
PT  PT   PT N N 260 
SCN S    S  N N 261 
SCN C    C  N N 262 
SCN N    N  N N 263 
SER N    N  N N 264 
SER CA   C  N S 265 
SER C    C  N N 266 
SER O    O  N N 267 
SER CB   C  N N 268 
SER OG   O  N N 269 
SER OXT  O  N N 270 
SER H    H  N N 271 
SER H2   H  N N 272 
SER HA   H  N N 273 
SER HB2  H  N N 274 
SER HB3  H  N N 275 
SER HG   H  N N 276 
SER HXT  H  N N 277 
THR N    N  N N 278 
THR CA   C  N S 279 
THR C    C  N N 280 
THR O    O  N N 281 
THR CB   C  N R 282 
THR OG1  O  N N 283 
THR CG2  C  N N 284 
THR OXT  O  N N 285 
THR H    H  N N 286 
THR H2   H  N N 287 
THR HA   H  N N 288 
THR HB   H  N N 289 
THR HG1  H  N N 290 
THR HG21 H  N N 291 
THR HG22 H  N N 292 
THR HG23 H  N N 293 
THR HXT  H  N N 294 
TYR N    N  N N 295 
TYR CA   C  N S 296 
TYR C    C  N N 297 
TYR O    O  N N 298 
TYR CB   C  N N 299 
TYR CG   C  Y N 300 
TYR CD1  C  Y N 301 
TYR CD2  C  Y N 302 
TYR CE1  C  Y N 303 
TYR CE2  C  Y N 304 
TYR CZ   C  Y N 305 
TYR OH   O  N N 306 
TYR OXT  O  N N 307 
TYR H    H  N N 308 
TYR H2   H  N N 309 
TYR HA   H  N N 310 
TYR HB2  H  N N 311 
TYR HB3  H  N N 312 
TYR HD1  H  N N 313 
TYR HD2  H  N N 314 
TYR HE1  H  N N 315 
TYR HE2  H  N N 316 
TYR HH   H  N N 317 
TYR HXT  H  N N 318 
VAL N    N  N N 319 
VAL CA   C  N S 320 
VAL C    C  N N 321 
VAL O    O  N N 322 
VAL CB   C  N N 323 
VAL CG1  C  N N 324 
VAL CG2  C  N N 325 
VAL OXT  O  N N 326 
VAL H    H  N N 327 
VAL H2   H  N N 328 
VAL HA   H  N N 329 
VAL HB   H  N N 330 
VAL HG11 H  N N 331 
VAL HG12 H  N N 332 
VAL HG13 H  N N 333 
VAL HG21 H  N N 334 
VAL HG22 H  N N 335 
VAL HG23 H  N N 336 
VAL HXT  H  N N 337 
# 
loop_
_chem_comp_bond.comp_id 
_chem_comp_bond.atom_id_1 
_chem_comp_bond.atom_id_2 
_chem_comp_bond.value_order 
_chem_comp_bond.pdbx_aromatic_flag 
_chem_comp_bond.pdbx_stereo_config 
_chem_comp_bond.pdbx_ordinal 
ALA N   CA   sing N N 1   
ALA N   H    sing N N 2   
ALA N   H2   sing N N 3   
ALA CA  C    sing N N 4   
ALA CA  CB   sing N N 5   
ALA CA  HA   sing N N 6   
ALA C   O    doub N N 7   
ALA C   OXT  sing N N 8   
ALA CB  HB1  sing N N 9   
ALA CB  HB2  sing N N 10  
ALA CB  HB3  sing N N 11  
ALA OXT HXT  sing N N 12  
ARG N   CA   sing N N 13  
ARG N   H    sing N N 14  
ARG N   H2   sing N N 15  
ARG CA  C    sing N N 16  
ARG CA  CB   sing N N 17  
ARG CA  HA   sing N N 18  
ARG C   O    doub N N 19  
ARG C   OXT  sing N N 20  
ARG CB  CG   sing N N 21  
ARG CB  HB2  sing N N 22  
ARG CB  HB3  sing N N 23  
ARG CG  CD   sing N N 24  
ARG CG  HG2  sing N N 25  
ARG CG  HG3  sing N N 26  
ARG CD  NE   sing N N 27  
ARG CD  HD2  sing N N 28  
ARG CD  HD3  sing N N 29  
ARG NE  CZ   sing N N 30  
ARG NE  HE   sing N N 31  
ARG CZ  NH1  sing N N 32  
ARG CZ  NH2  doub N N 33  
ARG NH1 HH11 sing N N 34  
ARG NH1 HH12 sing N N 35  
ARG NH2 HH21 sing N N 36  
ARG NH2 HH22 sing N N 37  
ARG OXT HXT  sing N N 38  
ASN N   CA   sing N N 39  
ASN N   H    sing N N 40  
ASN N   H2   sing N N 41  
ASN CA  C    sing N N 42  
ASN CA  CB   sing N N 43  
ASN CA  HA   sing N N 44  
ASN C   O    doub N N 45  
ASN C   OXT  sing N N 46  
ASN CB  CG   sing N N 47  
ASN CB  HB2  sing N N 48  
ASN CB  HB3  sing N N 49  
ASN CG  OD1  doub N N 50  
ASN CG  ND2  sing N N 51  
ASN ND2 HD21 sing N N 52  
ASN ND2 HD22 sing N N 53  
ASN OXT HXT  sing N N 54  
ASP N   CA   sing N N 55  
ASP N   H    sing N N 56  
ASP N   H2   sing N N 57  
ASP CA  C    sing N N 58  
ASP CA  CB   sing N N 59  
ASP CA  HA   sing N N 60  
ASP C   O    doub N N 61  
ASP C   OXT  sing N N 62  
ASP CB  CG   sing N N 63  
ASP CB  HB2  sing N N 64  
ASP CB  HB3  sing N N 65  
ASP CG  OD1  doub N N 66  
ASP CG  OD2  sing N N 67  
ASP OD2 HD2  sing N N 68  
ASP OXT HXT  sing N N 69  
CYS N   CA   sing N N 70  
CYS N   H    sing N N 71  
CYS N   H2   sing N N 72  
CYS CA  C    sing N N 73  
CYS CA  CB   sing N N 74  
CYS CA  HA   sing N N 75  
CYS C   O    doub N N 76  
CYS C   OXT  sing N N 77  
CYS CB  SG   sing N N 78  
CYS CB  HB2  sing N N 79  
CYS CB  HB3  sing N N 80  
CYS SG  HG   sing N N 81  
CYS OXT HXT  sing N N 82  
GLN N   CA   sing N N 83  
GLN N   H    sing N N 84  
GLN N   H2   sing N N 85  
GLN CA  C    sing N N 86  
GLN CA  CB   sing N N 87  
GLN CA  HA   sing N N 88  
GLN C   O    doub N N 89  
GLN C   OXT  sing N N 90  
GLN CB  CG   sing N N 91  
GLN CB  HB2  sing N N 92  
GLN CB  HB3  sing N N 93  
GLN CG  CD   sing N N 94  
GLN CG  HG2  sing N N 95  
GLN CG  HG3  sing N N 96  
GLN CD  OE1  doub N N 97  
GLN CD  NE2  sing N N 98  
GLN NE2 HE21 sing N N 99  
GLN NE2 HE22 sing N N 100 
GLN OXT HXT  sing N N 101 
GLU N   CA   sing N N 102 
GLU N   H    sing N N 103 
GLU N   H2   sing N N 104 
GLU CA  C    sing N N 105 
GLU CA  CB   sing N N 106 
GLU CA  HA   sing N N 107 
GLU C   O    doub N N 108 
GLU C   OXT  sing N N 109 
GLU CB  CG   sing N N 110 
GLU CB  HB2  sing N N 111 
GLU CB  HB3  sing N N 112 
GLU CG  CD   sing N N 113 
GLU CG  HG2  sing N N 114 
GLU CG  HG3  sing N N 115 
GLU CD  OE1  doub N N 116 
GLU CD  OE2  sing N N 117 
GLU OE2 HE2  sing N N 118 
GLU OXT HXT  sing N N 119 
GLY N   CA   sing N N 120 
GLY N   H    sing N N 121 
GLY N   H2   sing N N 122 
GLY CA  C    sing N N 123 
GLY CA  HA2  sing N N 124 
GLY CA  HA3  sing N N 125 
GLY C   O    doub N N 126 
GLY C   OXT  sing N N 127 
GLY OXT HXT  sing N N 128 
GOL C1  O1   sing N N 129 
GOL C1  C2   sing N N 130 
GOL C1  H11  sing N N 131 
GOL C1  H12  sing N N 132 
GOL O1  HO1  sing N N 133 
GOL C2  O2   sing N N 134 
GOL C2  C3   sing N N 135 
GOL C2  H2   sing N N 136 
GOL O2  HO2  sing N N 137 
GOL C3  O3   sing N N 138 
GOL C3  H31  sing N N 139 
GOL C3  H32  sing N N 140 
GOL O3  HO3  sing N N 141 
HIS N   CA   sing N N 142 
HIS N   H    sing N N 143 
HIS N   H2   sing N N 144 
HIS CA  C    sing N N 145 
HIS CA  CB   sing N N 146 
HIS CA  HA   sing N N 147 
HIS C   O    doub N N 148 
HIS C   OXT  sing N N 149 
HIS CB  CG   sing N N 150 
HIS CB  HB2  sing N N 151 
HIS CB  HB3  sing N N 152 
HIS CG  ND1  sing Y N 153 
HIS CG  CD2  doub Y N 154 
HIS ND1 CE1  doub Y N 155 
HIS ND1 HD1  sing N N 156 
HIS CD2 NE2  sing Y N 157 
HIS CD2 HD2  sing N N 158 
HIS CE1 NE2  sing Y N 159 
HIS CE1 HE1  sing N N 160 
HIS NE2 HE2  sing N N 161 
HIS OXT HXT  sing N N 162 
HOH O   H1   sing N N 163 
HOH O   H2   sing N N 164 
ILE N   CA   sing N N 165 
ILE N   H    sing N N 166 
ILE N   H2   sing N N 167 
ILE CA  C    sing N N 168 
ILE CA  CB   sing N N 169 
ILE CA  HA   sing N N 170 
ILE C   O    doub N N 171 
ILE C   OXT  sing N N 172 
ILE CB  CG1  sing N N 173 
ILE CB  CG2  sing N N 174 
ILE CB  HB   sing N N 175 
ILE CG1 CD1  sing N N 176 
ILE CG1 HG12 sing N N 177 
ILE CG1 HG13 sing N N 178 
ILE CG2 HG21 sing N N 179 
ILE CG2 HG22 sing N N 180 
ILE CG2 HG23 sing N N 181 
ILE CD1 HD11 sing N N 182 
ILE CD1 HD12 sing N N 183 
ILE CD1 HD13 sing N N 184 
ILE OXT HXT  sing N N 185 
LEU N   CA   sing N N 186 
LEU N   H    sing N N 187 
LEU N   H2   sing N N 188 
LEU CA  C    sing N N 189 
LEU CA  CB   sing N N 190 
LEU CA  HA   sing N N 191 
LEU C   O    doub N N 192 
LEU C   OXT  sing N N 193 
LEU CB  CG   sing N N 194 
LEU CB  HB2  sing N N 195 
LEU CB  HB3  sing N N 196 
LEU CG  CD1  sing N N 197 
LEU CG  CD2  sing N N 198 
LEU CG  HG   sing N N 199 
LEU CD1 HD11 sing N N 200 
LEU CD1 HD12 sing N N 201 
LEU CD1 HD13 sing N N 202 
LEU CD2 HD21 sing N N 203 
LEU CD2 HD22 sing N N 204 
LEU CD2 HD23 sing N N 205 
LEU OXT HXT  sing N N 206 
PHE N   CA   sing N N 207 
PHE N   H    sing N N 208 
PHE N   H2   sing N N 209 
PHE CA  C    sing N N 210 
PHE CA  CB   sing N N 211 
PHE CA  HA   sing N N 212 
PHE C   O    doub N N 213 
PHE C   OXT  sing N N 214 
PHE CB  CG   sing N N 215 
PHE CB  HB2  sing N N 216 
PHE CB  HB3  sing N N 217 
PHE CG  CD1  doub Y N 218 
PHE CG  CD2  sing Y N 219 
PHE CD1 CE1  sing Y N 220 
PHE CD1 HD1  sing N N 221 
PHE CD2 CE2  doub Y N 222 
PHE CD2 HD2  sing N N 223 
PHE CE1 CZ   doub Y N 224 
PHE CE1 HE1  sing N N 225 
PHE CE2 CZ   sing Y N 226 
PHE CE2 HE2  sing N N 227 
PHE CZ  HZ   sing N N 228 
PHE OXT HXT  sing N N 229 
PRO N   CA   sing N N 230 
PRO N   CD   sing N N 231 
PRO N   H    sing N N 232 
PRO CA  C    sing N N 233 
PRO CA  CB   sing N N 234 
PRO CA  HA   sing N N 235 
PRO C   O    doub N N 236 
PRO C   OXT  sing N N 237 
PRO CB  CG   sing N N 238 
PRO CB  HB2  sing N N 239 
PRO CB  HB3  sing N N 240 
PRO CG  CD   sing N N 241 
PRO CG  HG2  sing N N 242 
PRO CG  HG3  sing N N 243 
PRO CD  HD2  sing N N 244 
PRO CD  HD3  sing N N 245 
PRO OXT HXT  sing N N 246 
SCN S   C    sing N N 247 
SCN C   N    trip N N 248 
SER N   CA   sing N N 249 
SER N   H    sing N N 250 
SER N   H2   sing N N 251 
SER CA  C    sing N N 252 
SER CA  CB   sing N N 253 
SER CA  HA   sing N N 254 
SER C   O    doub N N 255 
SER C   OXT  sing N N 256 
SER CB  OG   sing N N 257 
SER CB  HB2  sing N N 258 
SER CB  HB3  sing N N 259 
SER OG  HG   sing N N 260 
SER OXT HXT  sing N N 261 
THR N   CA   sing N N 262 
THR N   H    sing N N 263 
THR N   H2   sing N N 264 
THR CA  C    sing N N 265 
THR CA  CB   sing N N 266 
THR CA  HA   sing N N 267 
THR C   O    doub N N 268 
THR C   OXT  sing N N 269 
THR CB  OG1  sing N N 270 
THR CB  CG2  sing N N 271 
THR CB  HB   sing N N 272 
THR OG1 HG1  sing N N 273 
THR CG2 HG21 sing N N 274 
THR CG2 HG22 sing N N 275 
THR CG2 HG23 sing N N 276 
THR OXT HXT  sing N N 277 
TYR N   CA   sing N N 278 
TYR N   H    sing N N 279 
TYR N   H2   sing N N 280 
TYR CA  C    sing N N 281 
TYR CA  CB   sing N N 282 
TYR CA  HA   sing N N 283 
TYR C   O    doub N N 284 
TYR C   OXT  sing N N 285 
TYR CB  CG   sing N N 286 
TYR CB  HB2  sing N N 287 
TYR CB  HB3  sing N N 288 
TYR CG  CD1  doub Y N 289 
TYR CG  CD2  sing Y N 290 
TYR CD1 CE1  sing Y N 291 
TYR CD1 HD1  sing N N 292 
TYR CD2 CE2  doub Y N 293 
TYR CD2 HD2  sing N N 294 
TYR CE1 CZ   doub Y N 295 
TYR CE1 HE1  sing N N 296 
TYR CE2 CZ   sing Y N 297 
TYR CE2 HE2  sing N N 298 
TYR CZ  OH   sing N N 299 
TYR OH  HH   sing N N 300 
TYR OXT HXT  sing N N 301 
VAL N   CA   sing N N 302 
VAL N   H    sing N N 303 
VAL N   H2   sing N N 304 
VAL CA  C    sing N N 305 
VAL CA  CB   sing N N 306 
VAL CA  HA   sing N N 307 
VAL C   O    doub N N 308 
VAL C   OXT  sing N N 309 
VAL CB  CG1  sing N N 310 
VAL CB  CG2  sing N N 311 
VAL CB  HB   sing N N 312 
VAL CG1 HG11 sing N N 313 
VAL CG1 HG12 sing N N 314 
VAL CG1 HG13 sing N N 315 
VAL CG2 HG21 sing N N 316 
VAL CG2 HG22 sing N N 317 
VAL CG2 HG23 sing N N 318 
VAL OXT HXT  sing N N 319 
# 
_atom_sites.entry_id                    3TJQ 
_atom_sites.fract_transf_matrix[1][1]   -0.00018058 
_atom_sites.fract_transf_matrix[1][2]   0.00816062 
_atom_sites.fract_transf_matrix[1][3]   0.01378317 
_atom_sites.fract_transf_matrix[2][1]   -0.01350687 
_atom_sites.fract_transf_matrix[2][2]   0.00703748 
_atom_sites.fract_transf_matrix[2][3]   0.00496453 
_atom_sites.fract_transf_matrix[3][1]   -0.00615607 
_atom_sites.fract_transf_matrix[3][2]   -0.02019185 
_atom_sites.fract_transf_matrix[3][3]   0.01187436 
_atom_sites.fract_transf_vector[1]      0.421785 
_atom_sites.fract_transf_vector[2]      0.675703 
_atom_sites.fract_transf_vector[3]      0.437215 
# 
loop_
_atom_type.symbol 
C  
CL 
N  
O  
PT 
S  
# 
loop_
_atom_site.group_PDB 
_atom_site.id 
_atom_site.type_symbol 
_atom_site.label_atom_id 
_atom_site.label_alt_id 
_atom_site.label_comp_id 
_atom_site.label_asym_id 
_atom_site.label_entity_id 
_atom_site.label_seq_id 
_atom_site.pdbx_PDB_ins_code 
_atom_site.Cartn_x 
_atom_site.Cartn_y 
_atom_site.Cartn_z 
_atom_site.occupancy 
_atom_site.B_iso_or_equiv 
_atom_site.pdbx_formal_charge 
_atom_site.auth_seq_id 
_atom_site.auth_comp_id 
_atom_site.auth_asym_id 
_atom_site.auth_atom_id 
_atom_site.pdbx_PDB_model_num 
ATOM   1   N  N   . GLY A 1 18  ? 9.517   -17.467 -11.550 1.00 72.71  ? 36  GLY A N   1 
ATOM   2   C  CA  . GLY A 1 18  ? 9.262   -18.034 -12.906 1.00 72.22  ? 36  GLY A CA  1 
ATOM   3   C  C   . GLY A 1 18  ? 8.234   -17.230 -13.679 1.00 66.79  ? 36  GLY A C   1 
ATOM   4   O  O   . GLY A 1 18  ? 7.062   -17.607 -13.744 1.00 66.73  ? 36  GLY A O   1 
ATOM   5   N  N   . CYS A 1 19  ? 8.681   -16.122 -14.266 1.00 61.81  ? 37  CYS A N   1 
ATOM   6   C  CA  . CYS A 1 19  ? 7.803   -15.224 -15.016 1.00 56.05  ? 37  CYS A CA  1 
ATOM   7   C  C   . CYS A 1 19  ? 7.951   -15.371 -16.529 1.00 55.05  ? 37  CYS A C   1 
ATOM   8   O  O   . CYS A 1 19  ? 9.073   -15.447 -17.043 1.00 51.27  ? 37  CYS A O   1 
ATOM   9   C  CB  . CYS A 1 19  ? 8.074   -13.764 -14.640 1.00 51.22  ? 37  CYS A CB  1 
ATOM   10  S  SG  . CYS A 1 19  ? 7.745   -13.379 -12.926 1.00 44.85  ? 37  CYS A SG  1 
ATOM   11  N  N   . PRO A 1 20  ? 6.813   -15.383 -17.248 1.00 53.30  ? 38  PRO A N   1 
ATOM   12  C  CA  . PRO A 1 20  ? 6.856   -15.327 -18.706 1.00 52.92  ? 38  PRO A CA  1 
ATOM   13  C  C   . PRO A 1 20  ? 7.467   -13.998 -19.149 1.00 52.04  ? 38  PRO A C   1 
ATOM   14  O  O   . PRO A 1 20  ? 7.296   -12.986 -18.462 1.00 51.49  ? 38  PRO A O   1 
ATOM   15  C  CB  . PRO A 1 20  ? 5.378   -15.390 -19.107 1.00 55.72  ? 38  PRO A CB  1 
ATOM   16  C  CG  . PRO A 1 20  ? 4.654   -15.896 -17.895 1.00 58.17  ? 38  PRO A CG  1 
ATOM   17  C  CD  . PRO A 1 20  ? 5.432   -15.399 -16.735 1.00 53.82  ? 38  PRO A CD  1 
ATOM   18  N  N   . ASP A 1 21  ? 8.177   -14.007 -20.278 1.00 48.21  ? 39  ASP A N   1 
ATOM   19  C  CA  . ASP A 1 21  ? 8.867   -12.810 -20.776 1.00 43.99  ? 39  ASP A CA  1 
ATOM   20  C  C   . ASP A 1 21  ? 7.937   -11.626 -21.021 1.00 36.58  ? 39  ASP A C   1 
ATOM   21  O  O   . ASP A 1 21  ? 8.368   -10.479 -20.948 1.00 35.64  ? 39  ASP A O   1 
ATOM   22  C  CB  . ASP A 1 21  ? 9.661   -13.119 -22.054 1.00 52.48  ? 39  ASP A CB  1 
ATOM   23  C  CG  . ASP A 1 21  ? 11.024  -13.733 -21.767 1.00 57.88  ? 39  ASP A CG  1 
ATOM   24  O  OD1 . ASP A 1 21  ? 11.335  -13.993 -20.583 1.00 59.48  ? 39  ASP A OD1 1 
ATOM   25  O  OD2 . ASP A 1 21  ? 11.787  -13.957 -22.733 1.00 55.22  ? 39  ASP A OD2 1 
ATOM   26  N  N   . ARG A 1 22  ? 6.674   -11.912 -21.332 1.00 34.20  ? 40  ARG A N   1 
ATOM   27  C  CA  . ARG A 1 22  ? 5.679   -10.863 -21.508 1.00 30.57  ? 40  ARG A CA  1 
ATOM   28  C  C   . ARG A 1 22  ? 4.413   -11.124 -20.672 1.00 30.66  ? 40  ARG A C   1 
ATOM   29  O  O   . ARG A 1 22  ? 3.797   -12.187 -20.756 1.00 33.65  ? 40  ARG A O   1 
ATOM   30  C  CB  . ARG A 1 22  ? 5.348   -10.668 -22.996 1.00 28.43  ? 40  ARG A CB  1 
ATOM   31  C  CG  . ARG A 1 22  ? 4.599   -9.358  -23.325 1.00 31.26  ? 40  ARG A CG  1 
ATOM   32  C  CD  . ARG A 1 22  ? 4.321   -9.224  -24.832 1.00 32.13  ? 40  ARG A CD  1 
ATOM   33  N  NE  . ARG A 1 22  ? 3.422   -10.276 -25.312 1.00 28.13  ? 40  ARG A NE  1 
ATOM   34  C  CZ  . ARG A 1 22  ? 3.539   -10.905 -26.477 1.00 35.24  ? 40  ARG A CZ  1 
ATOM   35  N  NH1 . ARG A 1 22  ? 4.531   -10.606 -27.314 1.00 31.31  ? 40  ARG A NH1 1 
ATOM   36  N  NH2 . ARG A 1 22  ? 2.668   -11.854 -26.801 1.00 31.78  ? 40  ARG A NH2 1 
ATOM   37  N  N   . CYS A 1 23  ? 4.061   -10.140 -19.857 1.00 21.55  ? 41  CYS A N   1 
ATOM   38  C  CA  . CYS A 1 23  ? 2.796   -10.100 -19.123 1.00 26.15  ? 41  CYS A CA  1 
ATOM   39  C  C   . CYS A 1 23  ? 1.595   -10.465 -19.995 1.00 27.44  ? 41  CYS A C   1 
ATOM   40  O  O   . CYS A 1 23  ? 1.492   -10.033 -21.142 1.00 26.66  ? 41  CYS A O   1 
ATOM   41  C  CB  . CYS A 1 23  ? 2.619   -8.707  -18.511 1.00 24.12  ? 41  CYS A CB  1 
ATOM   42  S  SG  . CYS A 1 23  ? 1.005   -8.329  -17.824 1.00 24.37  ? 41  CYS A SG  1 
ATOM   43  N  N   . GLU A 1 24  ? 0.703   -11.271 -19.427 1.00 25.26  ? 42  GLU A N   1 
ATOM   44  C  CA  . GLU A 1 24  ? -0.504  -11.753 -20.106 1.00 28.40  ? 42  GLU A CA  1 
ATOM   45  C  C   . GLU A 1 24  ? -1.732  -11.211 -19.378 1.00 23.25  ? 42  GLU A C   1 
ATOM   46  O  O   . GLU A 1 24  ? -2.257  -11.848 -18.444 1.00 24.85  ? 42  GLU A O   1 
ATOM   47  C  CB  . GLU A 1 24  ? -0.517  -13.278 -20.153 1.00 30.24  ? 42  GLU A CB  1 
ATOM   48  C  CG  . GLU A 1 24  ? 0.700   -13.871 -20.858 1.00 34.91  ? 42  GLU A CG  1 
ATOM   49  C  CD  . GLU A 1 24  ? 0.717   -15.386 -20.843 1.00 45.68  ? 42  GLU A CD  1 
ATOM   50  O  OE1 . GLU A 1 24  ? -0.330  -15.991 -20.540 1.00 44.79  ? 42  GLU A OE1 1 
ATOM   51  O  OE2 . GLU A 1 24  ? 1.776   -15.975 -21.156 1.00 50.61  ? 42  GLU A OE2 1 
ATOM   52  N  N   . PRO A 1 25  ? -2.183  -10.011 -19.783 1.00 25.81  ? 43  PRO A N   1 
ATOM   53  C  CA  . PRO A 1 25  ? -3.170  -9.244  -19.020 1.00 30.57  ? 43  PRO A CA  1 
ATOM   54  C  C   . PRO A 1 25  ? -4.524  -9.916  -18.914 1.00 26.84  ? 43  PRO A C   1 
ATOM   55  O  O   . PRO A 1 25  ? -5.240  -9.696  -17.941 1.00 23.11  ? 43  PRO A O   1 
ATOM   56  C  CB  . PRO A 1 25  ? -3.317  -7.947  -19.830 1.00 33.87  ? 43  PRO A CB  1 
ATOM   57  C  CG  . PRO A 1 25  ? -2.167  -7.919  -20.720 1.00 32.59  ? 43  PRO A CG  1 
ATOM   58  C  CD  . PRO A 1 25  ? -1.806  -9.318  -21.023 1.00 22.54  ? 43  PRO A CD  1 
ATOM   59  N  N   . ALA A 1 26  ? -4.886  -10.715 -19.911 1.00 31.60  ? 44  ALA A N   1 
ATOM   60  C  CA  . ALA A 1 26  ? -6.188  -11.373 -19.920 1.00 35.00  ? 44  ALA A CA  1 
ATOM   61  C  C   . ALA A 1 26  ? -6.265  -12.467 -18.858 1.00 32.09  ? 44  ALA A C   1 
ATOM   62  O  O   . ALA A 1 26  ? -7.323  -13.030 -18.619 1.00 38.71  ? 44  ALA A O   1 
ATOM   63  C  CB  . ALA A 1 26  ? -6.493  -11.939 -21.312 1.00 36.96  ? 44  ALA A CB  1 
ATOM   64  N  N   . ARG A 1 27  ? -5.128  -12.756 -18.229 1.00 37.58  ? 45  ARG A N   1 
ATOM   65  C  CA  . ARG A 1 27  ? -5.049  -13.742 -17.163 1.00 38.17  ? 45  ARG A CA  1 
ATOM   66  C  C   . ARG A 1 27  ? -5.024  -13.106 -15.773 1.00 40.20  ? 45  ARG A C   1 
ATOM   67  O  O   . ARG A 1 27  ? -4.884  -13.809 -14.772 1.00 35.70  ? 45  ARG A O   1 
ATOM   68  C  CB  . ARG A 1 27  ? -3.805  -14.607 -17.340 1.00 39.15  ? 45  ARG A CB  1 
ATOM   69  C  CG  . ARG A 1 27  ? -4.021  -15.829 -18.203 1.00 47.65  ? 45  ARG A CG  1 
ATOM   70  C  CD  . ARG A 1 27  ? -2.697  -16.497 -18.551 1.00 55.16  ? 45  ARG A CD  1 
ATOM   71  N  NE  . ARG A 1 27  ? -1.925  -16.895 -17.374 1.00 62.96  ? 45  ARG A NE  1 
ATOM   72  C  CZ  . ARG A 1 27  ? -1.906  -18.122 -16.856 1.00 71.99  ? 45  ARG A CZ  1 
ATOM   73  N  NH1 . ARG A 1 27  ? -2.616  -19.105 -17.401 1.00 72.87  ? 45  ARG A NH1 1 
ATOM   74  N  NH2 . ARG A 1 27  ? -1.166  -18.370 -15.782 1.00 74.76  ? 45  ARG A NH2 1 
ATOM   75  N  N   . CYS A 1 28  ? -5.168  -11.785 -15.708 1.00 26.03  ? 46  CYS A N   1 
ATOM   76  C  CA  . CYS A 1 28  ? -5.066  -11.086 -14.430 1.00 24.96  ? 46  CYS A CA  1 
ATOM   77  C  C   . CYS A 1 28  ? -6.346  -11.197 -13.608 1.00 26.03  ? 46  CYS A C   1 
ATOM   78  O  O   . CYS A 1 28  ? -7.430  -10.977 -14.125 1.00 30.66  ? 46  CYS A O   1 
ATOM   79  C  CB  . CYS A 1 28  ? -4.647  -9.620  -14.644 1.00 22.48  ? 46  CYS A CB  1 
ATOM   80  S  SG  . CYS A 1 28  ? -2.952  -9.472  -15.177 1.00 24.59  ? 46  CYS A SG  1 
ATOM   81  N  N   . PRO A 1 29  ? -6.222  -11.542 -12.310 1.00 31.62  ? 47  PRO A N   1 
ATOM   82  C  CA  . PRO A 1 29  ? -7.413  -11.749 -11.498 1.00 28.39  ? 47  PRO A CA  1 
ATOM   83  C  C   . PRO A 1 29  ? -8.135  -10.441 -11.206 1.00 27.12  ? 47  PRO A C   1 
ATOM   84  O  O   . PRO A 1 29  ? -7.498  -9.399  -11.088 1.00 29.58  ? 47  PRO A O   1 
ATOM   85  C  CB  . PRO A 1 29  ? -6.862  -12.368 -10.208 1.00 31.10  ? 47  PRO A CB  1 
ATOM   86  C  CG  . PRO A 1 29  ? -5.469  -11.942 -10.147 1.00 33.68  ? 47  PRO A CG  1 
ATOM   87  C  CD  . PRO A 1 29  ? -4.988  -11.818 -11.555 1.00 29.42  ? 47  PRO A CD  1 
ATOM   88  N  N   . PRO A 1 30  ? -9.466  -10.492 -11.102 1.00 28.70  ? 48  PRO A N   1 
ATOM   89  C  CA  . PRO A 1 30  ? -10.220 -9.322  -10.715 1.00 23.20  ? 48  PRO A CA  1 
ATOM   90  C  C   . PRO A 1 30  ? -9.866  -8.909  -9.276  1.00 23.52  ? 48  PRO A C   1 
ATOM   91  O  O   . PRO A 1 30  ? -9.463  -9.742  -8.466  1.00 28.19  ? 48  PRO A O   1 
ATOM   92  C  CB  . PRO A 1 30  ? -11.658 -9.816  -10.784 1.00 26.08  ? 48  PRO A CB  1 
ATOM   93  C  CG  . PRO A 1 30  ? -11.551 -11.272 -10.482 1.00 26.57  ? 48  PRO A CG  1 
ATOM   94  C  CD  . PRO A 1 30  ? -10.334 -11.680 -11.228 1.00 29.99  ? 48  PRO A CD  1 
ATOM   95  N  N   . GLN A 1 31  ? -10.033 -7.634  -8.974  1.00 21.71  ? 49  GLN A N   1 
ATOM   96  C  CA  . GLN A 1 31  ? -9.518  -7.068  -7.727  1.00 20.33  ? 49  GLN A CA  1 
ATOM   97  C  C   . GLN A 1 31  ? -10.646 -6.441  -6.906  1.00 25.84  ? 49  GLN A C   1 
ATOM   98  O  O   . GLN A 1 31  ? -11.688 -6.095  -7.465  1.00 25.03  ? 49  GLN A O   1 
ATOM   99  C  CB  . GLN A 1 31  ? -8.444  -6.021  -8.062  1.00 27.55  ? 49  GLN A CB  1 
ATOM   100 C  CG  . GLN A 1 31  ? -7.155  -6.626  -8.623  1.00 29.15  ? 49  GLN A CG  1 
ATOM   101 C  CD  . GLN A 1 31  ? -6.465  -7.533  -7.612  1.00 26.91  ? 49  GLN A CD  1 
ATOM   102 O  OE1 . GLN A 1 31  ? -6.110  -7.101  -6.514  1.00 29.27  ? 49  GLN A OE1 1 
ATOM   103 N  NE2 . GLN A 1 31  ? -6.297  -8.799  -7.967  1.00 23.95  ? 49  GLN A NE2 1 
ATOM   104 N  N   . PRO A 1 32  ? -10.457 -6.311  -5.575  1.00 24.00  ? 50  PRO A N   1 
ATOM   105 C  CA  . PRO A 1 32  ? -11.421 -5.584  -4.758  1.00 28.89  ? 50  PRO A CA  1 
ATOM   106 C  C   . PRO A 1 32  ? -11.355 -4.078  -5.031  1.00 30.44  ? 50  PRO A C   1 
ATOM   107 O  O   . PRO A 1 32  ? -10.345 -3.593  -5.532  1.00 30.14  ? 50  PRO A O   1 
ATOM   108 C  CB  . PRO A 1 32  ? -10.949 -5.883  -3.326  1.00 22.72  ? 50  PRO A CB  1 
ATOM   109 C  CG  . PRO A 1 32  ? -9.487  -6.022  -3.462  1.00 17.56  ? 50  PRO A CG  1 
ATOM   110 C  CD  . PRO A 1 32  ? -9.315  -6.779  -4.766  1.00 19.75  ? 50  PRO A CD  1 
ATOM   111 N  N   . GLU A 1 33  ? -12.420 -3.353  -4.690  1.00 32.87  ? 51  GLU A N   1 
ATOM   112 C  CA  . GLU A 1 33  ? -12.459 -1.899  -4.866  1.00 33.66  ? 51  GLU A CA  1 
ATOM   113 C  C   . GLU A 1 33  ? -11.358 -1.200  -4.081  1.00 32.66  ? 51  GLU A C   1 
ATOM   114 O  O   . GLU A 1 33  ? -10.759 -0.249  -4.572  1.00 32.06  ? 51  GLU A O   1 
ATOM   115 C  CB  . GLU A 1 33  ? -13.835 -1.332  -4.495  1.00 39.77  ? 51  GLU A CB  1 
ATOM   116 C  CG  . GLU A 1 33  ? -14.916 -1.650  -5.525  1.00 50.71  ? 51  GLU A CG  1 
ATOM   117 C  CD  . GLU A 1 33  ? -16.209 -0.884  -5.308  1.00 60.30  ? 51  GLU A CD  1 
ATOM   118 O  OE1 . GLU A 1 33  ? -16.326 -0.159  -4.292  1.00 60.77  ? 51  GLU A OE1 1 
ATOM   119 O  OE2 . GLU A 1 33  ? -17.112 -1.009  -6.166  1.00 63.22  ? 51  GLU A OE2 1 
ATOM   120 N  N   . HIS A 1 34  ? -11.092 -1.676  -2.866  1.00 24.12  ? 52  HIS A N   1 
ATOM   121 C  CA  . HIS A 1 34  ? -10.017 -1.133  -2.045  1.00 28.09  ? 52  HIS A CA  1 
ATOM   122 C  C   . HIS A 1 34  ? -9.185  -2.239  -1.403  1.00 28.68  ? 52  HIS A C   1 
ATOM   123 O  O   . HIS A 1 34  ? -9.707  -3.289  -1.036  1.00 24.48  ? 52  HIS A O   1 
ATOM   124 C  CB  . HIS A 1 34  ? -10.585 -0.219  -0.956  1.00 33.81  ? 52  HIS A CB  1 
ATOM   125 C  CG  . HIS A 1 34  ? -11.345 0.953   -1.493  1.00 38.17  ? 52  HIS A CG  1 
ATOM   126 N  ND1 . HIS A 1 34  ? -12.722 1.005   -1.505  1.00 40.48  ? 52  HIS A ND1 1 
ATOM   127 C  CD2 . HIS A 1 34  ? -10.919 2.110   -2.051  1.00 39.40  ? 52  HIS A CD2 1 
ATOM   128 C  CE1 . HIS A 1 34  ? -13.112 2.144   -2.048  1.00 38.01  ? 52  HIS A CE1 1 
ATOM   129 N  NE2 . HIS A 1 34  ? -12.037 2.835   -2.385  1.00 35.72  ? 52  HIS A NE2 1 
ATOM   130 N  N   . CYS A 1 35  ? -7.894  -1.977  -1.255  1.00 27.75  ? 53  CYS A N   1 
ATOM   131 C  CA  . CYS A 1 35  ? -6.968  -2.915  -0.633  1.00 29.66  ? 53  CYS A CA  1 
ATOM   132 C  C   . CYS A 1 35  ? -6.505  -2.347  0.690   1.00 28.18  ? 53  CYS A C   1 
ATOM   133 O  O   . CYS A 1 35  ? -6.190  -1.162  0.779   1.00 26.43  ? 53  CYS A O   1 
ATOM   134 C  CB  . CYS A 1 35  ? -5.747  -3.140  -1.525  1.00 20.05  ? 53  CYS A CB  1 
ATOM   135 S  SG  . CYS A 1 35  ? -6.068  -3.939  -3.085  1.00 27.37  ? 53  CYS A SG  1 
ATOM   136 N  N   . GLU A 1 36  ? -6.452  -3.212  1.702   1.00 31.06  ? 54  GLU A N   1 
ATOM   137 C  CA  . GLU A 1 36  ? -5.947  -2.885  3.041   1.00 30.73  ? 54  GLU A CA  1 
ATOM   138 C  C   . GLU A 1 36  ? -4.600  -2.149  2.993   1.00 25.61  ? 54  GLU A C   1 
ATOM   139 O  O   . GLU A 1 36  ? -4.442  -1.085  3.585   1.00 25.72  ? 54  GLU A O   1 
ATOM   140 C  CB  . GLU A 1 36  ? -5.850  -4.183  3.879   1.00 38.82  ? 54  GLU A CB  1 
ATOM   141 C  CG  . GLU A 1 36  ? -5.302  -4.029  5.304   1.00 53.46  ? 54  GLU A CG  1 
ATOM   142 C  CD  . GLU A 1 36  ? -5.180  -5.361  6.071   1.00 56.86  ? 54  GLU A CD  1 
ATOM   143 O  OE1 . GLU A 1 36  ? -5.556  -6.429  5.532   1.00 50.93  ? 54  GLU A OE1 1 
ATOM   144 O  OE2 . GLU A 1 36  ? -4.699  -5.333  7.224   1.00 57.67  ? 54  GLU A OE2 1 
ATOM   145 N  N   . GLY A 1 37  ? -3.632  -2.700  2.268   1.00 25.23  ? 55  GLY A N   1 
ATOM   146 C  CA  . GLY A 1 37  ? -2.320  -2.064  2.176   1.00 24.63  ? 55  GLY A CA  1 
ATOM   147 C  C   . GLY A 1 37  ? -2.081  -1.317  0.881   1.00 27.08  ? 55  GLY A C   1 
ATOM   148 O  O   . GLY A 1 37  ? -0.928  -1.040  0.520   1.00 25.82  ? 55  GLY A O   1 
ATOM   149 N  N   . GLY A 1 38  ? -3.168  -0.990  0.187   1.00 24.96  ? 56  GLY A N   1 
ATOM   150 C  CA  . GLY A 1 38  ? -3.093  -0.303  -1.104  1.00 20.41  ? 56  GLY A CA  1 
ATOM   151 C  C   . GLY A 1 38  ? -2.731  -1.217  -2.258  1.00 30.60  ? 56  GLY A C   1 
ATOM   152 O  O   . GLY A 1 38  ? -2.706  -2.448  -2.113  1.00 24.02  ? 56  GLY A O   1 
ATOM   153 N  N   . ARG A 1 39  ? -2.440  -0.604  -3.404  1.00 26.05  ? 57  ARG A N   1 
ATOM   154 C  CA  . ARG A 1 39  ? -2.236  -1.326  -4.664  1.00 25.52  ? 57  ARG A CA  1 
ATOM   155 C  C   . ARG A 1 39  ? -0.787  -1.724  -4.851  1.00 20.89  ? 57  ARG A C   1 
ATOM   156 O  O   . ARG A 1 39  ? 0.114   -1.143  -4.247  1.00 25.31  ? 57  ARG A O   1 
ATOM   157 C  CB  . ARG A 1 39  ? -2.677  -0.466  -5.875  1.00 27.27  ? 57  ARG A CB  1 
ATOM   158 C  CG  . ARG A 1 39  ? -4.104  0.132   -5.797  1.00 33.89  ? 57  ARG A CG  1 
ATOM   159 C  CD  . ARG A 1 39  ? -5.201  -0.938  -5.825  1.00 42.11  ? 57  ARG A CD  1 
ATOM   160 N  NE  . ARG A 1 39  ? -6.547  -0.366  -5.909  1.00 46.07  ? 57  ARG A NE  1 
ATOM   161 C  CZ  . ARG A 1 39  ? -7.673  -1.073  -6.014  1.00 47.31  ? 57  ARG A CZ  1 
ATOM   162 N  NH1 . ARG A 1 39  ? -7.652  -2.407  -6.048  1.00 38.03  ? 57  ARG A NH1 1 
ATOM   163 N  NH2 . ARG A 1 39  ? -8.833  -0.433  -6.095  1.00 48.09  ? 57  ARG A NH2 1 
ATOM   164 N  N   . ALA A 1 40  ? -0.576  -2.724  -5.700  1.00 21.82  ? 58  ALA A N   1 
ATOM   165 C  CA  . ALA A 1 40  ? 0.753   -3.168  -6.073  1.00 20.87  ? 58  ALA A CA  1 
ATOM   166 C  C   . ALA A 1 40  ? 0.660   -3.981  -7.348  1.00 18.10  ? 58  ALA A C   1 
ATOM   167 O  O   . ALA A 1 40  ? -0.442  -4.303  -7.814  1.00 21.60  ? 58  ALA A O   1 
ATOM   168 C  CB  . ALA A 1 40  ? 1.379   -4.027  -4.939  1.00 22.84  ? 58  ALA A CB  1 
ATOM   169 N  N   . ARG A 1 41  ? 1.818   -4.337  -7.889  1.00 21.90  ? 59  ARG A N   1 
ATOM   170 C  CA  . ARG A 1 41  ? 1.907   -5.295  -8.994  1.00 21.12  ? 59  ARG A CA  1 
ATOM   171 C  C   . ARG A 1 41  ? 2.425   -6.636  -8.482  1.00 26.02  ? 59  ARG A C   1 
ATOM   172 O  O   . ARG A 1 41  ? 3.122   -6.697  -7.459  1.00 28.85  ? 59  ARG A O   1 
ATOM   173 C  CB  . ARG A 1 41  ? 2.821   -4.768  -10.110 1.00 25.21  ? 59  ARG A CB  1 
ATOM   174 C  CG  . ARG A 1 41  ? 2.245   -3.581  -10.914 1.00 25.38  ? 59  ARG A CG  1 
ATOM   175 C  CD  . ARG A 1 41  ? 1.050   -3.993  -11.789 1.00 30.15  ? 59  ARG A CD  1 
ATOM   176 N  NE  . ARG A 1 41  ? 0.092   -2.900  -11.938 1.00 26.87  ? 59  ARG A NE  1 
ATOM   177 C  CZ  . ARG A 1 41  ? -0.845  -2.824  -12.880 1.00 26.61  ? 59  ARG A CZ  1 
ATOM   178 N  NH1 . ARG A 1 41  ? -0.980  -3.780  -13.799 1.00 26.03  ? 59  ARG A NH1 1 
ATOM   179 N  NH2 . ARG A 1 41  ? -1.656  -1.775  -12.906 1.00 25.02  ? 59  ARG A NH2 1 
ATOM   180 N  N   . ASP A 1 42  ? 2.084   -7.705  -9.192  1.00 25.45  ? 60  ASP A N   1 
ATOM   181 C  CA  . ASP A 1 42  ? 2.587   -9.030  -8.854  1.00 28.44  ? 60  ASP A CA  1 
ATOM   182 C  C   . ASP A 1 42  ? 4.097   -9.118  -9.084  1.00 33.89  ? 60  ASP A C   1 
ATOM   183 O  O   . ASP A 1 42  ? 4.706   -8.188  -9.623  1.00 28.89  ? 60  ASP A O   1 
ATOM   184 C  CB  . ASP A 1 42  ? 1.803   -10.130 -9.601  1.00 27.75  ? 60  ASP A CB  1 
ATOM   185 C  CG  . ASP A 1 42  ? 1.995   -10.089 -11.114 1.00 23.01  ? 60  ASP A CG  1 
ATOM   186 O  OD1 . ASP A 1 42  ? 3.057   -9.658  -11.611 1.00 25.11  ? 60  ASP A OD1 1 
ATOM   187 O  OD2 . ASP A 1 42  ? 1.071   -10.531 -11.818 1.00 23.28  ? 60  ASP A OD2 1 
ATOM   188 N  N   . ALA A 1 43  ? 4.703   -10.232 -8.680  1.00 35.41  ? 61  ALA A N   1 
ATOM   189 C  CA  . ALA A 1 43  ? 6.163   -10.375 -8.737  1.00 37.30  ? 61  ALA A CA  1 
ATOM   190 C  C   . ALA A 1 43  ? 6.728   -10.343 -10.160 1.00 37.97  ? 61  ALA A C   1 
ATOM   191 O  O   . ALA A 1 43  ? 7.920   -10.101 -10.356 1.00 39.81  ? 61  ALA A O   1 
ATOM   192 C  CB  . ALA A 1 43  ? 6.612   -11.643 -7.992  1.00 42.93  ? 61  ALA A CB  1 
ATOM   193 N  N   . CYS A 1 44  ? 5.864   -10.576 -11.147 1.00 34.74  ? 62  CYS A N   1 
ATOM   194 C  CA  . CYS A 1 44  ? 6.241   -10.485 -12.553 1.00 38.16  ? 62  CYS A CA  1 
ATOM   195 C  C   . CYS A 1 44  ? 6.063   -9.063  -13.116 1.00 35.30  ? 62  CYS A C   1 
ATOM   196 O  O   . CYS A 1 44  ? 6.391   -8.804  -14.276 1.00 34.70  ? 62  CYS A O   1 
ATOM   197 C  CB  . CYS A 1 44  ? 5.444   -11.509 -13.377 1.00 41.03  ? 62  CYS A CB  1 
ATOM   198 S  SG  . CYS A 1 44  ? 5.726   -13.234 -12.837 1.00 43.67  ? 62  CYS A SG  1 
ATOM   199 N  N   . GLY A 1 45  ? 5.573   -8.147  -12.279 1.00 27.44  ? 63  GLY A N   1 
ATOM   200 C  CA  . GLY A 1 45  ? 5.249   -6.782  -12.714 1.00 28.23  ? 63  GLY A CA  1 
ATOM   201 C  C   . GLY A 1 45  ? 4.147   -6.769  -13.766 1.00 25.84  ? 63  GLY A C   1 
ATOM   202 O  O   . GLY A 1 45  ? 4.114   -5.897  -14.636 1.00 26.83  ? 63  GLY A O   1 
ATOM   203 N  N   . CYS A 1 46  ? 3.246   -7.743  -13.677 1.00 23.06  ? 64  CYS A N   1 
ATOM   204 C  CA  . CYS A 1 46  ? 2.157   -7.885  -14.635 1.00 22.04  ? 64  CYS A CA  1 
ATOM   205 C  C   . CYS A 1 46  ? 0.816   -7.368  -14.094 1.00 22.23  ? 64  CYS A C   1 
ATOM   206 O  O   . CYS A 1 46  ? 0.346   -6.303  -14.503 1.00 19.84  ? 64  CYS A O   1 
ATOM   207 C  CB  . CYS A 1 46  ? 2.071   -9.340  -15.128 1.00 22.43  ? 64  CYS A CB  1 
ATOM   208 S  SG  . CYS A 1 46  ? 0.742   -9.690  -16.324 1.00 23.88  ? 64  CYS A SG  1 
ATOM   209 N  N   . CYS A 1 47  ? 0.203   -8.104  -13.172 1.00 21.03  ? 65  CYS A N   1 
ATOM   210 C  CA  . CYS A 1 47  ? -1.154  -7.786  -12.731 1.00 22.20  ? 65  CYS A CA  1 
ATOM   211 C  C   . CYS A 1 47  ? -1.177  -6.887  -11.511 1.00 22.33  ? 65  CYS A C   1 
ATOM   212 O  O   . CYS A 1 47  ? -0.312  -6.965  -10.639 1.00 23.06  ? 65  CYS A O   1 
ATOM   213 C  CB  . CYS A 1 47  ? -1.940  -9.059  -12.382 1.00 28.10  ? 65  CYS A CB  1 
ATOM   214 S  SG  . CYS A 1 47  ? -1.916  -10.330 -13.640 1.00 24.94  ? 65  CYS A SG  1 
ATOM   215 N  N   . GLU A 1 48  ? -2.209  -6.062  -11.448 1.00 23.56  ? 66  GLU A N   1 
ATOM   216 C  CA  . GLU A 1 48  ? -2.519  -5.301  -10.255 1.00 28.16  ? 66  GLU A CA  1 
ATOM   217 C  C   . GLU A 1 48  ? -3.031  -6.263  -9.176  1.00 26.95  ? 66  GLU A C   1 
ATOM   218 O  O   . GLU A 1 48  ? -3.886  -7.107  -9.447  1.00 29.87  ? 66  GLU A O   1 
ATOM   219 C  CB  . GLU A 1 48  ? -3.573  -4.257  -10.600 1.00 36.67  ? 66  GLU A CB  1 
ATOM   220 C  CG  . GLU A 1 48  ? -3.390  -2.940  -9.894  1.00 50.74  ? 66  GLU A CG  1 
ATOM   221 C  CD  . GLU A 1 48  ? -4.195  -2.858  -8.636  1.00 57.71  ? 66  GLU A CD  1 
ATOM   222 O  OE1 . GLU A 1 48  ? -5.439  -2.757  -8.735  1.00 67.70  ? 66  GLU A OE1 1 
ATOM   223 O  OE2 . GLU A 1 48  ? -3.586  -2.892  -7.547  1.00 58.38  ? 66  GLU A OE2 1 
ATOM   224 N  N   . VAL A 1 49  ? -2.478  -6.155  -7.971  1.00 19.22  ? 67  VAL A N   1 
ATOM   225 C  CA  . VAL A 1 49  ? -2.844  -7.018  -6.830  1.00 25.97  ? 67  VAL A CA  1 
ATOM   226 C  C   . VAL A 1 49  ? -2.871  -6.165  -5.561  1.00 28.09  ? 67  VAL A C   1 
ATOM   227 O  O   . VAL A 1 49  ? -2.321  -5.064  -5.553  1.00 22.78  ? 67  VAL A O   1 
ATOM   228 C  CB  . VAL A 1 49  ? -1.853  -8.228  -6.614  1.00 26.21  ? 67  VAL A CB  1 
ATOM   229 C  CG1 . VAL A 1 49  ? -1.752  -9.111  -7.853  1.00 25.19  ? 67  VAL A CG1 1 
ATOM   230 C  CG2 . VAL A 1 49  ? -0.453  -7.753  -6.156  1.00 24.41  ? 67  VAL A CG2 1 
ATOM   231 N  N   . CYS A 1 50  ? -3.500  -6.651  -4.489  1.00 18.83  ? 68  CYS A N   1 
ATOM   232 C  CA  . CYS A 1 50  ? -3.411  -5.919  -3.226  1.00 18.87  ? 68  CYS A CA  1 
ATOM   233 C  C   . CYS A 1 50  ? -2.021  -6.087  -2.656  1.00 19.37  ? 68  CYS A C   1 
ATOM   234 O  O   . CYS A 1 50  ? -1.462  -7.184  -2.681  1.00 21.25  ? 68  CYS A O   1 
ATOM   235 C  CB  . CYS A 1 50  ? -4.464  -6.389  -2.213  1.00 22.27  ? 68  CYS A CB  1 
ATOM   236 S  SG  . CYS A 1 50  ? -6.164  -5.937  -2.635  1.00 27.41  ? 68  CYS A SG  1 
ATOM   237 N  N   . GLY A 1 51  ? -1.459  -4.998  -2.145  1.00 19.15  ? 69  GLY A N   1 
ATOM   238 C  CA  . GLY A 1 51  ? -0.142  -5.053  -1.535  1.00 23.81  ? 69  GLY A CA  1 
ATOM   239 C  C   . GLY A 1 51  ? -0.224  -5.209  -0.030  1.00 25.42  ? 69  GLY A C   1 
ATOM   240 O  O   . GLY A 1 51  ? -1.239  -4.881  0.591   1.00 28.66  ? 69  GLY A O   1 
ATOM   241 N  N   . ALA A 1 52  ? 0.852   -5.722  0.553   1.00 22.39  ? 70  ALA A N   1 
ATOM   242 C  CA  . ALA A 1 52  ? 0.970   -5.856  2.001   1.00 24.37  ? 70  ALA A CA  1 
ATOM   243 C  C   . ALA A 1 52  ? 1.058   -4.475  2.655   1.00 25.63  ? 70  ALA A C   1 
ATOM   244 O  O   . ALA A 1 52  ? 1.726   -3.589  2.132   1.00 23.34  ? 70  ALA A O   1 
ATOM   245 C  CB  . ALA A 1 52  ? 2.188   -6.687  2.347   1.00 28.21  ? 70  ALA A CB  1 
ATOM   246 N  N   . PRO A 1 53  ? 0.356   -4.284  3.785   1.00 28.38  ? 71  PRO A N   1 
ATOM   247 C  CA  . PRO A 1 53  ? 0.405   -3.042  4.547   1.00 23.73  ? 71  PRO A CA  1 
ATOM   248 C  C   . PRO A 1 53  ? 1.715   -2.800  5.297   1.00 24.25  ? 71  PRO A C   1 
ATOM   249 O  O   . PRO A 1 53  ? 2.538   -3.706  5.439   1.00 22.34  ? 71  PRO A O   1 
ATOM   250 C  CB  . PRO A 1 53  ? -0.746  -3.207  5.553   1.00 25.98  ? 71  PRO A CB  1 
ATOM   251 C  CG  . PRO A 1 53  ? -0.971  -4.675  5.656   1.00 30.36  ? 71  PRO A CG  1 
ATOM   252 C  CD  . PRO A 1 53  ? -0.708  -5.181  4.273   1.00 26.08  ? 71  PRO A CD  1 
ATOM   253 N  N   . GLU A 1 54  ? 1.900   -1.571  5.776   1.00 24.12  ? 72  GLU A N   1 
ATOM   254 C  CA  . GLU A 1 54  ? 3.039   -1.238  6.625   1.00 25.25  ? 72  GLU A CA  1 
ATOM   255 C  C   . GLU A 1 54  ? 3.076   -2.175  7.814   1.00 25.07  ? 72  GLU A C   1 
ATOM   256 O  O   . GLU A 1 54  ? 2.044   -2.449  8.442   1.00 26.80  ? 72  GLU A O   1 
ATOM   257 C  CB  . GLU A 1 54  ? 2.960   0.215   7.126   1.00 29.11  ? 72  GLU A CB  1 
ATOM   258 C  CG  . GLU A 1 54  ? 4.260   0.735   7.745   1.00 35.76  ? 72  GLU A CG  1 
ATOM   259 C  CD  . GLU A 1 54  ? 4.108   2.092   8.433   1.00 40.84  ? 72  GLU A CD  1 
ATOM   260 O  OE1 . GLU A 1 54  ? 3.035   2.718   8.331   1.00 42.85  ? 72  GLU A OE1 1 
ATOM   261 O  OE2 . GLU A 1 54  ? 5.074   2.526   9.082   1.00 44.99  ? 72  GLU A OE2 1 
ATOM   262 N  N   . GLY A 1 55  ? 4.272   -2.672  8.105   1.00 22.59  ? 73  GLY A N   1 
ATOM   263 C  CA  . GLY A 1 55  ? 4.486   -3.574  9.224   1.00 21.38  ? 73  GLY A CA  1 
ATOM   264 C  C   . GLY A 1 55  ? 4.102   -5.018  8.964   1.00 23.71  ? 73  GLY A C   1 
ATOM   265 O  O   . GLY A 1 55  ? 4.297   -5.858  9.823   1.00 22.30  ? 73  GLY A O   1 
ATOM   266 N  N   . ALA A 1 56  ? 3.557   -5.314  7.786   1.00 25.31  ? 74  ALA A N   1 
ATOM   267 C  CA  . ALA A 1 56  ? 3.214   -6.693  7.430   1.00 25.53  ? 74  ALA A CA  1 
ATOM   268 C  C   . ALA A 1 56  ? 4.341   -7.401  6.673   1.00 25.72  ? 74  ALA A C   1 
ATOM   269 O  O   . ALA A 1 56  ? 5.228   -6.758  6.131   1.00 20.73  ? 74  ALA A O   1 
ATOM   270 C  CB  . ALA A 1 56  ? 1.930   -6.730  6.614   1.00 20.20  ? 74  ALA A CB  1 
ATOM   271 N  N   . ALA A 1 57  ? 4.272   -8.727  6.627   1.00 19.41  ? 75  ALA A N   1 
ATOM   272 C  CA  . ALA A 1 57  ? 5.288   -9.558  5.980   1.00 20.35  ? 75  ALA A CA  1 
ATOM   273 C  C   . ALA A 1 57  ? 5.219   -9.438  4.466   1.00 22.72  ? 75  ALA A C   1 
ATOM   274 O  O   . ALA A 1 57  ? 4.140   -9.353  3.892   1.00 21.40  ? 75  ALA A O   1 
ATOM   275 C  CB  . ALA A 1 57  ? 5.115   -11.018 6.393   1.00 17.24  ? 75  ALA A CB  1 
ATOM   276 N  N   . CYS A 1 58  ? 6.384   -9.422  3.825   1.00 18.45  ? 76  CYS A N   1 
ATOM   277 C  CA  . CYS A 1 58  ? 6.446   -9.306  2.379   1.00 18.05  ? 76  CYS A CA  1 
ATOM   278 C  C   . CYS A 1 58  ? 7.482   -10.256 1.806   1.00 21.12  ? 76  CYS A C   1 
ATOM   279 O  O   . CYS A 1 58  ? 8.353   -10.750 2.523   1.00 23.55  ? 76  CYS A O   1 
ATOM   280 C  CB  . CYS A 1 58  ? 6.777   -7.866  1.952   1.00 19.17  ? 76  CYS A CB  1 
ATOM   281 S  SG  . CYS A 1 58  ? 8.188   -7.125  2.815   1.00 22.92  ? 76  CYS A SG  1 
ATOM   282 N  N   . GLY A 1 59  ? 7.414   -10.463 0.497   1.00 22.78  ? 77  GLY A N   1 
ATOM   283 C  CA  . GLY A 1 59  ? 8.438   -11.237 -0.187  1.00 27.50  ? 77  GLY A CA  1 
ATOM   284 C  C   . GLY A 1 59  ? 8.030   -12.682 -0.348  1.00 43.63  ? 77  GLY A C   1 
ATOM   285 O  O   . GLY A 1 59  ? 7.406   -13.276 0.558   1.00 42.08  ? 77  GLY A O   1 
ATOM   286 N  N   . LEU A 1 60  ? 8.396   -13.241 -1.504  1.00 44.47  ? 78  LEU A N   1 
ATOM   287 C  CA  . LEU A 1 60  ? 8.187   -14.655 -1.819  1.00 46.57  ? 78  LEU A CA  1 
ATOM   288 C  C   . LEU A 1 60  ? 6.720   -15.046 -1.689  1.00 45.63  ? 78  LEU A C   1 
ATOM   289 O  O   . LEU A 1 60  ? 5.882   -14.648 -2.503  1.00 42.56  ? 78  LEU A O   1 
ATOM   290 C  CB  . LEU A 1 60  ? 9.065   -15.549 -0.921  1.00 50.81  ? 78  LEU A CB  1 
ATOM   291 C  CG  . LEU A 1 60  ? 10.585  -15.568 -1.128  1.00 55.42  ? 78  LEU A CG  1 
ATOM   292 C  CD1 . LEU A 1 60  ? 11.291  -16.167 0.089   1.00 56.27  ? 78  LEU A CD1 1 
ATOM   293 C  CD2 . LEU A 1 60  ? 10.964  -16.323 -2.396  1.00 54.04  ? 78  LEU A CD2 1 
ATOM   294 N  N   . GLN A 1 61  ? 6.426   -15.817 -0.645  1.00 43.52  ? 79  GLN A N   1 
ATOM   295 C  CA  . GLN A 1 61  ? 5.076   -16.258 -0.350  1.00 37.50  ? 79  GLN A CA  1 
ATOM   296 C  C   . GLN A 1 61  ? 4.155   -15.133 0.108   1.00 35.66  ? 79  GLN A C   1 
ATOM   297 O  O   . GLN A 1 61  ? 2.948   -15.155 -0.152  1.00 36.85  ? 79  GLN A O   1 
ATOM   298 C  CB  . GLN A 1 61  ? 5.088   -17.402 0.685   1.00 50.05  ? 79  GLN A CB  1 
ATOM   299 C  CG  . GLN A 1 61  ? 6.009   -17.282 1.913   1.00 49.28  ? 79  GLN A CG  1 
ATOM   300 C  CD  . GLN A 1 61  ? 5.786   -18.422 2.941   1.00 49.80  ? 79  GLN A CD  1 
ATOM   301 O  OE1 . GLN A 1 61  ? 5.838   -19.613 2.607   1.00 44.08  ? 79  GLN A OE1 1 
ATOM   302 N  NE2 . GLN A 1 61  ? 5.547   -18.047 4.196   1.00 44.87  ? 79  GLN A NE2 1 
ATOM   303 N  N   . GLU A 1 62  ? 4.731   -14.142 0.776   1.00 27.01  ? 80  GLU A N   1 
ATOM   304 C  CA  . GLU A 1 62  ? 3.942   -13.109 1.445   1.00 25.24  ? 80  GLU A CA  1 
ATOM   305 C  C   . GLU A 1 62  ? 3.485   -11.986 0.499   1.00 28.18  ? 80  GLU A C   1 
ATOM   306 O  O   . GLU A 1 62  ? 2.575   -11.227 0.832   1.00 30.16  ? 80  GLU A O   1 
ATOM   307 C  CB  . GLU A 1 62  ? 4.725   -12.561 2.644   1.00 21.70  ? 80  GLU A CB  1 
ATOM   308 C  CG  . GLU A 1 62  ? 5.030   -13.623 3.706   1.00 21.73  ? 80  GLU A CG  1 
ATOM   309 C  CD  . GLU A 1 62  ? 3.769   -14.182 4.355   1.00 26.34  ? 80  GLU A CD  1 
ATOM   310 O  OE1 . GLU A 1 62  ? 2.901   -13.382 4.777   1.00 23.21  ? 80  GLU A OE1 1 
ATOM   311 O  OE2 . GLU A 1 62  ? 3.652   -15.419 4.450   1.00 25.95  ? 80  GLU A OE2 1 
ATOM   312 N  N   . GLY A 1 63  ? 4.115   -11.895 -0.672  1.00 31.82  ? 81  GLY A N   1 
ATOM   313 C  CA  . GLY A 1 63  ? 3.695   -10.956 -1.718  1.00 33.63  ? 81  GLY A CA  1 
ATOM   314 C  C   . GLY A 1 63  ? 4.341   -9.579  -1.616  1.00 30.99  ? 81  GLY A C   1 
ATOM   315 O  O   . GLY A 1 63  ? 5.141   -9.332  -0.718  1.00 25.20  ? 81  GLY A O   1 
ATOM   316 N  N   . PRO A 1 64  ? 4.010   -8.673  -2.555  1.00 29.60  ? 82  PRO A N   1 
ATOM   317 C  CA  . PRO A 1 64  ? 4.616   -7.334  -2.527  1.00 24.44  ? 82  PRO A CA  1 
ATOM   318 C  C   . PRO A 1 64  ? 3.989   -6.390  -1.510  1.00 17.54  ? 82  PRO A C   1 
ATOM   319 O  O   . PRO A 1 64  ? 2.832   -6.557  -1.137  1.00 19.13  ? 82  PRO A O   1 
ATOM   320 C  CB  . PRO A 1 64  ? 4.361   -6.806  -3.947  1.00 21.39  ? 82  PRO A CB  1 
ATOM   321 C  CG  . PRO A 1 64  ? 3.065   -7.490  -4.348  1.00 28.24  ? 82  PRO A CG  1 
ATOM   322 C  CD  . PRO A 1 64  ? 3.197   -8.892  -3.770  1.00 25.70  ? 82  PRO A CD  1 
ATOM   323 N  N   . CYS A 1 65  ? 4.755   -5.389  -1.096  1.00 19.39  ? 83  CYS A N   1 
ATOM   324 C  CA  . CYS A 1 65  ? 4.227   -4.279  -0.301  1.00 24.18  ? 83  CYS A CA  1 
ATOM   325 C  C   . CYS A 1 65  ? 3.383   -3.374  -1.190  1.00 25.17  ? 83  CYS A C   1 
ATOM   326 O  O   . CYS A 1 65  ? 3.648   -3.267  -2.389  1.00 19.09  ? 83  CYS A O   1 
ATOM   327 C  CB  . CYS A 1 65  ? 5.384   -3.461  0.278   1.00 20.06  ? 83  CYS A CB  1 
ATOM   328 S  SG  . CYS A 1 65  ? 6.464   -4.359  1.417   1.00 24.40  ? 83  CYS A SG  1 
ATOM   329 N  N   . GLY A 1 66  ? 2.380   -2.720  -0.604  1.00 22.53  ? 84  GLY A N   1 
ATOM   330 C  CA  . GLY A 1 66  ? 1.546   -1.752  -1.334  1.00 26.35  ? 84  GLY A CA  1 
ATOM   331 C  C   . GLY A 1 66  ? 2.290   -0.481  -1.714  1.00 25.95  ? 84  GLY A C   1 
ATOM   332 O  O   . GLY A 1 66  ? 3.439   -0.302  -1.322  1.00 19.90  ? 84  GLY A O   1 
ATOM   333 N  N   . GLU A 1 67  ? 1.646   0.408   -2.480  1.00 19.49  ? 85  GLU A N   1 
ATOM   334 C  CA  . GLU A 1 67  ? 2.305   1.659   -2.923  1.00 28.23  ? 85  GLU A CA  1 
ATOM   335 C  C   . GLU A 1 67  ? 2.901   2.430   -1.748  1.00 26.34  ? 85  GLU A C   1 
ATOM   336 O  O   . GLU A 1 67  ? 2.280   2.530   -0.677  1.00 26.30  ? 85  GLU A O   1 
ATOM   337 C  CB  . GLU A 1 67  ? 1.329   2.586   -3.677  1.00 26.62  ? 85  GLU A CB  1 
ATOM   338 C  CG  . GLU A 1 67  ? 0.846   2.061   -5.019  1.00 30.77  ? 85  GLU A CG  1 
ATOM   339 C  CD  . GLU A 1 67  ? -0.311  2.883   -5.615  1.00 35.16  ? 85  GLU A CD  1 
ATOM   340 O  OE1 . GLU A 1 67  ? -0.739  3.893   -5.010  1.00 36.15  ? 85  GLU A OE1 1 
ATOM   341 O  OE2 . GLU A 1 67  ? -0.804  2.509   -6.697  1.00 37.49  ? 85  GLU A OE2 1 
ATOM   342 N  N   . GLY A 1 68  ? 4.112   2.943   -1.952  1.00 21.06  ? 86  GLY A N   1 
ATOM   343 C  CA  . GLY A 1 68  ? 4.797   3.782   -0.962  1.00 27.74  ? 86  GLY A CA  1 
ATOM   344 C  C   . GLY A 1 68  ? 5.551   3.023   0.127   1.00 29.47  ? 86  GLY A C   1 
ATOM   345 O  O   . GLY A 1 68  ? 6.117   3.623   1.045   1.00 23.33  ? 86  GLY A O   1 
ATOM   346 N  N   . LEU A 1 69  ? 5.562   1.705   0.013   1.00 21.04  ? 87  LEU A N   1 
ATOM   347 C  CA  . LEU A 1 69  ? 6.184   0.845   1.002   1.00 22.05  ? 87  LEU A CA  1 
ATOM   348 C  C   . LEU A 1 69  ? 7.325   0.067   0.348   1.00 23.17  ? 87  LEU A C   1 
ATOM   349 O  O   . LEU A 1 69  ? 7.276   -0.241  -0.839  1.00 23.70  ? 87  LEU A O   1 
ATOM   350 C  CB  . LEU A 1 69  ? 5.145   -0.111  1.596   1.00 17.92  ? 87  LEU A CB  1 
ATOM   351 C  CG  . LEU A 1 69  ? 3.961   0.482   2.368   1.00 21.54  ? 87  LEU A CG  1 
ATOM   352 C  CD1 . LEU A 1 69  ? 2.748   -0.490  2.362   1.00 22.02  ? 87  LEU A CD1 1 
ATOM   353 C  CD2 . LEU A 1 69  ? 4.371   0.798   3.794   1.00 20.25  ? 87  LEU A CD2 1 
ATOM   354 N  N   . GLN A 1 70  ? 8.367   -0.203  1.124   1.00 23.19  ? 88  GLN A N   1 
ATOM   355 C  CA  . GLN A 1 70  ? 9.521   -0.945  0.638   1.00 25.06  ? 88  GLN A CA  1 
ATOM   356 C  C   . GLN A 1 70  ? 9.653   -2.203  1.493   1.00 22.87  ? 88  GLN A C   1 
ATOM   357 O  O   . GLN A 1 70  ? 9.511   -2.135  2.708   1.00 19.72  ? 88  GLN A O   1 
ATOM   358 C  CB  . GLN A 1 70  ? 10.783  -0.079  0.738   1.00 32.46  ? 88  GLN A CB  1 
ATOM   359 C  CG  . GLN A 1 70  ? 12.097  -0.806  0.428   1.00 44.92  ? 88  GLN A CG  1 
ATOM   360 C  CD  . GLN A 1 70  ? 12.241  -1.189  -1.040  1.00 46.60  ? 88  GLN A CD  1 
ATOM   361 O  OE1 . GLN A 1 70  ? 12.083  -0.354  -1.928  1.00 39.93  ? 88  GLN A OE1 1 
ATOM   362 N  NE2 . GLN A 1 70  ? 12.555  -2.459  -1.293  1.00 45.04  ? 88  GLN A NE2 1 
ATOM   363 N  N   . CYS A 1 71  ? 9.908   -3.341  0.853   1.00 20.00  ? 89  CYS A N   1 
ATOM   364 C  CA  . CYS A 1 71  ? 10.141  -4.584  1.583   1.00 23.48  ? 89  CYS A CA  1 
ATOM   365 C  C   . CYS A 1 71  ? 11.587  -4.593  2.080   1.00 23.35  ? 89  CYS A C   1 
ATOM   366 O  O   . CYS A 1 71  ? 12.519  -4.531  1.275   1.00 23.59  ? 89  CYS A O   1 
ATOM   367 C  CB  . CYS A 1 71  ? 9.855   -5.792  0.680   1.00 23.63  ? 89  CYS A CB  1 
ATOM   368 S  SG  . CYS A 1 71  ? 9.778   -7.378  1.564   1.00 23.22  ? 89  CYS A SG  1 
ATOM   369 N  N   . VAL A 1 72  ? 11.778  -4.641  3.401   1.00 19.38  ? 90  VAL A N   1 
ATOM   370 C  CA  . VAL A 1 72  ? 13.128  -4.686  3.971   1.00 18.07  ? 90  VAL A CA  1 
ATOM   371 C  C   . VAL A 1 72  ? 13.435  -6.049  4.579   1.00 25.85  ? 90  VAL A C   1 
ATOM   372 O  O   . VAL A 1 72  ? 12.555  -6.699  5.131   1.00 24.34  ? 90  VAL A O   1 
ATOM   373 C  CB  . VAL A 1 72  ? 13.425  -3.518  4.981   1.00 23.32  ? 90  VAL A CB  1 
ATOM   374 C  CG1 . VAL A 1 72  ? 13.079  -2.150  4.351   1.00 25.48  ? 90  VAL A CG1 1 
ATOM   375 C  CG2 . VAL A 1 72  ? 12.710  -3.707  6.298   1.00 32.03  ? 90  VAL A CG2 1 
ATOM   376 N  N   . VAL A 1 73  ? 14.692  -6.471  4.458   1.00 31.54  ? 91  VAL A N   1 
ATOM   377 C  CA  . VAL A 1 73  ? 15.132  -7.798  4.868   1.00 30.99  ? 91  VAL A CA  1 
ATOM   378 C  C   . VAL A 1 73  ? 16.449  -7.695  5.634   1.00 29.16  ? 91  VAL A C   1 
ATOM   379 O  O   . VAL A 1 73  ? 17.225  -6.768  5.394   1.00 25.16  ? 91  VAL A O   1 
ATOM   380 C  CB  . VAL A 1 73  ? 15.304  -8.761  3.633   1.00 30.32  ? 91  VAL A CB  1 
ATOM   381 C  CG1 . VAL A 1 73  ? 13.988  -8.931  2.892   1.00 32.83  ? 91  VAL A CG1 1 
ATOM   382 C  CG2 . VAL A 1 73  ? 16.393  -8.260  2.667   1.00 30.71  ? 91  VAL A CG2 1 
ATOM   383 N  N   . PRO A 1 74  ? 16.714  -8.644  6.557   1.00 33.75  ? 92  PRO A N   1 
ATOM   384 C  CA  . PRO A 1 74  ? 18.017  -8.681  7.230   1.00 37.02  ? 92  PRO A CA  1 
ATOM   385 C  C   . PRO A 1 74  ? 19.160  -8.879  6.230   1.00 40.59  ? 92  PRO A C   1 
ATOM   386 O  O   . PRO A 1 74  ? 19.017  -9.649  5.287   1.00 43.99  ? 92  PRO A O   1 
ATOM   387 C  CB  . PRO A 1 74  ? 17.905  -9.893  8.171   1.00 40.67  ? 92  PRO A CB  1 
ATOM   388 C  CG  . PRO A 1 74  ? 16.727  -10.673 7.687   1.00 40.68  ? 92  PRO A CG  1 
ATOM   389 C  CD  . PRO A 1 74  ? 15.798  -9.679  7.077   1.00 40.67  ? 92  PRO A CD  1 
ATOM   390 N  N   . PHE A 1 75  ? 20.267  -8.169  6.439   1.00 37.67  ? 93  PHE A N   1 
ATOM   391 C  CA  . PHE A 1 75  ? 21.428  -8.198  5.540   1.00 46.76  ? 93  PHE A CA  1 
ATOM   392 C  C   . PHE A 1 75  ? 22.362  -9.348  5.894   1.00 55.96  ? 93  PHE A C   1 
ATOM   393 O  O   . PHE A 1 75  ? 22.084  -10.130 6.809   1.00 59.98  ? 93  PHE A O   1 
ATOM   394 C  CB  . PHE A 1 75  ? 22.174  -6.856  5.611   1.00 57.07  ? 93  PHE A CB  1 
ATOM   395 C  CG  . PHE A 1 75  ? 23.266  -6.677  4.572   1.00 64.82  ? 93  PHE A CG  1 
ATOM   396 C  CD1 . PHE A 1 75  ? 23.207  -7.322  3.333   1.00 67.81  ? 93  PHE A CD1 1 
ATOM   397 C  CD2 . PHE A 1 75  ? 24.333  -5.815  4.825   1.00 66.26  ? 93  PHE A CD2 1 
ATOM   398 C  CE1 . PHE A 1 75  ? 24.214  -7.135  2.381   1.00 69.04  ? 93  PHE A CE1 1 
ATOM   399 C  CE2 . PHE A 1 75  ? 25.346  -5.616  3.880   1.00 67.17  ? 93  PHE A CE2 1 
ATOM   400 C  CZ  . PHE A 1 75  ? 25.284  -6.277  2.655   1.00 72.03  ? 93  PHE A CZ  1 
ATOM   401 N  N   . ALA A 1 89  ? 11.754  -13.663 3.205   1.00 36.41  ? 107 ALA A N   1 
ATOM   402 C  CA  . ALA A 1 89  ? 10.790  -12.943 4.032   1.00 36.20  ? 107 ALA A CA  1 
ATOM   403 C  C   . ALA A 1 89  ? 11.316  -11.573 4.476   1.00 31.48  ? 107 ALA A C   1 
ATOM   404 O  O   . ALA A 1 89  ? 12.488  -11.423 4.811   1.00 41.49  ? 107 ALA A O   1 
ATOM   405 C  CB  . ALA A 1 89  ? 10.401  -13.785 5.240   1.00 38.40  ? 107 ALA A CB  1 
ATOM   406 N  N   . GLY A 1 90  ? 10.448  -10.569 4.447   1.00 26.81  ? 108 GLY A N   1 
ATOM   407 C  CA  . GLY A 1 90  ? 10.808  -9.238  4.919   1.00 22.60  ? 108 GLY A CA  1 
ATOM   408 C  C   . GLY A 1 90  ? 9.609   -8.547  5.525   1.00 23.04  ? 108 GLY A C   1 
ATOM   409 O  O   . GLY A 1 90  ? 8.545   -9.164  5.645   1.00 21.51  ? 108 GLY A O   1 
ATOM   410 N  N   . LEU A 1 91  ? 9.796   -7.282  5.920   1.00 18.22  ? 109 LEU A N   1 
ATOM   411 C  CA  . LEU A 1 91  ? 8.726   -6.428  6.451   1.00 24.91  ? 109 LEU A CA  1 
ATOM   412 C  C   . LEU A 1 91  ? 8.548   -5.185  5.590   1.00 25.16  ? 109 LEU A C   1 
ATOM   413 O  O   . LEU A 1 91  ? 9.523   -4.650  5.048   1.00 21.55  ? 109 LEU A O   1 
ATOM   414 C  CB  . LEU A 1 91  ? 9.045   -5.975  7.877   1.00 26.19  ? 109 LEU A CB  1 
ATOM   415 C  CG  . LEU A 1 91  ? 8.884   -6.989  9.009   1.00 43.44  ? 109 LEU A CG  1 
ATOM   416 C  CD1 . LEU A 1 91  ? 9.510   -6.470  10.312  1.00 41.25  ? 109 LEU A CD1 1 
ATOM   417 C  CD2 . LEU A 1 91  ? 7.411   -7.327  9.204   1.00 42.80  ? 109 LEU A CD2 1 
ATOM   418 N  N   . CYS A 1 92  ? 7.309   -4.718  5.476   1.00 21.55  ? 110 CYS A N   1 
ATOM   419 C  CA  . CYS A 1 92  ? 7.032   -3.492  4.727   1.00 19.66  ? 110 CYS A CA  1 
ATOM   420 C  C   . CYS A 1 92  ? 7.220   -2.281  5.627   1.00 25.40  ? 110 CYS A C   1 
ATOM   421 O  O   . CYS A 1 92  ? 6.669   -2.231  6.729   1.00 22.00  ? 110 CYS A O   1 
ATOM   422 C  CB  . CYS A 1 92  ? 5.607   -3.509  4.176   1.00 22.16  ? 110 CYS A CB  1 
ATOM   423 S  SG  . CYS A 1 92  ? 5.272   -4.835  3.012   1.00 22.69  ? 110 CYS A SG  1 
ATOM   424 N  N   . VAL A 1 93  ? 8.029   -1.331  5.167   1.00 21.36  ? 111 VAL A N   1 
ATOM   425 C  CA  . VAL A 1 93  ? 8.233   -0.053  5.860   1.00 24.74  ? 111 VAL A CA  1 
ATOM   426 C  C   . VAL A 1 93  ? 7.879   1.086   4.904   1.00 23.36  ? 111 VAL A C   1 
ATOM   427 O  O   . VAL A 1 93  ? 8.024   0.960   3.683   1.00 22.37  ? 111 VAL A O   1 
ATOM   428 C  CB  . VAL A 1 93  ? 9.692   0.128   6.394   1.00 26.54  ? 111 VAL A CB  1 
ATOM   429 C  CG1 . VAL A 1 93  ? 10.151  -1.102  7.207   1.00 24.47  ? 111 VAL A CG1 1 
ATOM   430 C  CG2 . VAL A 1 93  ? 10.685  0.446   5.259   1.00 31.85  ? 111 VAL A CG2 1 
ATOM   431 N  N   . CYS A 1 94  ? 7.413   2.196   5.455   1.00 24.95  ? 112 CYS A N   1 
ATOM   432 C  CA  . CYS A 1 94  ? 7.042   3.331   4.625   1.00 24.50  ? 112 CYS A CA  1 
ATOM   433 C  C   . CYS A 1 94  ? 8.303   3.960   4.030   1.00 27.03  ? 112 CYS A C   1 
ATOM   434 O  O   . CYS A 1 94  ? 9.270   4.194   4.748   1.00 25.65  ? 112 CYS A O   1 
ATOM   435 C  CB  . CYS A 1 94  ? 6.269   4.359   5.442   1.00 23.43  ? 112 CYS A CB  1 
ATOM   436 S  SG  . CYS A 1 94  ? 5.423   5.538   4.392   1.00 24.88  ? 112 CYS A SG  1 
ATOM   437 N  N   . ALA A 1 95  ? 8.288   4.217   2.724   1.00 22.72  ? 113 ALA A N   1 
ATOM   438 C  CA  . ALA A 1 95  ? 9.421   4.871   2.055   1.00 30.64  ? 113 ALA A CA  1 
ATOM   439 C  C   . ALA A 1 95  ? 9.616   6.319   2.501   1.00 29.98  ? 113 ALA A C   1 
ATOM   440 O  O   . ALA A 1 95  ? 10.693  6.871   2.327   1.00 30.92  ? 113 ALA A O   1 
ATOM   441 C  CB  . ALA A 1 95  ? 9.279   4.801   0.535   1.00 30.38  ? 113 ALA A CB  1 
ATOM   442 N  N   . SER A 1 96  ? 8.576   6.929   3.066   1.00 31.99  ? 114 SER A N   1 
ATOM   443 C  CA  . SER A 1 96  ? 8.720   8.234   3.717   1.00 38.14  ? 114 SER A CA  1 
ATOM   444 C  C   . SER A 1 96  ? 8.486   8.121   5.221   1.00 33.10  ? 114 SER A C   1 
ATOM   445 O  O   . SER A 1 96  ? 7.631   7.356   5.669   1.00 39.34  ? 114 SER A O   1 
ATOM   446 C  CB  . SER A 1 96  ? 7.772   9.262   3.100   1.00 42.71  ? 114 SER A CB  1 
ATOM   447 O  OG  . SER A 1 96  ? 6.431   8.978   3.450   1.00 53.69  ? 114 SER A OG  1 
ATOM   448 N  N   . SER A 1 97  ? 9.237   8.889   6.002   1.00 36.75  ? 115 SER A N   1 
ATOM   449 C  CA  . SER A 1 97  ? 9.202   8.761   7.459   1.00 35.89  ? 115 SER A CA  1 
ATOM   450 C  C   . SER A 1 97  ? 8.717   10.013  8.211   1.00 41.21  ? 115 SER A C   1 
ATOM   451 O  O   . SER A 1 97  ? 8.704   10.029  9.444   1.00 40.71  ? 115 SER A O   1 
ATOM   452 C  CB  . SER A 1 97  ? 10.589  8.372   7.965   1.00 39.87  ? 115 SER A CB  1 
ATOM   453 O  OG  . SER A 1 97  ? 11.532  9.388   7.659   1.00 48.02  ? 115 SER A OG  1 
ATOM   454 N  N   . GLU A 1 98  ? 8.322   11.051  7.477   1.00 39.74  ? 116 GLU A N   1 
ATOM   455 C  CA  . GLU A 1 98  ? 7.985   12.338  8.091   1.00 41.25  ? 116 GLU A CA  1 
ATOM   456 C  C   . GLU A 1 98  ? 6.496   12.492  8.393   1.00 40.81  ? 116 GLU A C   1 
ATOM   457 O  O   . GLU A 1 98  ? 5.656   12.042  7.609   1.00 39.60  ? 116 GLU A O   1 
ATOM   458 C  CB  . GLU A 1 98  ? 8.456   13.501  7.208   1.00 52.49  ? 116 GLU A CB  1 
ATOM   459 C  CG  . GLU A 1 98  ? 9.938   13.456  6.807   1.00 59.69  ? 116 GLU A CG  1 
ATOM   460 C  CD  . GLU A 1 98  ? 10.885  13.233  7.979   1.00 60.62  ? 116 GLU A CD  1 
ATOM   461 O  OE1 . GLU A 1 98  ? 10.710  13.868  9.039   1.00 61.38  ? 116 GLU A OE1 1 
ATOM   462 O  OE2 . GLU A 1 98  ? 11.816  12.416  7.832   1.00 64.09  ? 116 GLU A OE2 1 
ATOM   463 N  N   . PRO A 1 99  ? 6.162   13.137  9.530   1.00 45.65  ? 117 PRO A N   1 
ATOM   464 C  CA  . PRO A 1 99  ? 4.767   13.371  9.921   1.00 45.63  ? 117 PRO A CA  1 
ATOM   465 C  C   . PRO A 1 99  ? 3.991   14.226  8.920   1.00 46.40  ? 117 PRO A C   1 
ATOM   466 O  O   . PRO A 1 99  ? 4.564   15.113  8.287   1.00 47.77  ? 117 PRO A O   1 
ATOM   467 C  CB  . PRO A 1 99  ? 4.899   14.101  11.259  1.00 51.85  ? 117 PRO A CB  1 
ATOM   468 C  CG  . PRO A 1 99  ? 6.219   13.644  11.793  1.00 54.07  ? 117 PRO A CG  1 
ATOM   469 C  CD  . PRO A 1 99  ? 7.093   13.591  10.579  1.00 48.25  ? 117 PRO A CD  1 
ATOM   470 N  N   . VAL A 1 100 ? 2.700   13.938  8.782   1.00 46.26  ? 118 VAL A N   1 
ATOM   471 C  CA  . VAL A 1 100 ? 1.826   14.637  7.841   1.00 49.32  ? 118 VAL A CA  1 
ATOM   472 C  C   . VAL A 1 100 ? 0.471   14.928  8.490   1.00 49.29  ? 118 VAL A C   1 
ATOM   473 O  O   . VAL A 1 100 ? -0.007  14.139  9.306   1.00 48.70  ? 118 VAL A O   1 
ATOM   474 C  CB  . VAL A 1 100 ? 1.595   13.813  6.538   1.00 45.18  ? 118 VAL A CB  1 
ATOM   475 C  CG1 . VAL A 1 100 ? 2.794   13.911  5.600   1.00 49.01  ? 118 VAL A CG1 1 
ATOM   476 C  CG2 . VAL A 1 100 ? 1.263   12.353  6.860   1.00 46.01  ? 118 VAL A CG2 1 
ATOM   477 N  N   . CYS A 1 101 ? -0.143  16.052  8.124   1.00 48.61  ? 119 CYS A N   1 
ATOM   478 C  CA  . CYS A 1 101 ? -1.464  16.407  8.652   1.00 49.60  ? 119 CYS A CA  1 
ATOM   479 C  C   . CYS A 1 101 ? -2.535  16.186  7.591   1.00 49.92  ? 119 CYS A C   1 
ATOM   480 O  O   . CYS A 1 101 ? -2.461  16.746  6.490   1.00 51.29  ? 119 CYS A O   1 
ATOM   481 C  CB  . CYS A 1 101 ? -1.494  17.853  9.167   1.00 55.10  ? 119 CYS A CB  1 
ATOM   482 S  SG  . CYS A 1 101 ? -2.822  18.195  10.379  1.00 59.30  ? 119 CYS A SG  1 
ATOM   483 N  N   . GLY A 1 102 ? -3.522  15.357  7.931   1.00 50.91  ? 120 GLY A N   1 
ATOM   484 C  CA  . GLY A 1 102 ? -4.613  15.017  7.024   1.00 54.75  ? 120 GLY A CA  1 
ATOM   485 C  C   . GLY A 1 102 ? -5.814  15.941  7.113   1.00 61.16  ? 120 GLY A C   1 
ATOM   486 O  O   . GLY A 1 102 ? -5.792  16.931  7.843   1.00 60.92  ? 120 GLY A O   1 
ATOM   487 N  N   . SER A 1 103 ? -6.860  15.601  6.362   1.00 64.47  ? 121 SER A N   1 
ATOM   488 C  CA  . SER A 1 103 ? -8.086  16.396  6.277   1.00 65.27  ? 121 SER A CA  1 
ATOM   489 C  C   . SER A 1 103 ? -8.876  16.402  7.579   1.00 66.91  ? 121 SER A C   1 
ATOM   490 O  O   . SER A 1 103 ? -9.663  17.315  7.837   1.00 68.17  ? 121 SER A O   1 
ATOM   491 C  CB  . SER A 1 103 ? -8.966  15.888  5.137   1.00 66.35  ? 121 SER A CB  1 
ATOM   492 O  OG  . SER A 1 103 ? -8.513  16.397  3.902   1.00 71.07  ? 121 SER A OG  1 
ATOM   493 N  N   . ASP A 1 104 ? -8.674  15.365  8.385   1.00 66.84  ? 122 ASP A N   1 
ATOM   494 C  CA  . ASP A 1 104 ? -9.162  15.338  9.757   1.00 67.96  ? 122 ASP A CA  1 
ATOM   495 C  C   . ASP A 1 104 ? -8.219  16.167  10.638  1.00 70.12  ? 122 ASP A C   1 
ATOM   496 O  O   . ASP A 1 104 ? -7.390  16.921  10.125  1.00 72.80  ? 122 ASP A O   1 
ATOM   497 C  CB  . ASP A 1 104 ? -9.283  13.889  10.260  1.00 63.39  ? 122 ASP A CB  1 
ATOM   498 C  CG  . ASP A 1 104 ? -8.105  13.009  9.838   1.00 59.81  ? 122 ASP A CG  1 
ATOM   499 O  OD1 . ASP A 1 104 ? -7.045  13.547  9.456   1.00 56.71  ? 122 ASP A OD1 1 
ATOM   500 O  OD2 . ASP A 1 104 ? -8.238  11.768  9.895   1.00 59.02  ? 122 ASP A OD2 1 
ATOM   501 N  N   . ALA A 1 105 ? -8.343  16.043  11.953  1.00 76.70  ? 123 ALA A N   1 
ATOM   502 C  CA  . ALA A 1 105 ? -7.428  16.741  12.850  1.00 80.18  ? 123 ALA A CA  1 
ATOM   503 C  C   . ALA A 1 105 ? -6.142  15.946  13.054  1.00 81.72  ? 123 ALA A C   1 
ATOM   504 O  O   . ALA A 1 105 ? -5.091  16.524  13.339  1.00 87.95  ? 123 ALA A O   1 
ATOM   505 C  CB  . ALA A 1 105 ? -8.093  17.020  14.177  1.00 81.03  ? 123 ALA A CB  1 
ATOM   506 N  N   . ASN A 1 106 ? -6.237  14.627  12.889  1.00 79.55  ? 124 ASN A N   1 
ATOM   507 C  CA  . ASN A 1 106 ? -5.143  13.704  13.198  1.00 75.08  ? 124 ASN A CA  1 
ATOM   508 C  C   . ASN A 1 106 ? -3.872  13.900  12.369  1.00 72.13  ? 124 ASN A C   1 
ATOM   509 O  O   . ASN A 1 106 ? -3.913  13.943  11.135  1.00 70.46  ? 124 ASN A O   1 
ATOM   510 C  CB  . ASN A 1 106 ? -5.620  12.250  13.092  1.00 74.67  ? 124 ASN A CB  1 
ATOM   511 C  CG  . ASN A 1 106 ? -6.720  11.911  14.090  1.00 75.81  ? 124 ASN A CG  1 
ATOM   512 O  OD1 . ASN A 1 106 ? -6.690  12.335  15.247  1.00 76.96  ? 124 ASN A OD1 1 
ATOM   513 N  ND2 . ASN A 1 106 ? -7.694  11.127  13.643  1.00 75.26  ? 124 ASN A ND2 1 
ATOM   514 N  N   . THR A 1 107 ? -2.748  14.033  13.068  1.00 71.79  ? 125 THR A N   1 
ATOM   515 C  CA  . THR A 1 107 ? -1.430  14.016  12.437  1.00 65.24  ? 125 THR A CA  1 
ATOM   516 C  C   . THR A 1 107 ? -0.959  12.568  12.351  1.00 59.93  ? 125 THR A C   1 
ATOM   517 O  O   . THR A 1 107 ? -1.094  11.800  13.310  1.00 55.77  ? 125 THR A O   1 
ATOM   518 C  CB  . THR A 1 107 ? -0.391  14.859  13.212  1.00 69.59  ? 125 THR A CB  1 
ATOM   519 O  OG1 . THR A 1 107 ? -0.267  14.361  14.551  1.00 74.12  ? 125 THR A OG1 1 
ATOM   520 C  CG2 . THR A 1 107 ? -0.806  16.330  13.252  1.00 72.41  ? 125 THR A CG2 1 
ATOM   521 N  N   . TYR A 1 108 ? -0.424  12.197  11.193  1.00 47.48  ? 126 TYR A N   1 
ATOM   522 C  CA  . TYR A 1 108 ? 0.010   10.826  10.955  1.00 44.62  ? 126 TYR A CA  1 
ATOM   523 C  C   . TYR A 1 108 ? 1.526   10.722  10.994  1.00 45.64  ? 126 TYR A C   1 
ATOM   524 O  O   . TYR A 1 108 ? 2.227   11.628  10.537  1.00 47.95  ? 126 TYR A O   1 
ATOM   525 C  CB  . TYR A 1 108 ? -0.587  10.284  9.643   1.00 34.28  ? 126 TYR A CB  1 
ATOM   526 C  CG  . TYR A 1 108 ? -2.089  10.064  9.755   1.00 39.79  ? 126 TYR A CG  1 
ATOM   527 C  CD1 . TYR A 1 108 ? -2.991  11.097  9.489   1.00 41.33  ? 126 TYR A CD1 1 
ATOM   528 C  CD2 . TYR A 1 108 ? -2.602  8.836   10.156  1.00 41.27  ? 126 TYR A CD2 1 
ATOM   529 C  CE1 . TYR A 1 108 ? -4.369  10.903  9.605   1.00 43.43  ? 126 TYR A CE1 1 
ATOM   530 C  CE2 . TYR A 1 108 ? -3.979  8.630   10.275  1.00 42.09  ? 126 TYR A CE2 1 
ATOM   531 C  CZ  . TYR A 1 108 ? -4.852  9.666   9.996   1.00 46.19  ? 126 TYR A CZ  1 
ATOM   532 O  OH  . TYR A 1 108 ? -6.210  9.464   10.115  1.00 52.18  ? 126 TYR A OH  1 
ATOM   533 N  N   . ALA A 1 109 ? 2.014   9.624   11.571  1.00 43.42  ? 127 ALA A N   1 
ATOM   534 C  CA  . ALA A 1 109 ? 3.448   9.383   11.759  1.00 43.92  ? 127 ALA A CA  1 
ATOM   535 C  C   . ALA A 1 109 ? 4.200   9.365   10.428  1.00 41.27  ? 127 ALA A C   1 
ATOM   536 O  O   . ALA A 1 109 ? 5.368   9.753   10.355  1.00 41.82  ? 127 ALA A O   1 
ATOM   537 C  CB  . ALA A 1 109 ? 3.665   8.084   12.520  1.00 45.55  ? 127 ALA A CB  1 
ATOM   538 N  N   . ASN A 1 110 ? 3.514   8.903   9.385   1.00 34.53  ? 128 ASN A N   1 
ATOM   539 C  CA  . ASN A 1 110 ? 3.993   9.027   8.011   1.00 31.85  ? 128 ASN A CA  1 
ATOM   540 C  C   . ASN A 1 110 ? 2.829   9.022   7.027   1.00 32.82  ? 128 ASN A C   1 
ATOM   541 O  O   . ASN A 1 110 ? 1.653   8.920   7.416   1.00 34.82  ? 128 ASN A O   1 
ATOM   542 C  CB  . ASN A 1 110 ? 5.039   7.944   7.680   1.00 31.64  ? 128 ASN A CB  1 
ATOM   543 C  CG  . ASN A 1 110 ? 4.500   6.534   7.839   1.00 33.12  ? 128 ASN A CG  1 
ATOM   544 O  OD1 . ASN A 1 110 ? 3.454   6.185   7.286   1.00 30.04  ? 128 ASN A OD1 1 
ATOM   545 N  ND2 . ASN A 1 110 ? 5.227   5.707   8.580   1.00 31.34  ? 128 ASN A ND2 1 
ATOM   546 N  N   . LEU A 1 111 ? 3.161   9.131   5.748   1.00 31.08  ? 129 LEU A N   1 
ATOM   547 C  CA  . LEU A 1 111 ? 2.164   9.253   4.710   1.00 27.25  ? 129 LEU A CA  1 
ATOM   548 C  C   . LEU A 1 111 ? 1.501   7.909   4.403   1.00 24.95  ? 129 LEU A C   1 
ATOM   549 O  O   . LEU A 1 111 ? 0.352   7.866   3.961   1.00 22.71  ? 129 LEU A O   1 
ATOM   550 C  CB  . LEU A 1 111 ? 2.795   9.908   3.473   1.00 29.17  ? 129 LEU A CB  1 
ATOM   551 C  CG  . LEU A 1 111 ? 2.011   10.192  2.198   1.00 26.82  ? 129 LEU A CG  1 
ATOM   552 C  CD1 . LEU A 1 111 ? 0.710   10.981  2.461   1.00 28.16  ? 129 LEU A CD1 1 
ATOM   553 C  CD2 . LEU A 1 111 ? 2.919   10.936  1.220   1.00 30.91  ? 129 LEU A CD2 1 
ATOM   554 N  N   . CYS A 1 112 ? 2.207   6.813   4.673   1.00 28.92  ? 130 CYS A N   1 
ATOM   555 C  CA  . CYS A 1 112 ? 1.609   5.479   4.558   1.00 29.94  ? 130 CYS A CA  1 
ATOM   556 C  C   . CYS A 1 112 ? 0.430   5.298   5.509   1.00 25.71  ? 130 CYS A C   1 
ATOM   557 O  O   . CYS A 1 112 ? -0.608  4.745   5.125   1.00 25.61  ? 130 CYS A O   1 
ATOM   558 C  CB  . CYS A 1 112 ? 2.665   4.398   4.799   1.00 25.79  ? 130 CYS A CB  1 
ATOM   559 S  SG  . CYS A 1 112 ? 3.951   4.419   3.564   1.00 27.20  ? 130 CYS A SG  1 
ATOM   560 N  N   . GLN A 1 113 ? 0.587   5.786   6.739   1.00 26.43  ? 131 GLN A N   1 
ATOM   561 C  CA  . GLN A 1 113 ? -0.460  5.673   7.759   1.00 34.15  ? 131 GLN A CA  1 
ATOM   562 C  C   . GLN A 1 113 ? -1.628  6.613   7.473   1.00 30.63  ? 131 GLN A C   1 
ATOM   563 O  O   . GLN A 1 113 ? -2.784  6.267   7.709   1.00 29.80  ? 131 GLN A O   1 
ATOM   564 C  CB  . GLN A 1 113 ? 0.121   5.909   9.157   1.00 34.39  ? 131 GLN A CB  1 
ATOM   565 C  CG  . GLN A 1 113 ? 0.988   4.744   9.639   1.00 42.24  ? 131 GLN A CG  1 
ATOM   566 C  CD  . GLN A 1 113 ? 1.769   5.035   10.910  1.00 53.26  ? 131 GLN A CD  1 
ATOM   567 O  OE1 . GLN A 1 113 ? 1.286   5.718   11.816  1.00 54.69  ? 131 GLN A OE1 1 
ATOM   568 N  NE2 . GLN A 1 113 ? 2.986   4.500   10.988  1.00 54.28  ? 131 GLN A NE2 1 
ATOM   569 N  N   . LEU A 1 114 ? -1.324  7.787   6.924   1.00 32.63  ? 132 LEU A N   1 
ATOM   570 C  CA  . LEU A 1 114 ? -2.373  8.694   6.463   1.00 31.69  ? 132 LEU A CA  1 
ATOM   571 C  C   . LEU A 1 114 ? -3.209  8.038   5.351   1.00 30.92  ? 132 LEU A C   1 
ATOM   572 O  O   . LEU A 1 114 ? -4.446  8.039   5.414   1.00 30.13  ? 132 LEU A O   1 
ATOM   573 C  CB  . LEU A 1 114 ? -1.782  10.037  6.010   1.00 30.82  ? 132 LEU A CB  1 
ATOM   574 C  CG  . LEU A 1 114 ? -2.794  11.143  5.666   1.00 38.70  ? 132 LEU A CG  1 
ATOM   575 C  CD1 . LEU A 1 114 ? -2.238  12.536  5.972   1.00 32.55  ? 132 LEU A CD1 1 
ATOM   576 C  CD2 . LEU A 1 114 ? -3.261  11.039  4.210   1.00 35.69  ? 132 LEU A CD2 1 
ATOM   577 N  N   . ARG A 1 115 ? -2.533  7.460   4.357   1.00 27.71  ? 133 ARG A N   1 
ATOM   578 C  CA  . ARG A 1 115 ? -3.211  6.827   3.219   1.00 26.20  ? 133 ARG A CA  1 
ATOM   579 C  C   . ARG A 1 115 ? -4.039  5.596   3.629   1.00 25.06  ? 133 ARG A C   1 
ATOM   580 O  O   . ARG A 1 115 ? -5.118  5.365   3.089   1.00 25.72  ? 133 ARG A O   1 
ATOM   581 C  CB  . ARG A 1 115 ? -2.208  6.459   2.118   1.00 23.29  ? 133 ARG A CB  1 
ATOM   582 C  CG  . ARG A 1 115 ? -1.663  7.673   1.341   1.00 24.98  ? 133 ARG A CG  1 
ATOM   583 C  CD  . ARG A 1 115 ? -0.490  7.317   0.450   1.00 28.38  ? 133 ARG A CD  1 
ATOM   584 N  NE  . ARG A 1 115 ? -0.809  6.205   -0.436  1.00 41.01  ? 133 ARG A NE  1 
ATOM   585 C  CZ  . ARG A 1 115 ? -0.219  5.012   -0.401  1.00 34.23  ? 133 ARG A CZ  1 
ATOM   586 N  NH1 . ARG A 1 115 ? 0.761   4.757   0.462   1.00 33.34  ? 133 ARG A NH1 1 
ATOM   587 N  NH2 . ARG A 1 115 ? -0.601  4.084   -1.259  1.00 40.09  ? 133 ARG A NH2 1 
ATOM   588 N  N   . ALA A 1 116 ? -3.535  4.812   4.576   1.00 24.62  ? 134 ALA A N   1 
ATOM   589 C  CA  . ALA A 1 116 ? -4.307  3.672   5.093   1.00 27.41  ? 134 ALA A CA  1 
ATOM   590 C  C   . ALA A 1 116 ? -5.598  4.148   5.747   1.00 29.29  ? 134 ALA A C   1 
ATOM   591 O  O   . ALA A 1 116 ? -6.682  3.659   5.420   1.00 32.45  ? 134 ALA A O   1 
ATOM   592 C  CB  . ALA A 1 116 ? -3.496  2.884   6.069   1.00 28.67  ? 134 ALA A CB  1 
ATOM   593 N  N   . ALA A 1 117 ? -5.477  5.121   6.650   1.00 32.81  ? 135 ALA A N   1 
ATOM   594 C  CA  . ALA A 1 117 ? -6.651  5.754   7.261   1.00 36.15  ? 135 ALA A CA  1 
ATOM   595 C  C   . ALA A 1 117 ? -7.646  6.211   6.208   1.00 33.36  ? 135 ALA A C   1 
ATOM   596 O  O   . ALA A 1 117 ? -8.851  6.017   6.366   1.00 34.59  ? 135 ALA A O   1 
ATOM   597 C  CB  . ALA A 1 117 ? -6.239  6.920   8.135   1.00 35.09  ? 135 ALA A CB  1 
ATOM   598 N  N   . SER A 1 118 ? -7.132  6.797   5.125   1.00 32.82  ? 136 SER A N   1 
ATOM   599 C  CA  . SER A 1 118 ? -7.957  7.237   3.998   1.00 27.35  ? 136 SER A CA  1 
ATOM   600 C  C   . SER A 1 118 ? -8.680  6.077   3.317   1.00 33.44  ? 136 SER A C   1 
ATOM   601 O  O   . SER A 1 118 ? -9.859  6.191   2.994   1.00 25.55  ? 136 SER A O   1 
ATOM   602 C  CB  . SER A 1 118 ? -7.113  7.994   2.967   1.00 32.75  ? 136 SER A CB  1 
ATOM   603 O  OG  . SER A 1 118 ? -7.947  8.600   1.997   1.00 28.05  ? 136 SER A OG  1 
ATOM   604 N  N   . ARG A 1 119 ? -7.977  4.964   3.097   1.00 23.52  ? 137 ARG A N   1 
ATOM   605 C  CA  . ARG A 1 119 ? -8.606  3.785   2.498   1.00 26.27  ? 137 ARG A CA  1 
ATOM   606 C  C   . ARG A 1 119 ? -9.688  3.182   3.401   1.00 31.20  ? 137 ARG A C   1 
ATOM   607 O  O   . ARG A 1 119 ? -10.732 2.753   2.912   1.00 33.36  ? 137 ARG A O   1 
ATOM   608 C  CB  . ARG A 1 119 ? -7.557  2.724   2.145   1.00 26.81  ? 137 ARG A CB  1 
ATOM   609 C  CG  . ARG A 1 119 ? -6.703  3.103   0.939   1.00 28.62  ? 137 ARG A CG  1 
ATOM   610 C  CD  . ARG A 1 119 ? -5.882  1.926   0.445   1.00 29.83  ? 137 ARG A CD  1 
ATOM   611 N  NE  . ARG A 1 119 ? -4.995  1.392   1.485   1.00 24.66  ? 137 ARG A NE  1 
ATOM   612 C  CZ  . ARG A 1 119 ? -3.834  1.931   1.847   1.00 25.67  ? 137 ARG A CZ  1 
ATOM   613 N  NH1 . ARG A 1 119 ? -3.390  3.041   1.266   1.00 26.10  ? 137 ARG A NH1 1 
ATOM   614 N  NH2 . ARG A 1 119 ? -3.109  1.353   2.797   1.00 29.55  ? 137 ARG A NH2 1 
ATOM   615 N  N   . ARG A 1 120 ? -9.426  3.144   4.708   1.00 34.67  ? 138 ARG A N   1 
ATOM   616 C  CA  . ARG A 1 120 ? -10.401 2.648   5.683   1.00 44.24  ? 138 ARG A CA  1 
ATOM   617 C  C   . ARG A 1 120 ? -11.668 3.501   5.667   1.00 44.64  ? 138 ARG A C   1 
ATOM   618 O  O   . ARG A 1 120 ? -12.777 2.975   5.723   1.00 48.26  ? 138 ARG A O   1 
ATOM   619 C  CB  . ARG A 1 120 ? -9.812  2.615   7.094   1.00 50.49  ? 138 ARG A CB  1 
ATOM   620 C  CG  . ARG A 1 120 ? -8.707  1.590   7.290   1.00 55.79  ? 138 ARG A CG  1 
ATOM   621 C  CD  . ARG A 1 120 ? -8.381  1.397   8.765   1.00 58.20  ? 138 ARG A CD  1 
ATOM   622 N  NE  . ARG A 1 120 ? -7.834  2.606   9.384   1.00 58.96  ? 138 ARG A NE  1 
ATOM   623 C  CZ  . ARG A 1 120 ? -6.538  2.892   9.469   1.00 54.81  ? 138 ARG A CZ  1 
ATOM   624 N  NH1 . ARG A 1 120 ? -5.629  2.064   8.972   1.00 57.01  ? 138 ARG A NH1 1 
ATOM   625 N  NH2 . ARG A 1 120 ? -6.148  4.016   10.055  1.00 56.73  ? 138 ARG A NH2 1 
ATOM   626 N  N   . SER A 1 121 ? -11.486 4.818   5.588   1.00 43.88  ? 139 SER A N   1 
ATOM   627 C  CA  . SER A 1 121 ? -12.593 5.762   5.454   1.00 45.07  ? 139 SER A CA  1 
ATOM   628 C  C   . SER A 1 121 ? -13.390 5.540   4.162   1.00 45.12  ? 139 SER A C   1 
ATOM   629 O  O   . SER A 1 121 ? -14.615 5.543   4.182   1.00 40.33  ? 139 SER A O   1 
ATOM   630 C  CB  . SER A 1 121 ? -12.076 7.199   5.539   1.00 51.71  ? 139 SER A CB  1 
ATOM   631 O  OG  . SER A 1 121 ? -13.140 8.130   5.481   1.00 51.32  ? 139 SER A OG  1 
ATOM   632 N  N   . GLU A 1 122 ? -12.693 5.340   3.044   1.00 42.14  ? 140 GLU A N   1 
ATOM   633 C  CA  . GLU A 1 122 ? -13.354 4.996   1.775   1.00 44.30  ? 140 GLU A CA  1 
ATOM   634 C  C   . GLU A 1 122 ? -14.031 3.611   1.788   1.00 42.98  ? 140 GLU A C   1 
ATOM   635 O  O   . GLU A 1 122 ? -15.077 3.433   1.165   1.00 44.96  ? 140 GLU A O   1 
ATOM   636 C  CB  . GLU A 1 122 ? -12.381 5.094   0.601   1.00 45.47  ? 140 GLU A CB  1 
ATOM   637 C  CG  . GLU A 1 122 ? -11.938 6.508   0.272   1.00 48.25  ? 140 GLU A CG  1 
ATOM   638 C  CD  . GLU A 1 122 ? -11.732 6.728   -1.217  1.00 53.56  ? 140 GLU A CD  1 
ATOM   639 O  OE1 . GLU A 1 122 ? -12.338 5.995   -2.029  1.00 51.63  ? 140 GLU A OE1 1 
ATOM   640 O  OE2 . GLU A 1 122 ? -10.973 7.653   -1.578  1.00 63.26  ? 140 GLU A OE2 1 
ATOM   641 N  N   A ARG A 1 123 ? -13.413 2.654   2.479   0.50 44.57  ? 141 ARG A N   1 
ATOM   642 N  N   B ARG A 1 123 ? -13.438 2.652   2.501   0.50 44.57  ? 141 ARG A N   1 
ATOM   643 C  CA  A ARG A 1 123 ? -13.984 1.318   2.689   0.50 46.02  ? 141 ARG A CA  1 
ATOM   644 C  CA  B ARG A 1 123 ? -14.012 1.304   2.637   0.50 45.68  ? 141 ARG A CA  1 
ATOM   645 C  C   A ARG A 1 123 ? -15.373 1.425   3.308   0.50 50.99  ? 141 ARG A C   1 
ATOM   646 C  C   B ARG A 1 123 ? -15.356 1.333   3.376   0.50 50.49  ? 141 ARG A C   1 
ATOM   647 O  O   A ARG A 1 123 ? -16.335 0.833   2.809   0.50 50.41  ? 141 ARG A O   1 
ATOM   648 O  O   B ARG A 1 123 ? -16.275 0.586   3.029   0.50 49.65  ? 141 ARG A O   1 
ATOM   649 C  CB  A ARG A 1 123 ? -13.086 0.489   3.611   0.50 46.78  ? 141 ARG A CB  1 
ATOM   650 C  CB  B ARG A 1 123 ? -13.034 0.355   3.341   0.50 46.42  ? 141 ARG A CB  1 
ATOM   651 C  CG  A ARG A 1 123 ? -13.726 -0.796  4.123   0.50 46.20  ? 141 ARG A CG  1 
ATOM   652 C  CG  B ARG A 1 123 ? -13.234 -1.129  3.011   0.50 45.77  ? 141 ARG A CG  1 
ATOM   653 C  CD  A ARG A 1 123 ? -13.307 -1.969  3.270   0.50 40.30  ? 141 ARG A CD  1 
ATOM   654 C  CD  B ARG A 1 123 ? -12.081 -1.692  2.179   0.50 44.01  ? 141 ARG A CD  1 
ATOM   655 N  NE  A ARG A 1 123 ? -11.855 -2.102  3.272   0.50 40.82  ? 141 ARG A NE  1 
ATOM   656 N  NE  B ARG A 1 123 ? -10.842 -1.732  2.950   0.50 39.79  ? 141 ARG A NE  1 
ATOM   657 C  CZ  A ARG A 1 123 ? -11.173 -2.914  2.477   0.50 29.65  ? 141 ARG A CZ  1 
ATOM   658 C  CZ  B ARG A 1 123 ? -9.892  -0.804  2.892   0.50 24.63  ? 141 ARG A CZ  1 
ATOM   659 N  NH1 A ARG A 1 123 ? -11.811 -3.681  1.606   0.50 41.67  ? 141 ARG A NH1 1 
ATOM   660 N  NH1 B ARG A 1 123 ? -10.033 0.233   2.087   0.50 38.15  ? 141 ARG A NH1 1 
ATOM   661 N  NH2 A ARG A 1 123 ? -9.853  -2.960  2.558   0.50 37.26  ? 141 ARG A NH2 1 
ATOM   662 N  NH2 B ARG A 1 123 ? -8.808  -0.905  3.640   0.50 24.37  ? 141 ARG A NH2 1 
ATOM   663 N  N   . LEU A 1 124 ? -15.470 2.193   4.389   1.00 51.27  ? 142 LEU A N   1 
ATOM   664 C  CA  . LEU A 1 124 ? -16.756 2.424   5.055   1.00 55.44  ? 142 LEU A CA  1 
ATOM   665 C  C   . LEU A 1 124 ? -17.485 3.644   4.474   1.00 49.69  ? 142 LEU A C   1 
ATOM   666 O  O   . LEU A 1 124 ? -18.202 4.360   5.179   1.00 55.68  ? 142 LEU A O   1 
ATOM   667 C  CB  . LEU A 1 124 ? -16.630 2.435   6.587   1.00 56.21  ? 142 LEU A CB  1 
ATOM   668 C  CG  . LEU A 1 124 ? -15.621 3.304   7.332   1.00 61.64  ? 142 LEU A CG  1 
ATOM   669 C  CD1 . LEU A 1 124 ? -16.314 4.519   7.931   1.00 62.99  ? 142 LEU A CD1 1 
ATOM   670 C  CD2 . LEU A 1 124 ? -14.953 2.475   8.426   1.00 65.07  ? 142 LEU A CD2 1 
ATOM   671 N  N   . HIS A 1 125 ? -17.276 3.844   3.171   1.00 49.29  ? 143 HIS A N   1 
ATOM   672 C  CA  . HIS A 1 125 ? -18.092 4.703   2.290   1.00 61.04  ? 143 HIS A CA  1 
ATOM   673 C  C   . HIS A 1 125 ? -18.021 6.220   2.503   1.00 71.85  ? 143 HIS A C   1 
ATOM   674 O  O   . HIS A 1 125 ? -18.877 6.962   2.014   1.00 77.01  ? 143 HIS A O   1 
ATOM   675 C  CB  . HIS A 1 125 ? -19.539 4.204   2.223   1.00 62.53  ? 143 HIS A CB  1 
ATOM   676 C  CG  . HIS A 1 125 ? -19.677 2.876   1.548   1.00 66.49  ? 143 HIS A CG  1 
ATOM   677 N  ND1 . HIS A 1 125 ? -19.784 1.694   2.248   1.00 70.98  ? 143 HIS A ND1 1 
ATOM   678 C  CD2 . HIS A 1 125 ? -19.695 2.541   0.236   1.00 66.28  ? 143 HIS A CD2 1 
ATOM   679 C  CE1 . HIS A 1 125 ? -19.885 0.689   1.396   1.00 72.92  ? 143 HIS A CE1 1 
ATOM   680 N  NE2 . HIS A 1 125 ? -19.833 1.175   0.170   1.00 70.32  ? 143 HIS A NE2 1 
ATOM   681 N  N   . ARG A 1 126 ? -16.993 6.679   3.207   1.00 74.50  ? 144 ARG A N   1 
ATOM   682 C  CA  . ARG A 1 126 ? -16.766 8.109   3.378   1.00 76.45  ? 144 ARG A CA  1 
ATOM   683 C  C   . ARG A 1 126 ? -15.861 8.631   2.240   1.00 75.22  ? 144 ARG A C   1 
ATOM   684 O  O   . ARG A 1 126 ? -15.670 7.928   1.240   1.00 66.68  ? 144 ARG A O   1 
ATOM   685 C  CB  . ARG A 1 126 ? -16.178 8.382   4.764   1.00 80.69  ? 144 ARG A CB  1 
ATOM   686 C  CG  . ARG A 1 126 ? -17.039 7.898   5.917   1.00 82.81  ? 144 ARG A CG  1 
ATOM   687 C  CD  . ARG A 1 126 ? -16.417 8.266   7.246   1.00 89.01  ? 144 ARG A CD  1 
ATOM   688 N  NE  . ARG A 1 126 ? -17.216 7.785   8.370   1.00 95.62  ? 144 ARG A NE  1 
ATOM   689 C  CZ  . ARG A 1 126 ? -16.976 8.075   9.649   1.00 99.49  ? 144 ARG A CZ  1 
ATOM   690 N  NH1 . ARG A 1 126 ? -15.955 8.857   9.984   1.00 99.54  ? 144 ARG A NH1 1 
ATOM   691 N  NH2 . ARG A 1 126 ? -17.764 7.585   10.596  1.00 100.80 ? 144 ARG A NH2 1 
ATOM   692 N  N   . PRO A 1 127 ? -15.318 9.863   2.365   1.00 79.18  ? 145 PRO A N   1 
ATOM   693 C  CA  . PRO A 1 127 ? -14.416 10.336  1.340   1.00 74.17  ? 145 PRO A CA  1 
ATOM   694 C  C   . PRO A 1 127 ? -12.998 10.102  1.846   1.00 64.07  ? 145 PRO A C   1 
ATOM   695 O  O   . PRO A 1 127 ? -12.821 9.623   2.971   1.00 69.46  ? 145 PRO A O   1 
ATOM   696 C  CB  . PRO A 1 127 ? -14.709 11.829  1.335   1.00 78.91  ? 145 PRO A CB  1 
ATOM   697 C  CG  . PRO A 1 127 ? -14.785 12.129  2.793   1.00 83.25  ? 145 PRO A CG  1 
ATOM   698 C  CD  . PRO A 1 127 ? -15.412 10.870  3.439   1.00 82.71  ? 145 PRO A CD  1 
ATOM   699 N  N   . PRO A 1 128 ? -11.986 10.448  1.043   1.00 57.72  ? 146 PRO A N   1 
ATOM   700 C  CA  . PRO A 1 128 ? -10.642 10.200  1.547   1.00 49.14  ? 146 PRO A CA  1 
ATOM   701 C  C   . PRO A 1 128 ? -10.212 11.156  2.663   1.00 44.25  ? 146 PRO A C   1 
ATOM   702 O  O   . PRO A 1 128 ? -10.879 12.163  2.931   1.00 43.07  ? 146 PRO A O   1 
ATOM   703 C  CB  . PRO A 1 128 ? -9.765  10.391  0.304   1.00 53.25  ? 146 PRO A CB  1 
ATOM   704 C  CG  . PRO A 1 128 ? -10.556 11.241  -0.600  1.00 56.01  ? 146 PRO A CG  1 
ATOM   705 C  CD  . PRO A 1 128 ? -11.984 10.892  -0.362  1.00 54.68  ? 146 PRO A CD  1 
ATOM   706 N  N   . VAL A 1 129 ? -9.110  10.811  3.322   1.00 41.09  ? 147 VAL A N   1 
ATOM   707 C  CA  . VAL A 1 129 ? -8.388  11.746  4.172   1.00 44.00  ? 147 VAL A CA  1 
ATOM   708 C  C   . VAL A 1 129 ? -7.265  12.314  3.301   1.00 46.05  ? 147 VAL A C   1 
ATOM   709 O  O   . VAL A 1 129 ? -6.377  11.578  2.875   1.00 43.27  ? 147 VAL A O   1 
ATOM   710 C  CB  . VAL A 1 129 ? -7.802  11.045  5.426   1.00 41.84  ? 147 VAL A CB  1 
ATOM   711 C  CG1 . VAL A 1 129 ? -7.010  12.024  6.275   1.00 42.58  ? 147 VAL A CG1 1 
ATOM   712 C  CG2 . VAL A 1 129 ? -8.915  10.399  6.253   1.00 49.95  ? 147 VAL A CG2 1 
ATOM   713 N  N   . ILE A 1 130 ? -7.329  13.615  3.022   1.00 52.87  ? 148 ILE A N   1 
ATOM   714 C  CA  . ILE A 1 130 ? -6.381  14.292  2.126   1.00 54.67  ? 148 ILE A CA  1 
ATOM   715 C  C   . ILE A 1 130 ? -5.296  14.996  2.935   1.00 54.44  ? 148 ILE A C   1 
ATOM   716 O  O   . ILE A 1 130 ? -5.527  15.377  4.076   1.00 55.96  ? 148 ILE A O   1 
ATOM   717 C  CB  . ILE A 1 130 ? -7.127  15.302  1.197   1.00 65.54  ? 148 ILE A CB  1 
ATOM   718 C  CG1 . ILE A 1 130 ? -7.805  14.570  0.038   1.00 65.12  ? 148 ILE A CG1 1 
ATOM   719 C  CG2 . ILE A 1 130 ? -6.209  16.406  0.661   1.00 69.55  ? 148 ILE A CG2 1 
ATOM   720 C  CD1 . ILE A 1 130 ? -9.301  14.497  0.172   1.00 67.78  ? 148 ILE A CD1 1 
ATOM   721 N  N   . VAL A 1 131 ? -4.115  15.157  2.343   1.00 53.37  ? 149 VAL A N   1 
ATOM   722 C  CA  . VAL A 1 131 ? -2.997  15.843  3.000   1.00 61.72  ? 149 VAL A CA  1 
ATOM   723 C  C   . VAL A 1 131 ? -3.167  17.366  2.955   1.00 64.49  ? 149 VAL A C   1 
ATOM   724 O  O   . VAL A 1 131 ? -3.421  17.932  1.889   1.00 63.29  ? 149 VAL A O   1 
ATOM   725 C  CB  . VAL A 1 131 ? -1.640  15.469  2.354   1.00 62.21  ? 149 VAL A CB  1 
ATOM   726 C  CG1 . VAL A 1 131 ? -0.481  16.014  3.179   1.00 61.92  ? 149 VAL A CG1 1 
ATOM   727 C  CG2 . VAL A 1 131 ? -1.519  13.957  2.195   1.00 63.86  ? 149 VAL A CG2 1 
ATOM   728 N  N   . LEU A 1 132 ? -3.020  18.015  4.110   1.00 70.66  ? 150 LEU A N   1 
ATOM   729 C  CA  . LEU A 1 132 ? -3.072  19.480  4.203   1.00 77.51  ? 150 LEU A CA  1 
ATOM   730 C  C   . LEU A 1 132 ? -1.683  20.126  4.107   1.00 81.65  ? 150 LEU A C   1 
ATOM   731 O  O   . LEU A 1 132 ? -1.421  20.900  3.184   1.00 83.84  ? 150 LEU A O   1 
ATOM   732 C  CB  . LEU A 1 132 ? -3.790  19.930  5.485   1.00 77.99  ? 150 LEU A CB  1 
ATOM   733 C  CG  . LEU A 1 132 ? -5.288  19.644  5.667   1.00 79.15  ? 150 LEU A CG  1 
ATOM   734 C  CD1 . LEU A 1 132 ? -5.753  20.135  7.032   1.00 79.42  ? 150 LEU A CD1 1 
ATOM   735 C  CD2 . LEU A 1 132 ? -6.136  20.269  4.563   1.00 80.94  ? 150 LEU A CD2 1 
ATOM   736 N  N   . GLN A 1 133 ? -0.807  19.809  5.061   1.00 86.38  ? 151 GLN A N   1 
ATOM   737 C  CA  . GLN A 1 133 ? 0.568   20.333  5.072   1.00 88.98  ? 151 GLN A CA  1 
ATOM   738 C  C   . GLN A 1 133 ? 1.586   19.261  5.495   1.00 88.64  ? 151 GLN A C   1 
ATOM   739 O  O   . GLN A 1 133 ? 1.705   18.236  4.822   1.00 84.08  ? 151 GLN A O   1 
ATOM   740 C  CB  . GLN A 1 133 ? 0.675   21.614  5.916   1.00 91.02  ? 151 GLN A CB  1 
ATOM   741 C  CG  . GLN A 1 133 ? -0.127  21.610  7.218   1.00 93.28  ? 151 GLN A CG  1 
ATOM   742 C  CD  . GLN A 1 133 ? -0.230  22.985  7.872   1.00 96.01  ? 151 GLN A CD  1 
ATOM   743 O  OE1 . GLN A 1 133 ? -0.737  23.110  8.987   1.00 98.36  ? 151 GLN A OE1 1 
ATOM   744 N  NE2 . GLN A 1 133 ? 0.245   24.020  7.177   1.00 93.70  ? 151 GLN A NE2 1 
ATOM   745 N  N   . ARG A 1 134 ? 2.320   19.490  6.587   1.00 92.44  ? 152 ARG A N   1 
ATOM   746 C  CA  . ARG A 1 134 ? 3.296   18.502  7.068   1.00 93.98  ? 152 ARG A CA  1 
ATOM   747 C  C   . ARG A 1 134 ? 3.525   18.533  8.584   1.00 92.06  ? 152 ARG A C   1 
ATOM   748 O  O   . ARG A 1 134 ? 4.459   19.174  9.070   1.00 93.96  ? 152 ARG A O   1 
ATOM   749 C  CB  . ARG A 1 134 ? 4.628   18.634  6.313   1.00 96.75  ? 152 ARG A CB  1 
ATOM   750 C  CG  . ARG A 1 134 ? 5.352   17.309  6.129   1.00 99.27  ? 152 ARG A CG  1 
ATOM   751 C  CD  . ARG A 1 134 ? 6.683   17.470  5.418   1.00 101.37 ? 152 ARG A CD  1 
ATOM   752 N  NE  . ARG A 1 134 ? 7.182   16.185  4.925   1.00 102.32 ? 152 ARG A NE  1 
ATOM   753 C  CZ  . ARG A 1 134 ? 8.368   16.000  4.350   1.00 103.04 ? 152 ARG A CZ  1 
ATOM   754 N  NH1 . ARG A 1 134 ? 9.208   17.014  4.188   1.00 105.41 ? 152 ARG A NH1 1 
ATOM   755 N  NH2 . ARG A 1 134 ? 8.716   14.790  3.936   1.00 102.29 ? 152 ARG A NH2 1 
ATOM   756 N  N   . GLY A 1 135 ? 2.666   17.834  9.320   1.00 89.83  ? 153 GLY A N   1 
ATOM   757 C  CA  . GLY A 1 135 ? 2.820   17.679  10.766  1.00 90.24  ? 153 GLY A CA  1 
ATOM   758 C  C   . GLY A 1 135 ? 2.098   18.712  11.612  1.00 94.96  ? 153 GLY A C   1 
ATOM   759 O  O   . GLY A 1 135 ? 1.665   18.406  12.726  1.00 96.09  ? 153 GLY A O   1 
ATOM   760 N  N   . ALA A 1 136 ? 1.969   19.929  11.084  1.00 95.71  ? 154 ALA A N   1 
ATOM   761 C  CA  . ALA A 1 136 ? 1.396   21.057  11.826  1.00 98.86  ? 154 ALA A CA  1 
ATOM   762 C  C   . ALA A 1 136 ? -0.115  20.931  12.019  1.00 98.90  ? 154 ALA A C   1 
ATOM   763 O  O   . ALA A 1 136 ? -0.650  21.334  13.054  1.00 95.68  ? 154 ALA A O   1 
ATOM   764 C  CB  . ALA A 1 136 ? 1.739   22.373  11.138  1.00 100.38 ? 154 ALA A CB  1 
HETATM 765 PT PT  A PT  B 2 .   ? 16.470  1.655   3.715   0.60 32.84  ? 1   PT  A PT  1 
HETATM 766 PT PT  B PT  B 2 .   ? 14.867  1.817   4.132   0.40 46.88  ? 1   PT  A PT  1 
HETATM 767 CL CL  . CL  C 3 .   ? 18.673  1.441   3.756   0.56 30.20  ? 4   CL  A CL  1 
HETATM 768 CL CL  A CL  D 3 .   ? 16.310  3.454   2.074   0.55 37.14  ? 5   CL  A CL  1 
HETATM 769 CL CL  B CL  D 3 .   ? 13.660  3.198   2.879   0.45 45.90  ? 5   CL  A CL  1 
HETATM 770 CL CL  A CL  E 3 .   ? 16.240  -0.070  5.468   0.58 23.73  ? 6   CL  A CL  1 
HETATM 771 CL CL  B CL  E 3 .   ? 14.465  0.412   6.728   0.42 25.86  ? 6   CL  A CL  1 
HETATM 772 PT PT  . PT  F 2 .   ? -6.080  4.152   -2.446  0.30 32.36  ? 2   PT  A PT  1 
HETATM 773 CL CL  . CL  G 3 .   ? -8.226  4.726   -2.276  0.65 37.91  ? 7   CL  A CL  1 
HETATM 774 CL CL  . CL  H 3 .   ? -4.979  5.679   -0.847  0.64 43.12  ? 8   CL  A CL  1 
HETATM 775 S  S   . SCN I 4 .   ? 5.661   7.698   0.353   1.00 44.72  ? 159 SCN A S   1 
HETATM 776 C  C   . SCN I 4 .   ? 4.067   7.082   0.853   1.00 37.21  ? 159 SCN A C   1 
HETATM 777 N  N   . SCN I 4 .   ? 3.010   6.679   1.176   1.00 31.84  ? 159 SCN A N   1 
HETATM 778 C  C1  . GOL J 5 .   ? -4.607  -8.275  1.534   1.00 52.05  ? 160 GOL A C1  1 
HETATM 779 O  O1  . GOL J 5 .   ? -4.925  -7.980  2.881   1.00 55.06  ? 160 GOL A O1  1 
HETATM 780 C  C2  . GOL J 5 .   ? -3.378  -9.175  1.431   1.00 45.21  ? 160 GOL A C2  1 
HETATM 781 O  O2  . GOL J 5 .   ? -3.125  -9.819  2.663   1.00 37.57  ? 160 GOL A O2  1 
HETATM 782 C  C3  . GOL J 5 .   ? -2.167  -8.325  1.053   1.00 42.81  ? 160 GOL A C3  1 
HETATM 783 O  O3  . GOL J 5 .   ? -1.108  -9.156  0.629   1.00 39.79  ? 160 GOL A O3  1 
HETATM 784 CL CL  . CL  K 3 .   ? -6.455  0.609   -2.897  1.00 46.83  ? 161 CL  A CL  1 
HETATM 785 S  S   . SCN L 4 .   ? 3.325   -19.944 0.425   1.00 57.32  ? 162 SCN A S   1 
HETATM 786 C  C   . SCN L 4 .   ? 2.709   -19.937 -1.291  1.00 54.47  ? 162 SCN A C   1 
HETATM 787 N  N   . SCN L 4 .   ? 2.119   -19.982 -2.362  1.00 52.78  ? 162 SCN A N   1 
HETATM 788 S  S   . SCN M 4 .   ? -0.143  0.763   4.826   1.00 34.34  ? 163 SCN A S   1 
HETATM 789 C  C   . SCN M 4 .   ? -1.046  0.596   6.388   1.00 42.73  ? 163 SCN A C   1 
HETATM 790 N  N   . SCN M 4 .   ? -1.648  0.449   7.392   1.00 44.60  ? 163 SCN A N   1 
HETATM 791 S  S   . SCN N 4 .   ? 9.267   -8.027  -2.557  1.00 63.94  ? 164 SCN A S   1 
HETATM 792 C  C   . SCN N 4 .   ? 8.374   -9.065  -3.738  1.00 62.80  ? 164 SCN A C   1 
HETATM 793 N  N   . SCN N 4 .   ? 7.549   -9.776  -4.348  1.00 61.54  ? 164 SCN A N   1 
HETATM 794 O  O   . HOH O 6 .   ? -0.026  1.699   0.654   1.00 28.19  ? 3   HOH A O   1 
HETATM 795 O  O   . HOH O 6 .   ? 4.467   -3.507  -6.770  1.00 35.50  ? 9   HOH A O   1 
HETATM 796 O  O   . HOH O 6 .   ? 5.653   10.759  5.306   1.00 41.15  ? 10  HOH A O   1 
HETATM 797 O  O   . HOH O 6 .   ? -7.342  -6.127  1.494   1.00 30.80  ? 11  HOH A O   1 
HETATM 798 O  O   . HOH O 6 .   ? -8.268  6.649   -0.125  1.00 29.82  ? 12  HOH A O   1 
HETATM 799 O  O   . HOH O 6 .   ? 7.549   -4.936  -2.298  1.00 30.46  ? 15  HOH A O   1 
HETATM 800 O  O   . HOH O 6 .   ? 9.704   -3.460  -2.053  1.00 26.62  ? 16  HOH A O   1 
HETATM 801 O  O   . HOH O 6 .   ? 5.775   -6.193  -7.387  1.00 30.72  ? 17  HOH A O   1 
HETATM 802 O  O   . HOH O 6 .   ? 3.050   -4.738  13.788  1.00 33.72  ? 18  HOH A O   1 
HETATM 803 O  O   . HOH O 6 .   ? -5.202  -8.090  -11.556 1.00 21.40  ? 165 HOH A O   1 
HETATM 804 O  O   . HOH O 6 .   ? -5.361  -9.044  -4.669  1.00 23.76  ? 166 HOH A O   1 
HETATM 805 O  O   . HOH O 6 .   ? -2.095  2.488   -3.184  1.00 27.87  ? 167 HOH A O   1 
HETATM 806 O  O   . HOH O 6 .   ? -3.877  -5.137  0.912   1.00 17.62  ? 168 HOH A O   1 
HETATM 807 O  O   . HOH O 6 .   ? 6.147   -4.614  -15.733 1.00 22.98  ? 169 HOH A O   1 
HETATM 808 O  O   . HOH O 6 .   ? 5.193   -5.088  12.241  1.00 18.50  ? 170 HOH A O   1 
HETATM 809 O  O   . HOH O 6 .   ? -5.595  -4.486  -6.357  1.00 29.31  ? 171 HOH A O   1 
HETATM 810 O  O   . HOH O 6 .   ? 7.815   -3.574  -13.592 1.00 32.26  ? 172 HOH A O   1 
HETATM 811 O  O   . HOH O 6 .   ? 1.689   -13.229 -17.010 1.00 25.18  ? 173 HOH A O   1 
HETATM 812 O  O   . HOH O 6 .   ? 1.277   -13.645 -2.316  1.00 40.29  ? 174 HOH A O   1 
HETATM 813 O  O   . HOH O 6 .   ? -0.563  3.323   2.637   1.00 26.23  ? 175 HOH A O   1 
HETATM 814 O  O   . HOH O 6 .   ? -19.261 6.353   -0.581  1.00 81.76  ? 176 HOH A O   1 
HETATM 815 O  O   . HOH O 6 .   ? -4.294  3.270   -2.833  1.00 35.59  ? 177 HOH A O   1 
HETATM 816 O  O   . HOH O 6 .   ? -9.669  -5.290  0.821   1.00 34.25  ? 178 HOH A O   1 
HETATM 817 O  O   . HOH O 6 .   ? -0.891  -12.142 -10.795 1.00 26.68  ? 179 HOH A O   1 
HETATM 818 O  O   . HOH O 6 .   ? 19.523  1.739   1.400   1.00 39.79  ? 180 HOH A O   1 
HETATM 819 O  O   . HOH O 6 .   ? -4.932  -10.957 -6.445  1.00 35.66  ? 181 HOH A O   1 
HETATM 820 O  O   . HOH O 6 .   ? -0.023  7.905   12.350  1.00 42.01  ? 182 HOH A O   1 
HETATM 821 O  O   . HOH O 6 .   ? 13.762  9.286   6.015   1.00 42.15  ? 183 HOH A O   1 
HETATM 822 O  O   . HOH O 6 .   ? -1.079  -12.553 -15.977 1.00 27.67  ? 184 HOH A O   1 
HETATM 823 O  O   . HOH O 6 .   ? 5.634   -3.473  -4.294  1.00 33.04  ? 185 HOH A O   1 
HETATM 824 O  O   . HOH O 6 .   ? -12.925 -3.216  -0.787  1.00 20.91  ? 186 HOH A O   1 
HETATM 825 O  O   . HOH O 6 .   ? 7.131   -1.135  9.315   1.00 29.08  ? 187 HOH A O   1 
HETATM 826 O  O   . HOH O 6 .   ? 10.773  10.925  4.292   1.00 33.03  ? 188 HOH A O   1 
HETATM 827 O  O   . HOH O 6 .   ? 5.716   -0.806  -3.166  1.00 33.42  ? 189 HOH A O   1 
HETATM 828 O  O   . HOH O 6 .   ? -3.076  -12.702 -7.169  1.00 43.81  ? 190 HOH A O   1 
HETATM 829 O  O   . HOH O 6 .   ? 28.879  -9.772  3.663   1.00 33.13  ? 191 HOH A O   1 
HETATM 830 O  O   . HOH O 6 .   ? 1.367   -8.749  -0.691  1.00 30.36  ? 192 HOH A O   1 
HETATM 831 O  O   . HOH O 6 .   ? -14.808 -0.750  -0.715  1.00 34.49  ? 193 HOH A O   1 
# 
loop_
_atom_site_anisotrop.id 
_atom_site_anisotrop.type_symbol 
_atom_site_anisotrop.pdbx_label_atom_id 
_atom_site_anisotrop.pdbx_label_alt_id 
_atom_site_anisotrop.pdbx_label_comp_id 
_atom_site_anisotrop.pdbx_label_asym_id 
_atom_site_anisotrop.pdbx_label_seq_id 
_atom_site_anisotrop.pdbx_PDB_ins_code 
_atom_site_anisotrop.U[1][1] 
_atom_site_anisotrop.U[2][2] 
_atom_site_anisotrop.U[3][3] 
_atom_site_anisotrop.U[1][2] 
_atom_site_anisotrop.U[1][3] 
_atom_site_anisotrop.U[2][3] 
_atom_site_anisotrop.pdbx_auth_seq_id 
_atom_site_anisotrop.pdbx_auth_comp_id 
_atom_site_anisotrop.pdbx_auth_asym_id 
_atom_site_anisotrop.pdbx_auth_atom_id 
1   N N   . GLY A 18  ? 1.0158 0.8928 0.8540 0.1746  0.0173  0.0373  36  GLY A N   
2   C CA  . GLY A 18  ? 1.0188 0.8739 0.8514 0.1737  0.0249  0.0299  36  GLY A CA  
3   C C   . GLY A 18  ? 0.9429 0.8030 0.7919 0.1474  0.0229  0.0199  36  GLY A C   
4   O O   . GLY A 18  ? 0.9567 0.7840 0.7946 0.1328  0.0285  0.0144  36  GLY A O   
5   N N   . CYS A 19  ? 0.8572 0.7596 0.7316 0.1414  0.0154  0.0178  37  CYS A N   
6   C CA  . CYS A 19  ? 0.7758 0.6876 0.6664 0.1196  0.0132  0.0101  37  CYS A CA  
7   C C   . CYS A 19  ? 0.7604 0.6762 0.6550 0.1200  0.0163  0.0040  37  CYS A C   
8   O O   . CYS A 19  ? 0.7042 0.6402 0.6033 0.1343  0.0156  0.0062  37  CYS A O   
9   C CB  . CYS A 19  ? 0.6941 0.6451 0.6069 0.1102  0.0042  0.0118  37  CYS A CB  
10  S SG  . CYS A 19  ? 0.6154 0.5640 0.5248 0.1051  0.0004  0.0169  37  CYS A SG  
11  N N   . PRO A 20  ? 0.7438 0.6444 0.6371 0.1039  0.0195  -0.0038 38  PRO A N   
12  C CA  . PRO A 20  ? 0.7340 0.6436 0.6331 0.1011  0.0213  -0.0101 38  PRO A CA  
13  C C   . PRO A 20  ? 0.7003 0.6531 0.6238 0.0987  0.0137  -0.0083 38  PRO A C   
14  O O   . PRO A 20  ? 0.6838 0.6532 0.6194 0.0904  0.0081  -0.0054 38  PRO A O   
15  C CB  . PRO A 20  ? 0.7764 0.6693 0.6715 0.0816  0.0243  -0.0178 38  PRO A CB  
16  C CG  . PRO A 20  ? 0.8214 0.6864 0.7023 0.0768  0.0271  -0.0160 38  PRO A CG  
17  C CD  . PRO A 20  ? 0.7592 0.6389 0.6467 0.0870  0.0213  -0.0070 38  PRO A CD  
18  N N   . ASP A 21  ? 0.6448 0.6133 0.5736 0.1051  0.0147  -0.0104 39  ASP A N   
19  C CA  . ASP A 21  ? 0.5715 0.5790 0.5206 0.1025  0.0091  -0.0087 39  ASP A CA  
20  C C   . ASP A 21  ? 0.4704 0.4878 0.4318 0.0842  0.0059  -0.0108 39  ASP A C   
21  O O   . ASP A 21  ? 0.4456 0.4883 0.4204 0.0795  0.0018  -0.0080 39  ASP A O   
22  C CB  . ASP A 21  ? 0.6745 0.6943 0.6252 0.1117  0.0121  -0.0113 39  ASP A CB  
23  C CG  . ASP A 21  ? 0.7404 0.7713 0.6874 0.1327  0.0132  -0.0063 39  ASP A CG  
24  O OD1 . ASP A 21  ? 0.7632 0.7913 0.7053 0.1409  0.0115  -0.0006 39  ASP A OD1 
25  O OD2 . ASP A 21  ? 0.7015 0.7462 0.6504 0.1422  0.0158  -0.0078 39  ASP A OD2 
26  N N   . ARG A 22  ? 0.4489 0.4467 0.4038 0.0742  0.0087  -0.0158 40  ARG A N   
27  C CA  . ARG A 22  ? 0.3967 0.4038 0.3610 0.0600  0.0064  -0.0167 40  ARG A CA  
28  C C   . ARG A 22  ? 0.4069 0.3939 0.3639 0.0510  0.0077  -0.0180 40  ARG A C   
29  O O   . ARG A 22  ? 0.4568 0.4213 0.4004 0.0487  0.0122  -0.0227 40  ARG A O   
30  C CB  . ARG A 22  ? 0.3647 0.3827 0.3328 0.0556  0.0079  -0.0213 40  ARG A CB  
31  C CG  . ARG A 22  ? 0.3913 0.4260 0.3704 0.0459  0.0054  -0.0197 40  ARG A CG  
32  C CD  . ARG A 22  ? 0.3974 0.4448 0.3785 0.0435  0.0068  -0.0234 40  ARG A CD  
33  N NE  . ARG A 22  ? 0.3545 0.3890 0.3251 0.0386  0.0100  -0.0307 40  ARG A NE  
34  C CZ  . ARG A 22  ? 0.4460 0.4818 0.4110 0.0392  0.0128  -0.0366 40  ARG A CZ  
35  N NH1 . ARG A 22  ? 0.3898 0.4400 0.3596 0.0463  0.0126  -0.0353 40  ARG A NH1 
36  N NH2 . ARG A 22  ? 0.4108 0.4330 0.3636 0.0313  0.0163  -0.0444 40  ARG A NH2 
37  N N   . CYS A 23  ? 0.2867 0.2811 0.2511 0.0453  0.0045  -0.0141 41  CYS A N   
38  C CA  . CYS A 23  ? 0.3501 0.3326 0.3109 0.0360  0.0054  -0.0149 41  CYS A CA  
39  C C   . CYS A 23  ? 0.3679 0.3486 0.3260 0.0271  0.0085  -0.0210 41  CYS A C   
40  O O   . CYS A 23  ? 0.3502 0.3477 0.3150 0.0257  0.0080  -0.0230 41  CYS A O   
41  C CB  . CYS A 23  ? 0.3168 0.3123 0.2874 0.0317  0.0024  -0.0104 41  CYS A CB  
42  S SG  . CYS A 23  ? 0.3224 0.3117 0.2920 0.0217  0.0040  -0.0108 41  CYS A SG  
43  N N   . GLU A 24  ? 0.3502 0.3120 0.2975 0.0203  0.0118  -0.0243 42  GLU A N   
44  C CA  . GLU A 24  ? 0.3915 0.3534 0.3343 0.0086  0.0153  -0.0314 42  GLU A CA  
45  C C   . GLU A 24  ? 0.3223 0.2914 0.2695 -0.0006 0.0149  -0.0304 42  GLU A C   
46  O O   . GLU A 24  ? 0.3521 0.3027 0.2894 -0.0064 0.0180  -0.0315 42  GLU A O   
47  C CB  . GLU A 24  ? 0.4313 0.3633 0.3542 0.0060  0.0216  -0.0376 42  GLU A CB  
48  C CG  . GLU A 24  ? 0.4955 0.4187 0.4121 0.0178  0.0232  -0.0384 42  GLU A CG  
49  C CD  . GLU A 24  ? 0.6524 0.5386 0.5444 0.0172  0.0316  -0.0439 42  GLU A CD  
50  O OE1 . GLU A 24  ? 0.6509 0.5200 0.5309 0.0032  0.0364  -0.0492 42  GLU A OE1 
51  O OE2 . GLU A 24  ? 0.7221 0.5954 0.6054 0.0307  0.0343  -0.0432 42  GLU A OE2 
52  N N   . PRO A 25  ? 0.3415 0.3368 0.3023 -0.0007 0.0120  -0.0275 43  PRO A N   
53  C CA  . PRO A 25  ? 0.3970 0.4014 0.3632 -0.0047 0.0118  -0.0244 43  PRO A CA  
54  C C   . PRO A 25  ? 0.3505 0.3575 0.3117 -0.0171 0.0153  -0.0302 43  PRO A C   
55  O O   . PRO A 25  ? 0.3036 0.3095 0.2649 -0.0208 0.0164  -0.0284 43  PRO A O   
56  C CB  . PRO A 25  ? 0.4262 0.4565 0.4043 0.0003  0.0096  -0.0204 43  PRO A CB  
57  C CG  . PRO A 25  ? 0.4090 0.4408 0.3887 0.0066  0.0080  -0.0201 43  PRO A CG  
58  C CD  . PRO A 25  ? 0.2900 0.3064 0.2598 0.0040  0.0098  -0.0267 43  PRO A CD  
59  N N   . ALA A 26  ? 0.4108 0.4226 0.3672 -0.0248 0.0173  -0.0377 44  ALA A N   
60  C CA  . ALA A 26  ? 0.4532 0.4721 0.4044 -0.0404 0.0210  -0.0448 44  ALA A CA  
61  C C   . ALA A 26  ? 0.4332 0.4181 0.3679 -0.0484 0.0261  -0.0478 44  ALA A C   
62  O O   . ALA A 26  ? 0.5186 0.5054 0.4469 -0.0633 0.0303  -0.0535 44  ALA A O   
63  C CB  . ALA A 26  ? 0.4744 0.5076 0.4223 -0.0487 0.0221  -0.0533 44  ALA A CB  
64  N N   . ARG A 27  ? 0.5151 0.4708 0.4422 -0.0382 0.0261  -0.0436 45  ARG A N   
65  C CA  . ARG A 27  ? 0.5403 0.4605 0.4497 -0.0416 0.0312  -0.0440 45  ARG A CA  
66  C C   . ARG A 27  ? 0.5656 0.4826 0.4791 -0.0362 0.0291  -0.0362 45  ARG A C   
67  O O   . ARG A 27  ? 0.5230 0.4114 0.4219 -0.0369 0.0327  -0.0348 45  ARG A O   
68  C CB  . ARG A 27  ? 0.5674 0.4574 0.4626 -0.0315 0.0335  -0.0438 45  ARG A CB  
69  C CG  . ARG A 27  ? 0.6876 0.5582 0.5648 -0.0413 0.0407  -0.0536 45  ARG A CG  
70  C CD  . ARG A 27  ? 0.7952 0.6404 0.6601 -0.0265 0.0429  -0.0523 45  ARG A CD  
71  N NE  . ARG A 27  ? 0.9074 0.7241 0.7607 -0.0136 0.0445  -0.0448 45  ARG A NE  
72  C CZ  . ARG A 27  ? 1.0451 0.8188 0.8714 -0.0146 0.0535  -0.0462 45  ARG A CZ  
73  N NH1 . ARG A 27  ? 1.0705 0.8212 0.8770 -0.0304 0.0627  -0.0563 45  ARG A NH1 
74  N NH2 . ARG A 27  ? 1.0902 0.8433 0.9071 0.0000  0.0541  -0.0376 45  ARG A NH2 
75  N N   . CYS A 28  ? 0.3715 0.3153 0.3024 -0.0309 0.0240  -0.0312 46  CYS A N   
76  C CA  . CYS A 28  ? 0.3582 0.2982 0.2917 -0.0260 0.0223  -0.0245 46  CYS A CA  
77  C C   . CYS A 28  ? 0.3723 0.3140 0.3029 -0.0371 0.0262  -0.0260 46  CYS A C   
78  O O   . CYS A 28  ? 0.4206 0.3862 0.3581 -0.0451 0.0275  -0.0296 46  CYS A O   
79  C CB  . CYS A 28  ? 0.3147 0.2761 0.2635 -0.0163 0.0174  -0.0188 46  CYS A CB  
80  S SG  . CYS A 28  ? 0.3419 0.2996 0.2927 -0.0042 0.0132  -0.0159 46  CYS A SG  
81  N N   . PRO A 29  ? 0.4542 0.3730 0.3740 -0.0373 0.0282  -0.0230 47  PRO A N   
82  C CA  . PRO A 29  ? 0.4148 0.3336 0.3302 -0.0488 0.0329  -0.0248 47  PRO A CA  
83  C C   . PRO A 29  ? 0.3844 0.3313 0.3147 -0.0464 0.0312  -0.0215 47  PRO A C   
84  O O   . PRO A 29  ? 0.4111 0.3633 0.3493 -0.0351 0.0271  -0.0161 47  PRO A O   
85  C CB  . PRO A 29  ? 0.4657 0.3513 0.3647 -0.0463 0.0349  -0.0209 47  PRO A CB  
86  C CG  . PRO A 29  ? 0.4990 0.3800 0.4007 -0.0310 0.0292  -0.0152 47  PRO A CG  
87  C CD  . PRO A 29  ? 0.4375 0.3322 0.3482 -0.0268 0.0264  -0.0179 47  PRO A CD  
88  N N   . PRO A 30  ? 0.3977 0.3622 0.3304 -0.0573 0.0351  -0.0249 48  PRO A N   
89  C CA  . PRO A 30  ? 0.3161 0.3051 0.2603 -0.0527 0.0351  -0.0211 48  PRO A CA  
90  C C   . PRO A 30  ? 0.3289 0.2979 0.2669 -0.0475 0.0356  -0.0157 48  PRO A C   
91  O O   . PRO A 30  ? 0.4019 0.3432 0.3260 -0.0515 0.0371  -0.0157 48  PRO A O   
92  C CB  . PRO A 30  ? 0.3450 0.3560 0.2899 -0.0673 0.0401  -0.0267 48  PRO A CB  
93  C CG  . PRO A 30  ? 0.3670 0.3482 0.2943 -0.0815 0.0444  -0.0322 48  PRO A CG  
94  C CD  . PRO A 30  ? 0.4186 0.3797 0.3411 -0.0749 0.0410  -0.0325 48  PRO A CD  
95  N N   . GLN A 31  ? 0.2991 0.2808 0.2449 -0.0384 0.0350  -0.0111 49  GLN A N   
96  C CA  . GLN A 31  ? 0.2899 0.2531 0.2293 -0.0331 0.0350  -0.0066 49  GLN A CA  
97  C C   . GLN A 31  ? 0.3555 0.3302 0.2960 -0.0337 0.0400  -0.0053 49  GLN A C   
98  O O   . GLN A 31  ? 0.3329 0.3355 0.2826 -0.0334 0.0427  -0.0062 49  GLN A O   
99  C CB  . GLN A 31  ? 0.3809 0.3415 0.3243 -0.0217 0.0309  -0.0027 49  GLN A CB  
100 C CG  . GLN A 31  ? 0.4058 0.3545 0.3471 -0.0199 0.0259  -0.0033 49  GLN A CG  
101 C CD  . GLN A 31  ? 0.3900 0.3142 0.3184 -0.0221 0.0250  -0.0026 49  GLN A CD  
102 O OE1 . GLN A 31  ? 0.4250 0.3397 0.3476 -0.0202 0.0246  0.0004  49  GLN A OE1 
103 N NE2 . GLN A 31  ? 0.3585 0.2715 0.2800 -0.0257 0.0255  -0.0052 49  GLN A NE2 
104 N N   . PRO A 32  ? 0.3417 0.2977 0.2725 -0.0339 0.0416  -0.0030 50  PRO A N   
105 C CA  . PRO A 32  ? 0.4006 0.3658 0.3315 -0.0325 0.0471  -0.0016 50  PRO A CA  
106 C C   . PRO A 32  ? 0.4158 0.3889 0.3519 -0.0195 0.0480  0.0021  50  PRO A C   
107 O O   . PRO A 32  ? 0.4146 0.3791 0.3513 -0.0138 0.0442  0.0036  50  PRO A O   
108 C CB  . PRO A 32  ? 0.3361 0.2746 0.2525 -0.0358 0.0476  -0.0002 50  PRO A CB  
109 C CG  . PRO A 32  ? 0.2781 0.1986 0.1904 -0.0321 0.0413  0.0012  50  PRO A CG  
110 C CD  . PRO A 32  ? 0.3012 0.2290 0.2200 -0.0340 0.0386  -0.0014 50  PRO A CD  
111 N N   . GLU A 33  ? 0.4409 0.4290 0.3790 -0.0146 0.0541  0.0037  51  GLU A N   
112 C CA  . GLU A 33  ? 0.4502 0.4400 0.3885 -0.0007 0.0577  0.0077  51  GLU A CA  
113 C C   . GLU A 33  ? 0.4523 0.4106 0.3781 0.0011  0.0572  0.0089  51  GLU A C   
114 O O   . GLU A 33  ? 0.4479 0.3984 0.3718 0.0085  0.0576  0.0110  51  GLU A O   
115 C CB  . GLU A 33  ? 0.5201 0.5305 0.4603 0.0060  0.0657  0.0095  51  GLU A CB  
116 C CG  . GLU A 33  ? 0.6405 0.6917 0.5946 0.0074  0.0662  0.0092  51  GLU A CG  
117 C CD  . GLU A 33  ? 0.7520 0.8300 0.7091 0.0191  0.0743  0.0125  51  GLU A CD  
118 O OE1 . GLU A 33  ? 0.7670 0.8279 0.7141 0.0256  0.0804  0.0148  51  GLU A OE1 
119 O OE2 . GLU A 33  ? 0.7717 0.8898 0.7407 0.0222  0.0747  0.0129  51  GLU A OE2 
120 N N   . HIS A 34  ? 0.3530 0.2942 0.2693 -0.0068 0.0568  0.0075  52  HIS A N   
121 C CA  . HIS A 34  ? 0.4158 0.3318 0.3197 -0.0078 0.0555  0.0076  52  HIS A CA  
122 C C   . HIS A 34  ? 0.4293 0.3331 0.3274 -0.0168 0.0493  0.0063  52  HIS A C   
123 O O   . HIS A 34  ? 0.3757 0.2815 0.2730 -0.0228 0.0496  0.0055  52  HIS A O   
124 C CB  . HIS A 34  ? 0.4952 0.4014 0.3880 -0.0047 0.0635  0.0081  52  HIS A CB  
125 C CG  . HIS A 34  ? 0.5476 0.4611 0.4416 0.0078  0.0714  0.0106  52  HIS A CG  
126 N ND1 . HIS A 34  ? 0.5680 0.5025 0.4675 0.0142  0.0777  0.0121  52  HIS A ND1 
127 C CD2 . HIS A 34  ? 0.5684 0.4710 0.4575 0.0160  0.0746  0.0125  52  HIS A CD2 
128 C CE1 . HIS A 34  ? 0.5365 0.4734 0.4344 0.0284  0.0843  0.0156  52  HIS A CE1 
129 N NE2 . HIS A 34  ? 0.5176 0.4320 0.4078 0.0295  0.0831  0.0159  52  HIS A NE2 
130 N N   . CYS A 35  ? 0.4232 0.3149 0.3161 -0.0176 0.0446  0.0064  53  CYS A N   
131 C CA  . CYS A 35  ? 0.4527 0.3352 0.3388 -0.0225 0.0385  0.0065  53  CYS A CA  
132 C C   . CYS A 35  ? 0.4430 0.3127 0.3149 -0.0255 0.0393  0.0063  53  CYS A C   
133 O O   . CYS A 35  ? 0.4239 0.2889 0.2915 -0.0251 0.0417  0.0050  53  CYS A O   
134 C CB  . CYS A 35  ? 0.3280 0.2140 0.2199 -0.0205 0.0315  0.0067  53  CYS A CB  
135 S SG  . CYS A 35  ? 0.4116 0.3108 0.3174 -0.0180 0.0298  0.0062  53  CYS A SG  
136 N N   . GLU A 36  ? 0.4850 0.3475 0.3478 -0.0292 0.0378  0.0074  54  GLU A N   
137 C CA  . GLU A 36  ? 0.4890 0.3418 0.3369 -0.0328 0.0373  0.0074  54  GLU A CA  
138 C C   . GLU A 36  ? 0.4243 0.2791 0.2695 -0.0342 0.0323  0.0060  54  GLU A C   
139 O O   . GLU A 36  ? 0.4309 0.2796 0.2668 -0.0383 0.0356  0.0032  54  GLU A O   
140 C CB  . GLU A 36  ? 0.5968 0.4429 0.4353 -0.0344 0.0348  0.0103  54  GLU A CB  
141 C CG  . GLU A 36  ? 0.7901 0.6293 0.6119 -0.0375 0.0333  0.0111  54  GLU A CG  
142 C CD  . GLU A 36  ? 0.8397 0.6705 0.6500 -0.0365 0.0314  0.0158  54  GLU A CD  
143 O OE1 . GLU A 36  ? 0.7653 0.5914 0.5785 -0.0348 0.0325  0.0180  54  GLU A OE1 
144 O OE2 . GLU A 36  ? 0.8558 0.6835 0.6519 -0.0379 0.0294  0.0174  54  GLU A OE2 
145 N N   . GLY A 37  ? 0.4142 0.2778 0.2665 -0.0316 0.0253  0.0073  55  GLY A N   
146 C CA  . GLY A 37  ? 0.4045 0.2758 0.2556 -0.0342 0.0204  0.0058  55  GLY A CA  
147 C C   . GLY A 37  ? 0.4301 0.3069 0.2918 -0.0333 0.0213  0.0040  55  GLY A C   
148 O O   . GLY A 37  ? 0.4101 0.2971 0.2739 -0.0356 0.0167  0.0030  55  GLY A O   
149 N N   . GLY A 38  ? 0.4025 0.2752 0.2706 -0.0297 0.0274  0.0039  56  GLY A N   
150 C CA  . GLY A 38  ? 0.3404 0.2174 0.2176 -0.0269 0.0292  0.0034  56  GLY A CA  
151 C C   . GLY A 38  ? 0.4607 0.3507 0.3515 -0.0222 0.0235  0.0050  56  GLY A C   
152 O O   . GLY A 38  ? 0.3760 0.2685 0.2684 -0.0202 0.0195  0.0066  56  GLY A O   
153 N N   . ARG A 39  ? 0.3988 0.2943 0.2966 -0.0202 0.0241  0.0048  57  ARG A N   
154 C CA  . ARG A 39  ? 0.3840 0.2915 0.2944 -0.0153 0.0202  0.0058  57  ARG A CA  
155 C C   . ARG A 39  ? 0.3214 0.2383 0.2338 -0.0163 0.0133  0.0056  57  ARG A C   
156 O O   . ARG A 39  ? 0.3791 0.2975 0.2850 -0.0219 0.0117  0.0045  57  ARG A O   
157 C CB  . ARG A 39  ? 0.4030 0.3137 0.3195 -0.0115 0.0247  0.0062  57  ARG A CB  
158 C CG  . ARG A 39  ? 0.4889 0.3953 0.4035 -0.0073 0.0325  0.0074  57  ARG A CG  
159 C CD  . ARG A 39  ? 0.5876 0.5033 0.5090 -0.0054 0.0321  0.0076  57  ARG A CD  
160 N NE  . ARG A 39  ? 0.6359 0.5564 0.5580 -0.0001 0.0393  0.0090  57  ARG A NE  
161 C CZ  . ARG A 39  ? 0.6450 0.5791 0.5734 0.0003  0.0405  0.0087  57  ARG A CZ  
162 N NH1 . ARG A 39  ? 0.5249 0.4631 0.4568 -0.0058 0.0361  0.0064  57  ARG A NH1 
163 N NH2 . ARG A 39  ? 0.6511 0.5950 0.5809 0.0068  0.0470  0.0106  57  ARG A NH2 
164 N N   . ALA A 40  ? 0.3278 0.2528 0.2485 -0.0111 0.0096  0.0065  58  ALA A N   
165 C CA  . ALA A 40  ? 0.3106 0.2477 0.2347 -0.0087 0.0036  0.0070  58  ALA A CA  
166 C C   . ALA A 40  ? 0.2708 0.2131 0.2040 -0.0025 0.0026  0.0071  58  ALA A C   
167 O O   . ALA A 40  ? 0.3159 0.2531 0.2516 -0.0017 0.0059  0.0064  58  ALA A O   
168 C CB  . ALA A 40  ? 0.3382 0.2752 0.2542 -0.0067 -0.0007 0.0090  58  ALA A CB  
169 N N   . ARG A 41  ? 0.3135 0.2678 0.2507 0.0015  -0.0017 0.0076  59  ARG A N   
170 C CA  . ARG A 41  ? 0.3008 0.2581 0.2435 0.0082  -0.0025 0.0073  59  ARG A CA  
171 C C   . ARG A 41  ? 0.3671 0.3189 0.3026 0.0158  -0.0050 0.0095  59  ARG A C   
172 O O   . ARG A 41  ? 0.4040 0.3591 0.3331 0.0175  -0.0079 0.0120  59  ARG A O   
173 C CB  . ARG A 41  ? 0.3440 0.3182 0.2957 0.0094  -0.0042 0.0066  59  ARG A CB  
174 C CG  . ARG A 41  ? 0.3441 0.3196 0.3007 0.0046  -0.0003 0.0055  59  ARG A CG  
175 C CD  . ARG A 41  ? 0.4045 0.3763 0.3648 0.0070  0.0026  0.0045  59  ARG A CD  
176 N NE  . ARG A 41  ? 0.3637 0.3329 0.3241 0.0046  0.0073  0.0052  59  ARG A NE  
177 C CZ  . ARG A 41  ? 0.3572 0.3316 0.3223 0.0070  0.0099  0.0051  59  ARG A CZ  
178 N NH1 . ARG A 41  ? 0.3459 0.3276 0.3157 0.0092  0.0081  0.0030  59  ARG A NH1 
179 N NH2 . ARG A 41  ? 0.3380 0.3108 0.3016 0.0078  0.0147  0.0071  59  ARG A NH2 
180 N N   . ASP A 42  ? 0.3635 0.3062 0.2973 0.0204  -0.0030 0.0085  60  ASP A N   
181 C CA  . ASP A 42  ? 0.4088 0.3401 0.3318 0.0297  -0.0032 0.0110  60  ASP A CA  
182 C C   . ASP A 42  ? 0.4706 0.4203 0.3966 0.0400  -0.0076 0.0137  60  ASP A C   
183 O O   . ASP A 42  ? 0.3962 0.3677 0.3336 0.0371  -0.0103 0.0125  60  ASP A O   
184 C CB  . ASP A 42  ? 0.4084 0.3206 0.3254 0.0299  0.0019  0.0080  60  ASP A CB  
185 C CG  . ASP A 42  ? 0.3416 0.2647 0.2681 0.0311  0.0020  0.0045  60  ASP A CG  
186 O OD1 . ASP A 42  ? 0.3592 0.3009 0.2938 0.0368  -0.0015 0.0057  60  ASP A OD1 
187 O OD2 . ASP A 42  ? 0.3483 0.2628 0.2734 0.0255  0.0061  0.0002  60  ASP A OD2 
188 N N   . ALA A 43  ? 0.4963 0.4380 0.4111 0.0522  -0.0076 0.0176  61  ALA A N   
189 C CA  . ALA A 43  ? 0.5119 0.4763 0.4290 0.0647  -0.0119 0.0213  61  ALA A CA  
190 C C   . ALA A 43  ? 0.5120 0.4908 0.4398 0.0686  -0.0119 0.0187  61  ALA A C   
191 O O   . ALA A 43  ? 0.5236 0.5304 0.4584 0.0752  -0.0156 0.0206  61  ALA A O   
192 C CB  . ALA A 43  ? 0.5937 0.5438 0.4935 0.0808  -0.0107 0.0276  61  ALA A CB  
193 N N   . CYS A 44  ? 0.4760 0.4389 0.4049 0.0638  -0.0075 0.0141  62  CYS A N   
194 C CA  . CYS A 44  ? 0.5122 0.4873 0.4504 0.0658  -0.0068 0.0109  62  CYS A CA  
195 C C   . CYS A 44  ? 0.4644 0.4590 0.4177 0.0533  -0.0089 0.0081  62  CYS A C   
196 O O   . CYS A 44  ? 0.4499 0.4571 0.4114 0.0537  -0.0085 0.0059  62  CYS A O   
197 C CB  . CYS A 44  ? 0.5601 0.5094 0.4893 0.0664  -0.0008 0.0070  62  CYS A CB  
198 S SG  . CYS A 44  ? 0.6123 0.5294 0.5175 0.0821  0.0046  0.0103  62  CYS A SG  
199 N N   . GLY A 45  ? 0.3645 0.3591 0.3190 0.0431  -0.0099 0.0085  63  GLY A N   
200 C CA  . GLY A 45  ? 0.3683 0.3726 0.3319 0.0321  -0.0095 0.0065  63  GLY A CA  
201 C C   . GLY A 45  ? 0.3399 0.3354 0.3064 0.0288  -0.0058 0.0034  63  GLY A C   
202 O O   . GLY A 45  ? 0.3466 0.3525 0.3204 0.0251  -0.0050 0.0026  63  GLY A O   
203 N N   . CYS A 46  ? 0.3129 0.2906 0.2725 0.0296  -0.0033 0.0019  64  CYS A N   
204 C CA  . CYS A 46  ? 0.3005 0.2746 0.2622 0.0254  -0.0001 -0.0017 64  CYS A CA  
205 C C   . CYS A 46  ? 0.3050 0.2736 0.2660 0.0173  0.0022  -0.0021 64  CYS A C   
206 O O   . CYS A 46  ? 0.2690 0.2479 0.2368 0.0144  0.0031  -0.0016 64  CYS A O   
207 C CB  . CYS A 46  ? 0.3132 0.2731 0.2661 0.0293  0.0025  -0.0049 64  CYS A CB  
208 S SG  . CYS A 46  ? 0.3316 0.2909 0.2850 0.0210  0.0063  -0.0112 64  CYS A SG  
209 N N   . CYS A 47  ? 0.2982 0.2506 0.2501 0.0148  0.0041  -0.0024 65  CYS A N   
210 C CA  . CYS A 47  ? 0.3139 0.2640 0.2655 0.0074  0.0070  -0.0033 65  CYS A CA  
211 C C   . CYS A 47  ? 0.3168 0.2648 0.2670 0.0059  0.0067  0.0001  65  CYS A C   
212 O O   . CYS A 47  ? 0.3294 0.2722 0.2745 0.0087  0.0042  0.0025  65  CYS A O   
213 C CB  . CYS A 47  ? 0.3979 0.3309 0.3388 0.0025  0.0108  -0.0063 65  CYS A CB  
214 S SG  . CYS A 47  ? 0.3619 0.2885 0.2973 0.0018  0.0133  -0.0119 65  CYS A SG  
215 N N   . GLU A 48  ? 0.3845 0.2781 0.2328 -0.0293 -0.0009 0.0109  66  GLU A N   
216 C CA  . GLU A 48  ? 0.4360 0.3325 0.3015 -0.0264 -0.0005 0.0166  66  GLU A CA  
217 C C   . GLU A 48  ? 0.4186 0.3110 0.2941 -0.0241 -0.0007 0.0134  66  GLU A C   
218 O O   . GLU A 48  ? 0.4571 0.3461 0.3319 -0.0265 -0.0056 0.0117  66  GLU A O   
219 C CB  . GLU A 48  ? 0.5404 0.4410 0.4118 -0.0297 -0.0071 0.0253  66  GLU A CB  
220 C CG  . GLU A 48  ? 0.7127 0.6178 0.5973 -0.0271 -0.0048 0.0312  66  GLU A CG  
221 C CD  . GLU A 48  ? 0.7958 0.7004 0.6966 -0.0245 -0.0049 0.0325  66  GLU A CD  
222 O OE1 . GLU A 48  ? 0.9195 0.8247 0.8282 -0.0269 -0.0104 0.0369  66  GLU A OE1 
223 O OE2 . GLU A 48  ? 0.8029 0.7066 0.7086 -0.0202 0.0006  0.0293  66  GLU A OE2 
224 N N   . VAL A 49  ? 0.3177 0.2107 0.2022 -0.0198 0.0044  0.0130  67  VAL A N   
225 C CA  . VAL A 49  ? 0.4009 0.2913 0.2946 -0.0175 0.0052  0.0115  67  VAL A CA  
226 C C   . VAL A 49  ? 0.4231 0.3168 0.3274 -0.0143 0.0079  0.0154  67  VAL A C   
227 O O   . VAL A 49  ? 0.3547 0.2514 0.2593 -0.0134 0.0097  0.0174  67  VAL A O   
228 C CB  . VAL A 49  ? 0.4062 0.2925 0.2972 -0.0154 0.0091  0.0048  67  VAL A CB  
229 C CG1 . VAL A 49  ? 0.3982 0.2804 0.2785 -0.0181 0.0075  -0.0012 67  VAL A CG1 
230 C CG2 . VAL A 49  ? 0.3827 0.2708 0.2739 -0.0120 0.0151  0.0041  67  VAL A CG2 
231 N N   . CYS A 50  ? 0.3032 0.1964 0.2160 -0.0129 0.0082  0.0164  68  CYS A N   
232 C CA  . CYS A 50  ? 0.3005 0.1964 0.2202 -0.0099 0.0118  0.0184  68  CYS A CA  
233 C C   . CYS A 50  ? 0.3084 0.2034 0.2243 -0.0072 0.0157  0.0152  68  CYS A C   
234 O O   . CYS A 50  ? 0.3338 0.2261 0.2473 -0.0069 0.0164  0.0123  68  CYS A O   
235 C CB  . CYS A 50  ? 0.3405 0.2369 0.2689 -0.0091 0.0121  0.0209  68  CYS A CB  
236 S SG  . CYS A 50  ? 0.4014 0.2999 0.3401 -0.0116 0.0081  0.0264  68  CYS A SG  
237 N N   . GLY A 51  ? 0.3044 0.2015 0.2217 -0.0055 0.0178  0.0159  69  GLY A N   
238 C CA  . GLY A 51  ? 0.3641 0.2607 0.2796 -0.0034 0.0204  0.0136  69  GLY A CA  
239 C C   . GLY A 51  ? 0.3835 0.2804 0.3018 -0.0015 0.0219  0.0140  69  GLY A C   
240 O O   . GLY A 51  ? 0.4229 0.3213 0.3447 -0.0013 0.0223  0.0157  69  GLY A O   
241 N N   . ALA A 52  ? 0.3460 0.2419 0.2630 -0.0003 0.0228  0.0128  70  ALA A N   
242 C CA  . ALA A 52  ? 0.3706 0.2673 0.2878 0.0009  0.0234  0.0136  70  ALA A CA  
243 C C   . ALA A 52  ? 0.3864 0.2844 0.3030 0.0019  0.0240  0.0127  70  ALA A C   
244 O O   . ALA A 52  ? 0.3571 0.2549 0.2748 0.0021  0.0234  0.0117  70  ALA A O   
245 C CB  . ALA A 52  ? 0.4197 0.3149 0.3372 0.0014  0.0229  0.0134  70  ALA A CB  
246 N N   . PRO A 53  ? 0.4212 0.3204 0.3367 0.0025  0.0255  0.0130  71  PRO A N   
247 C CA  . PRO A 53  ? 0.3625 0.2622 0.2770 0.0037  0.0264  0.0105  71  PRO A CA  
248 C C   . PRO A 53  ? 0.3709 0.2693 0.2812 0.0040  0.0243  0.0087  71  PRO A C   
249 O O   . PRO A 53  ? 0.3473 0.2452 0.2561 0.0035  0.0226  0.0104  71  PRO A O   
250 C CB  . PRO A 53  ? 0.3909 0.2924 0.3038 0.0042  0.0297  0.0112  71  PRO A CB  
251 C CG  . PRO A 53  ? 0.4464 0.3485 0.3586 0.0033  0.0295  0.0150  71  PRO A CG  
252 C CD  . PRO A 53  ? 0.3914 0.2918 0.3076 0.0022  0.0270  0.0156  71  PRO A CD  
253 N N   . GLU A 54  ? 0.3696 0.2673 0.2797 0.0047  0.0242  0.0052  72  GLU A N   
254 C CA  . GLU A 54  ? 0.3858 0.2820 0.2919 0.0046  0.0212  0.0031  72  GLU A CA  
255 C C   . GLU A 54  ? 0.3861 0.2830 0.2834 0.0039  0.0208  0.0046  72  GLU A C   
256 O O   . GLU A 54  ? 0.4090 0.3077 0.3016 0.0042  0.0243  0.0048  72  GLU A O   
257 C CB  . GLU A 54  ? 0.4347 0.3296 0.3418 0.0054  0.0210  -0.0020 72  GLU A CB  
258 C CG  . GLU A 54  ? 0.5203 0.4127 0.4256 0.0048  0.0161  -0.0045 72  GLU A CG  
259 C CD  . GLU A 54  ? 0.5855 0.4756 0.4907 0.0055  0.0158  -0.0112 72  GLU A CD  
260 O OE1 . GLU A 54  ? 0.6096 0.5000 0.5185 0.0067  0.0200  -0.0138 72  GLU A OE1 
261 O OE2 . GLU A 54  ? 0.6397 0.5274 0.5424 0.0048  0.0109  -0.0140 72  GLU A OE2 
262 N N   . GLY A 55  ? 0.3553 0.2514 0.2515 0.0030  0.0166  0.0064  73  GLY A N   
263 C CA  . GLY A 55  ? 0.3421 0.2393 0.2308 0.0017  0.0149  0.0095  73  GLY A CA  
264 C C   . GLY A 55  ? 0.3700 0.2689 0.2618 0.0012  0.0162  0.0150  73  GLY A C   
265 O O   . GLY A 55  ? 0.3529 0.2534 0.2409 -0.0001 0.0143  0.0191  73  GLY A O   
266 N N   . ALA A 56  ? 0.3879 0.2868 0.2870 0.0020  0.0188  0.0152  74  ALA A N   
267 C CA  . ALA A 56  ? 0.3889 0.2885 0.2927 0.0015  0.0194  0.0193  74  ALA A CA  
268 C C   . ALA A 56  ? 0.3892 0.2869 0.3010 0.0014  0.0171  0.0204  74  ALA A C   
269 O O   . ALA A 56  ? 0.3256 0.2219 0.2400 0.0019  0.0163  0.0181  74  ALA A O   
270 C CB  . ALA A 56  ? 0.3202 0.2202 0.2271 0.0019  0.0228  0.0187  74  ALA A CB  
271 N N   . ALA A 57  ? 0.3075 0.2053 0.2248 0.0008  0.0168  0.0239  75  ALA A N   
272 C CA  . ALA A 57  ? 0.3169 0.2127 0.2438 0.0009  0.0155  0.0245  75  ALA A CA  
273 C C   . ALA A 57  ? 0.3466 0.2402 0.2763 0.0018  0.0184  0.0200  75  ALA A C   
274 O O   . ALA A 57  ? 0.3308 0.2244 0.2578 0.0016  0.0201  0.0184  75  ALA A O   
275 C CB  . ALA A 57  ? 0.2749 0.1712 0.2089 0.0001  0.0143  0.0294  75  ALA A CB  
276 N N   . CYS A 58  ? 0.2911 0.1834 0.2264 0.0024  0.0188  0.0184  76  CYS A N   
277 C CA  . CYS A 58  ? 0.2864 0.1771 0.2223 0.0030  0.0221  0.0142  76  CYS A CA  
278 C C   . CYS A 58  ? 0.3228 0.2115 0.2683 0.0038  0.0239  0.0131  76  CYS A C   
279 O O   . CYS A 58  ? 0.3506 0.2395 0.3048 0.0041  0.0220  0.0163  76  CYS A O   
280 C CB  . CYS A 58  ? 0.3016 0.1935 0.2334 0.0034  0.0230  0.0127  76  CYS A CB  
281 S SG  . CYS A 58  ? 0.3471 0.2401 0.2838 0.0038  0.0201  0.0151  76  CYS A SG  
282 N N   . GLY A 59  ? 0.3448 0.2318 0.2892 0.0041  0.0276  0.0085  77  GLY A N   
283 C CA  . GLY A 59  ? 0.4021 0.2872 0.3555 0.0052  0.0312  0.0058  77  GLY A CA  
284 C C   . GLY A 59  ? 0.6056 0.4872 0.5650 0.0051  0.0314  0.0036  77  GLY A C   
285 O O   . GLY A 59  ? 0.5848 0.4665 0.5475 0.0042  0.0275  0.0074  77  GLY A O   
286 N N   . LEU A 60  ? 0.6165 0.4953 0.5778 0.0058  0.0361  -0.0026 78  LEU A N   
287 C CA  . LEU A 60  ? 0.6419 0.5162 0.6113 0.0058  0.0367  -0.0066 78  LEU A CA  
288 C C   . LEU A 60  ? 0.6322 0.5051 0.5963 0.0038  0.0325  -0.0064 78  LEU A C   
289 O O   . LEU A 60  ? 0.5977 0.4699 0.5496 0.0024  0.0324  -0.0099 78  LEU A O   
290 C CB  . LEU A 60  ? 0.6893 0.5634 0.6780 0.0069  0.0355  -0.0024 78  LEU A CB  
291 C CG  . LEU A 60  ? 0.7435 0.6177 0.7444 0.0091  0.0400  -0.0029 78  LEU A CG  
292 C CD1 . LEU A 60  ? 0.7478 0.6233 0.7670 0.0093  0.0358  0.0048  78  LEU A CD1 
293 C CD2 . LEU A 60  ? 0.7261 0.5961 0.7312 0.0106  0.0473  -0.0122 78  LEU A CD2 
294 N N   . GLN A 61  ? 0.6019 0.4752 0.5766 0.0034  0.0285  -0.0011 79  GLN A N   
295 C CA  . GLN A 61  ? 0.5262 0.3989 0.4997 0.0016  0.0246  0.0009  79  GLN A CA  
296 C C   . GLN A 61  ? 0.5056 0.3825 0.4667 0.0006  0.0226  0.0051  79  GLN A C   
297 O O   . GLN A 61  ? 0.5222 0.3986 0.4792 -0.0009 0.0207  0.0048  79  GLN A O   
298 C CB  . GLN A 61  ? 0.6797 0.5525 0.6694 0.0015  0.0213  0.0070  79  GLN A CB  
299 C CG  . GLN A 61  ? 0.6663 0.5430 0.6630 0.0021  0.0198  0.0149  79  GLN A CG  
300 C CD  . GLN A 61  ? 0.6675 0.5454 0.6794 0.0010  0.0157  0.0229  79  GLN A CD  
301 O OE1 . GLN A 61  ? 0.5912 0.4654 0.6184 0.0011  0.0153  0.0211  79  GLN A OE1 
302 N NE2 . GLN A 61  ? 0.6048 0.4880 0.6122 -0.0001 0.0126  0.0317  79  GLN A NE2 
303 N N   . GLU A 62  ? 0.3962 0.2768 0.3533 0.0014  0.0229  0.0087  80  GLU A N   
304 C CA  . GLU A 62  ? 0.3756 0.2599 0.3236 0.0008  0.0215  0.0124  80  GLU A CA  
305 C C   . GLU A 62  ? 0.4164 0.3009 0.3535 0.0004  0.0229  0.0088  80  GLU A C   
306 O O   . GLU A 62  ? 0.4424 0.3293 0.3743 -0.0003 0.0220  0.0109  80  GLU A O   
307 C CB  . GLU A 62  ? 0.3297 0.2172 0.2777 0.0013  0.0204  0.0171  80  GLU A CB  
308 C CG  . GLU A 62  ? 0.3264 0.2148 0.2844 0.0009  0.0178  0.0230  80  GLU A CG  
309 C CD  . GLU A 62  ? 0.3841 0.2742 0.3425 -0.0004 0.0163  0.0274  80  GLU A CD  
310 O OE1 . GLU A 62  ? 0.3468 0.2395 0.2956 -0.0006 0.0169  0.0286  80  GLU A OE1 
311 O OE2 . GLU A 62  ? 0.3758 0.2648 0.3455 -0.0009 0.0149  0.0300  80  GLU A OE2 
312 N N   . GLY A 63  ? 0.4639 0.3465 0.3986 0.0007  0.0254  0.0037  81  GLY A N   
313 C CA  . GLY A 63  ? 0.4900 0.3732 0.4148 -0.0003 0.0262  0.0013  81  GLY A CA  
314 C C   . GLY A 63  ? 0.4565 0.3429 0.3780 0.0005  0.0274  0.0031  81  GLY A C   
315 O O   . GLY A 63  ? 0.3812 0.2690 0.3072 0.0018  0.0274  0.0056  81  GLY A O   
316 N N   . PRO A 64  ? 0.4408 0.3287 0.3551 -0.0006 0.0279  0.0024  82  PRO A N   
317 C CA  . PRO A 64  ? 0.3747 0.2657 0.2883 0.0000  0.0288  0.0047  82  PRO A CA  
318 C C   . PRO A 64  ? 0.2862 0.1793 0.2010 0.0002  0.0262  0.0079  82  PRO A C   
319 O O   . PRO A 64  ? 0.3065 0.1996 0.2208 -0.0006 0.0244  0.0089  82  PRO A O   
320 C CB  . PRO A 64  ? 0.3382 0.2303 0.2442 -0.0017 0.0298  0.0038  82  PRO A CB  
321 C CG  . PRO A 64  ? 0.4271 0.3171 0.3289 -0.0038 0.0268  0.0023  82  PRO A CG  
322 C CD  . PRO A 64  ? 0.3944 0.2807 0.3015 -0.0029 0.0271  -0.0003 82  PRO A CD  
323 N N   . CYS A 65  ? 0.3080 0.2030 0.2255 0.0012  0.0263  0.0093  83  CYS A N   
324 C CA  . CYS A 65  ? 0.3680 0.2644 0.2863 0.0014  0.0244  0.0109  83  CYS A CA  
325 C C   . CYS A 65  ? 0.3802 0.2784 0.2976 0.0001  0.0240  0.0121  83  CYS A C   
326 O O   . CYS A 65  ? 0.3037 0.2028 0.2189 -0.0009 0.0248  0.0127  83  CYS A O   
327 C CB  . CYS A 65  ? 0.3142 0.2112 0.2367 0.0026  0.0238  0.0113  83  CYS A CB  
328 S SG  . CYS A 65  ? 0.3687 0.2642 0.2941 0.0035  0.0225  0.0115  83  CYS A SG  
329 N N   . GLY A 66  ? 0.3459 0.2449 0.2653 0.0002  0.0227  0.0129  84  GLY A N   
330 C CA  . GLY A 66  ? 0.3927 0.2937 0.3150 -0.0012 0.0216  0.0153  84  GLY A CA  
331 C C   . GLY A 66  ? 0.3853 0.2883 0.3124 -0.0010 0.0212  0.0170  84  GLY A C   
332 O O   . GLY A 66  ? 0.3083 0.2108 0.2369 0.0003  0.0217  0.0159  84  GLY A O   
333 N N   . GLU A 67  ? 0.3014 0.2066 0.2327 -0.0025 0.0195  0.0204  85  GLU A N   
334 C CA  . GLU A 67  ? 0.4089 0.3165 0.3471 -0.0027 0.0188  0.0234  85  GLU A CA  
335 C C   . GLU A 67  ? 0.3830 0.2892 0.3285 -0.0005 0.0187  0.0208  85  GLU A C   
336 O O   . GLU A 67  ? 0.3827 0.2871 0.3297 0.0008  0.0188  0.0175  85  GLU A O   
337 C CB  . GLU A 67  ? 0.3852 0.2958 0.3305 -0.0048 0.0161  0.0286  85  GLU A CB  
338 C CG  . GLU A 67  ? 0.4397 0.3522 0.3772 -0.0081 0.0147  0.0322  85  GLU A CG  
339 C CD  . GLU A 67  ? 0.4915 0.4069 0.4373 -0.0106 0.0107  0.0384  85  GLU A CD  
340 O OE1 . GLU A 67  ? 0.4993 0.4152 0.4590 -0.0094 0.0098  0.0396  85  GLU A OE1 
341 O OE2 . GLU A 67  ? 0.5229 0.4398 0.4618 -0.0139 0.0080  0.0419  85  GLU A OE2 
342 N N   . GLY A 68  ? 0.3145 0.2216 0.2639 -0.0001 0.0186  0.0220  86  GLY A N   
343 C CA  . GLY A 68  ? 0.3970 0.3027 0.3543 0.0014  0.0170  0.0196  86  GLY A CA  
344 C C   . GLY A 68  ? 0.4220 0.3244 0.3736 0.0028  0.0170  0.0153  86  GLY A C   
345 O O   . GLY A 68  ? 0.3434 0.2438 0.2993 0.0036  0.0148  0.0126  86  GLY A O   
346 N N   . LEU A 69  ? 0.3182 0.2202 0.2611 0.0026  0.0190  0.0149  87  LEU A N   
347 C CA  . LEU A 69  ? 0.3332 0.2328 0.2718 0.0035  0.0185  0.0123  87  LEU A CA  
348 C C   . LEU A 69  ? 0.3469 0.2472 0.2863 0.0035  0.0201  0.0142  87  LEU A C   
349 O O   . LEU A 69  ? 0.3536 0.2556 0.2914 0.0028  0.0229  0.0160  87  LEU A O   
350 C CB  . LEU A 69  ? 0.2839 0.1822 0.2146 0.0035  0.0196  0.0105  87  LEU A CB  
351 C CG  . LEU A 69  ? 0.3300 0.2282 0.2603 0.0038  0.0197  0.0084  87  LEU A CG  
352 C CD1 . LEU A 69  ? 0.3375 0.2362 0.2631 0.0034  0.0217  0.0090  87  LEU A CD1 
353 C CD2 . LEU A 69  ? 0.3152 0.2114 0.2429 0.0046  0.0180  0.0048  87  LEU A CD2 
354 N N   . GLN A 70  ? 0.3467 0.2456 0.2890 0.0041  0.0183  0.0139  88  GLN A N   
355 C CA  . GLN A 70  ? 0.3687 0.2681 0.3152 0.0045  0.0202  0.0157  88  GLN A CA  
356 C C   . GLN A 70  ? 0.3426 0.2399 0.2865 0.0046  0.0192  0.0147  88  GLN A C   
357 O O   . GLN A 70  ? 0.3040 0.1999 0.2451 0.0044  0.0154  0.0138  88  GLN A O   
358 C CB  . GLN A 70  ? 0.4584 0.3588 0.4162 0.0047  0.0181  0.0180  88  GLN A CB  
359 C CG  . GLN A 70  ? 0.6134 0.5143 0.5791 0.0055  0.0202  0.0204  88  GLN A CG  
360 C CD  . GLN A 70  ? 0.6339 0.5375 0.5992 0.0059  0.0272  0.0215  88  GLN A CD  
361 O OE1 . GLN A 70  ? 0.5483 0.4548 0.5138 0.0054  0.0292  0.0236  88  GLN A OE1 
362 N NE2 . GLN A 70  ? 0.6146 0.5173 0.5795 0.0066  0.0309  0.0202  88  GLN A NE2 
363 N N   . CYS A 71  ? 0.3061 0.2033 0.2505 0.0050  0.0227  0.0149  89  CYS A N   
364 C CA  . CYS A 71  ? 0.3502 0.2457 0.2960 0.0051  0.0216  0.0151  89  CYS A CA  
365 C C   . CYS A 71  ? 0.3448 0.2405 0.3018 0.0055  0.0192  0.0178  89  CYS A C   
366 O O   . CYS A 71  ? 0.3446 0.2414 0.3102 0.0064  0.0224  0.0190  89  CYS A O   
367 C CB  . CYS A 71  ? 0.3528 0.2475 0.2976 0.0054  0.0260  0.0134  89  CYS A CB  
368 S SG  . CYS A 71  ? 0.3472 0.2397 0.2954 0.0053  0.0242  0.0143  89  CYS A SG  
369 N N   . VAL A 72  ? 0.2950 0.1897 0.2517 0.0046  0.0133  0.0194  90  VAL A N   
370 C CA  . VAL A 72  ? 0.2747 0.1693 0.2427 0.0043  0.0093  0.0229  90  VAL A CA  
371 C C   . VAL A 72  ? 0.3718 0.2658 0.3446 0.0038  0.0073  0.0259  90  VAL A C   
372 O O   . VAL A 72  ? 0.3555 0.2491 0.3203 0.0031  0.0066  0.0258  90  VAL A O   
373 C CB  . VAL A 72  ? 0.3419 0.2359 0.3081 0.0030  0.0022  0.0230  90  VAL A CB  
374 C CG1 . VAL A 72  ? 0.3696 0.2641 0.3344 0.0035  0.0040  0.0203  90  VAL A CG1 
375 C CG2 . VAL A 72  ? 0.4567 0.3497 0.4106 0.0014  -0.0024 0.0221  90  VAL A CG2 
376 N N   . VAL A 73  ? 0.4384 0.3328 0.4270 0.0042  0.0069  0.0294  91  VAL A N   
377 C CA  . VAL A 73  ? 0.4283 0.3223 0.4269 0.0039  0.0055  0.0331  91  VAL A CA  
378 C C   . VAL A 73  ? 0.4003 0.2948 0.4129 0.0027  -0.0015 0.0390  91  VAL A C   
379 O O   . VAL A 73  ? 0.3471 0.2423 0.3665 0.0030  -0.0023 0.0396  91  VAL A O   
380 C CB  . VAL A 73  ? 0.4168 0.3103 0.4250 0.0062  0.0140  0.0308  91  VAL A CB  
381 C CG1 . VAL A 73  ? 0.4536 0.3462 0.4476 0.0068  0.0192  0.0253  91  VAL A CG1 
382 C CG2 . VAL A 73  ? 0.4172 0.3120 0.4375 0.0080  0.0192  0.0307  91  VAL A CG2 
383 N N   . PRO A 74  ? 0.4564 0.3510 0.4750 0.0010  -0.0071 0.0444  92  PRO A N   
384 C CA  . PRO A 74  ? 0.4922 0.3874 0.5269 -0.0005 -0.0145 0.0512  92  PRO A CA  
385 C C   . PRO A 74  ? 0.5296 0.4254 0.5874 0.0019  -0.0088 0.0524  92  PRO A C   
386 O O   . PRO A 74  ? 0.5707 0.4662 0.6346 0.0045  0.0000  0.0495  92  PRO A O   
387 C CB  . PRO A 74  ? 0.5372 0.4330 0.5751 -0.0027 -0.0200 0.0574  92  PRO A CB  
388 C CG  . PRO A 74  ? 0.5404 0.4355 0.5699 -0.0012 -0.0130 0.0534  92  PRO A CG  
389 C CD  . PRO A 74  ? 0.5464 0.4409 0.5579 0.0001  -0.0077 0.0456  92  PRO A CD  
390 N N   . PHE A 75  ? 0.4881 0.3847 0.5586 0.0012  -0.0136 0.0564  93  PHE A N   
391 C CA  . PHE A 75  ? 0.5948 0.4929 0.6888 0.0037  -0.0078 0.0585  93  PHE A CA  
392 C C   . PHE A 75  ? 0.7031 0.6017 0.8215 0.0033  -0.0104 0.0655  93  PHE A C   
393 O O   . PHE A 75  ? 0.7549 0.6529 0.8714 0.0011  -0.0172 0.0694  93  PHE A O   
394 C CB  . PHE A 75  ? 0.7234 0.6224 0.8225 0.0028  -0.0123 0.0604  93  PHE A CB  
395 C CG  . PHE A 75  ? 0.8132 0.7146 0.9351 0.0055  -0.0045 0.0626  93  PHE A CG  
396 C CD1 . PHE A 75  ? 0.8491 0.7517 0.9758 0.0091  0.0091  0.0589  93  PHE A CD1 
397 C CD2 . PHE A 75  ? 0.8255 0.7283 0.9637 0.0045  -0.0106 0.0681  93  PHE A CD2 
398 C CE1 . PHE A 75  ? 0.8572 0.7626 1.0037 0.0117  0.0176  0.0609  93  PHE A CE1 
399 C CE2 . PHE A 75  ? 0.8286 0.7345 0.9892 0.0071  -0.0027 0.0712  93  PHE A CE2 
400 C CZ  . PHE A 75  ? 0.8884 0.7959 1.0526 0.0108  0.0121  0.0676  93  PHE A CZ  
401 N N   . ALA A 89  ? 0.4972 0.3836 0.5026 0.0058  0.0203  0.0246  107 ALA A N   
402 C CA  . ALA A 89  ? 0.4991 0.3876 0.4887 0.0041  0.0163  0.0269  107 ALA A CA  
403 C C   . ALA A 89  ? 0.4410 0.3316 0.4236 0.0038  0.0138  0.0282  107 ALA A C   
404 O O   . ALA A 89  ? 0.5642 0.4554 0.5567 0.0037  0.0113  0.0315  107 ALA A O   
405 C CB  . ALA A 89  ? 0.5254 0.4153 0.5182 0.0023  0.0110  0.0338  107 ALA A CB  
406 N N   . GLY A 90  ? 0.3866 0.2779 0.3541 0.0035  0.0143  0.0255  108 GLY A N   
407 C CA  . GLY A 90  ? 0.3349 0.2276 0.2964 0.0030  0.0115  0.0258  108 GLY A CA  
408 C C   . GLY A 90  ? 0.3451 0.2387 0.2917 0.0022  0.0104  0.0246  108 GLY A C   
409 O O   . GLY A 90  ? 0.3272 0.2209 0.2693 0.0018  0.0117  0.0248  108 GLY A O   
410 N N   . LEU A 91  ? 0.2858 0.1797 0.2267 0.0019  0.0081  0.0233  109 LEU A N   
411 C CA  . LEU A 91  ? 0.3745 0.2691 0.3030 0.0015  0.0082  0.0208  109 LEU A CA  
412 C C   . LEU A 91  ? 0.3780 0.2722 0.3056 0.0025  0.0106  0.0168  109 LEU A C   
413 O O   . LEU A 91  ? 0.3301 0.2240 0.2648 0.0031  0.0102  0.0168  109 LEU A O   
414 C CB  . LEU A 91  ? 0.3928 0.2876 0.3146 0.0000  0.0028  0.0221  109 LEU A CB  
415 C CG  . LEU A 91  ? 0.6121 0.5086 0.5299 -0.0018 -0.0002 0.0272  109 LEU A CG  
416 C CD1 . LEU A 91  ? 0.5869 0.4833 0.4970 -0.0040 -0.0069 0.0284  109 LEU A CD1 
417 C CD2 . LEU A 91  ? 0.6062 0.5042 0.5157 -0.0016 0.0041  0.0267  109 LEU A CD2 
418 N N   . CYS A 92  ? 0.3345 0.2291 0.2551 0.0028  0.0132  0.0144  110 CYS A N   
419 C CA  . CYS A 92  ? 0.3103 0.2050 0.2317 0.0034  0.0147  0.0117  110 CYS A CA  
420 C C   . CYS A 92  ? 0.3839 0.2780 0.3031 0.0033  0.0117  0.0093  110 CYS A C   
421 O O   . CYS A 92  ? 0.3436 0.2374 0.2549 0.0029  0.0109  0.0079  110 CYS A O   
422 C CB  . CYS A 92  ? 0.3427 0.2383 0.2609 0.0035  0.0181  0.0108  110 CYS A CB  
423 S SG  . CYS A 92  ? 0.3490 0.2443 0.2689 0.0032  0.0207  0.0119  110 CYS A SG  
424 N N   . VAL A 93  ? 0.3305 0.2242 0.2568 0.0035  0.0102  0.0089  111 VAL A N   
425 C CA  . VAL A 93  ? 0.3737 0.2660 0.3004 0.0033  0.0068  0.0057  111 VAL A CA  
426 C C   . VAL A 93  ? 0.3537 0.2465 0.2873 0.0041  0.0087  0.0049  111 VAL A C   
427 O O   . VAL A 93  ? 0.3386 0.2336 0.2778 0.0042  0.0111  0.0081  111 VAL A O   
428 C CB  . VAL A 93  ? 0.3952 0.2861 0.3272 0.0025  0.0010  0.0070  111 VAL A CB  
429 C CG1 . VAL A 93  ? 0.3703 0.2613 0.2981 0.0014  -0.0017 0.0099  111 VAL A CG1 
430 C CG2 . VAL A 93  ? 0.4574 0.3496 0.4030 0.0031  0.0016  0.0103  111 VAL A CG2 
431 N N   . CYS A 94  ? 0.3741 0.2656 0.3081 0.0043  0.0075  0.0009  112 CYS A N   
432 C CA  . CYS A 94  ? 0.3650 0.2574 0.3085 0.0047  0.0085  0.0010  112 CYS A CA  
433 C C   . CYS A 94  ? 0.3929 0.2859 0.3482 0.0044  0.0056  0.0041  112 CYS A C   
434 O O   . CYS A 94  ? 0.3754 0.2662 0.3331 0.0040  0.0010  0.0028  112 CYS A O   
435 C CB  . CYS A 94  ? 0.3521 0.2422 0.2957 0.0053  0.0082  -0.0049 112 CYS A CB  
436 S SG  . CYS A 94  ? 0.3653 0.2572 0.3227 0.0058  0.0102  -0.0033 112 CYS A SG  
437 N N   . ALA A 95  ? 0.3349 0.2309 0.2975 0.0043  0.0079  0.0087  113 ALA A N   
438 C CA  . ALA A 95  ? 0.4304 0.3282 0.4056 0.0041  0.0063  0.0130  113 ALA A CA  
439 C C   . ALA A 95  ? 0.4187 0.3147 0.4056 0.0040  0.0019  0.0110  113 ALA A C   
440 O O   . ALA A 95  ? 0.4265 0.3229 0.4252 0.0037  -0.0010 0.0140  113 ALA A O   
441 C CB  . ALA A 95  ? 0.4246 0.3271 0.4026 0.0036  0.0105  0.0189  113 ALA A CB  
442 N N   . SER A 96  ? 0.4455 0.3392 0.4310 0.0044  0.0016  0.0060  114 SER A N   
443 C CA  . SER A 96  ? 0.5210 0.4114 0.5169 0.0046  -0.0028 0.0015  114 SER A CA  
444 C C   . SER A 96  ? 0.4627 0.3479 0.4469 0.0049  -0.0048 -0.0075 114 SER A C   
445 O O   . SER A 96  ? 0.5463 0.4315 0.5168 0.0053  -0.0011 -0.0101 114 SER A O   
446 C CB  . SER A 96  ? 0.5746 0.4664 0.5821 0.0049  -0.0013 0.0027  114 SER A CB  
447 O OG  . SER A 96  ? 0.7166 0.6078 0.7157 0.0057  0.0025  -0.0013 114 SER A OG  
448 N N   . SER A 97  ? 0.5085 0.3897 0.4980 0.0044  -0.0107 -0.0121 115 SER A N   
449 C CA  . SER A 97  ? 0.5038 0.3802 0.4795 0.0039  -0.0134 -0.0207 115 SER A CA  
450 C C   . SER A 97  ? 0.5715 0.4429 0.5512 0.0045  -0.0150 -0.0304 115 SER A C   
451 O O   . SER A 97  ? 0.5711 0.4381 0.5377 0.0040  -0.0173 -0.0388 115 SER A O   
452 C CB  . SER A 97  ? 0.5553 0.4303 0.5294 0.0022  -0.0204 -0.0189 115 SER A CB  
453 O OG  . SER A 97  ? 0.6528 0.5262 0.6454 0.0016  -0.0262 -0.0174 115 SER A OG  
454 N N   . GLU A 98  ? 0.5467 0.4186 0.5444 0.0055  -0.0139 -0.0294 116 GLU A N   
455 C CA  . GLU A 98  ? 0.5646 0.4312 0.5715 0.0062  -0.0158 -0.0388 116 GLU A CA  
456 C C   . GLU A 98  ? 0.5605 0.4267 0.5633 0.0081  -0.0084 -0.0450 116 GLU A C   
457 O O   . GLU A 98  ? 0.5431 0.4143 0.5473 0.0089  -0.0027 -0.0386 116 GLU A O   
458 C CB  . GLU A 98  ? 0.6978 0.5651 0.7314 0.0060  -0.0197 -0.0340 116 GLU A CB  
459 C CG  . GLU A 98  ? 0.7856 0.6543 0.8280 0.0043  -0.0262 -0.0267 116 GLU A CG  
460 C CD  . GLU A 98  ? 0.8027 0.6660 0.8343 0.0028  -0.0333 -0.0330 116 GLU A CD  
461 O OE1 . GLU A 98  ? 0.8159 0.6726 0.8436 0.0026  -0.0367 -0.0445 116 GLU A OE1 
462 O OE2 . GLU A 98  ? 0.8471 0.7130 0.8749 0.0015  -0.0356 -0.0264 116 GLU A OE2 
463 N N   . PRO A 99  ? 0.6254 0.4856 0.6236 0.0089  -0.0084 -0.0575 117 PRO A N   
464 C CA  . PRO A 99  ? 0.6260 0.4855 0.6223 0.0111  -0.0002 -0.0643 117 PRO A CA  
465 C C   . PRO A 99  ? 0.6265 0.4882 0.6482 0.0126  0.0026  -0.0601 117 PRO A C   
466 O O   . PRO A 99  ? 0.6370 0.4982 0.6797 0.0120  -0.0027 -0.0566 117 PRO A O   
467 C CB  . PRO A 99  ? 0.7097 0.5614 0.6988 0.0113  -0.0021 -0.0794 117 PRO A CB  
468 C CG  . PRO A 99  ? 0.7432 0.5927 0.7185 0.0085  -0.0108 -0.0791 117 PRO A CG  
469 C CD  . PRO A 99  ? 0.6624 0.5160 0.6548 0.0074  -0.0158 -0.0664 117 PRO A CD  
470 N N   . VAL A 100 ? 0.6239 0.4887 0.6451 0.0142  0.0106  -0.0593 118 VAL A N   
471 C CA  . VAL A 100 ? 0.6535 0.5212 0.6990 0.0152  0.0132  -0.0539 118 VAL A CA  
472 C C   . VAL A 100 ? 0.6528 0.5190 0.7010 0.0180  0.0216  -0.0621 118 VAL A C   
473 O O   . VAL A 100 ? 0.6522 0.5182 0.6800 0.0187  0.0274  -0.0670 118 VAL A O   
474 C CB  . VAL A 100 ? 0.5984 0.4736 0.6447 0.0139  0.0135  -0.0393 118 VAL A CB  
475 C CG1 . VAL A 100 ? 0.6438 0.5213 0.6970 0.0117  0.0066  -0.0301 118 VAL A CG1 
476 C CG2 . VAL A 100 ? 0.6162 0.4939 0.6381 0.0137  0.0178  -0.0380 118 VAL A CG2 
477 N N   . CYS A 101 ? 0.6357 0.5009 0.7104 0.0193  0.0227  -0.0630 119 CYS A N   
478 C CA  . CYS A 101 ? 0.6459 0.5100 0.7287 0.0221  0.0316  -0.0702 119 CYS A CA  
479 C C   . CYS A 101 ? 0.6425 0.5134 0.7409 0.0221  0.0345  -0.0581 119 CYS A C   
480 O O   . CYS A 101 ? 0.6515 0.5253 0.7718 0.0207  0.0293  -0.0480 119 CYS A O   
481 C CB  . CYS A 101 ? 0.7109 0.5682 0.8146 0.0241  0.0315  -0.0820 119 CYS A CB  
482 S SG  . CYS A 101 ? 0.7654 0.6187 0.8689 0.0282  0.0446  -0.0978 119 CYS A SG  
483 N N   . GLY A 102 ? 0.6577 0.5314 0.7450 0.0233  0.0422  -0.0581 120 GLY A N   
484 C CA  . GLY A 102 ? 0.7000 0.5799 0.8003 0.0228  0.0446  -0.0467 120 GLY A CA  
485 C C   . GLY A 102 ? 0.7721 0.6516 0.9002 0.0255  0.0506  -0.0497 120 GLY A C   
486 O O   . GLY A 102 ? 0.7672 0.6412 0.9061 0.0279  0.0534  -0.0614 120 GLY A O   
487 N N   . SER A 103 ? 0.8080 0.6930 0.9485 0.0249  0.0522  -0.0391 121 SER A N   
488 C CA  . SER A 103 ? 0.8076 0.6935 0.9790 0.0270  0.0573  -0.0387 121 SER A CA  
489 C C   . SER A 103 ? 0.8306 0.7136 0.9982 0.0312  0.0698  -0.0519 121 SER A C   
490 O O   . SER A 103 ? 0.8382 0.7197 1.0321 0.0340  0.0756  -0.0569 121 SER A O   
491 C CB  . SER A 103 ? 0.8149 0.7080 0.9983 0.0246  0.0544  -0.0228 121 SER A CB  
492 O OG  . SER A 103 ? 0.8689 0.7645 1.0670 0.0212  0.0442  -0.0113 121 SER A OG  
493 N N   . ASP A 104 ? 0.8403 0.7233 0.9763 0.0314  0.0742  -0.0568 122 ASP A N   
494 C CA  . ASP A 104 ? 0.8589 0.7392 0.9840 0.0350  0.0861  -0.0706 122 ASP A CA  
495 C C   . ASP A 104 ? 0.8919 0.7641 1.0081 0.0361  0.0853  -0.0860 122 ASP A C   
496 O O   . ASP A 104 ? 0.9231 0.7924 1.0507 0.0346  0.0762  -0.0854 122 ASP A O   
497 C CB  . ASP A 104 ? 0.8099 0.6939 0.9047 0.0342  0.0903  -0.0680 122 ASP A CB  
498 C CG  . ASP A 104 ? 0.7723 0.6570 0.8432 0.0304  0.0801  -0.0615 122 ASP A CG  
499 O OD1 . ASP A 104 ? 0.7337 0.6152 0.8058 0.0289  0.0714  -0.0622 122 ASP A OD1 
500 O OD2 . ASP A 104 ? 0.7670 0.6556 0.8198 0.0292  0.0812  -0.0555 122 ASP A OD2 
501 N N   . ALA A 105 ? 0.9828 0.8520 1.0794 0.0383  0.0946  -0.0997 123 ALA A N   
502 C CA  . ALA A 105 ? 1.0337 0.8949 1.1179 0.0388  0.0927  -0.1152 123 ALA A CA  
503 C C   . ALA A 105 ? 1.0642 0.9245 1.1164 0.0353  0.0837  -0.1136 123 ALA A C   
504 O O   . ALA A 105 ? 1.1468 1.0011 1.1937 0.0340  0.0765  -0.1212 123 ALA A O   
505 C CB  . ALA A 105 ? 1.0485 0.9063 1.1237 0.0424  0.1063  -0.1316 123 ALA A CB  
506 N N   . ASN A 106 ? 1.0409 0.9074 1.0744 0.0335  0.0840  -0.1032 124 ASN A N   
507 C CA  . ASN A 106 ? 0.9943 0.8609 0.9975 0.0304  0.0772  -0.1011 124 ASN A CA  
508 C C   . ASN A 106 ? 0.9561 0.8209 0.9637 0.0275  0.0638  -0.0950 124 ASN A C   
509 O O   . ASN A 106 ? 0.9275 0.7957 0.9538 0.0265  0.0590  -0.0834 124 ASN A O   
510 C CB  . ASN A 106 ? 0.9918 0.8654 0.9799 0.0294  0.0805  -0.0903 124 ASN A CB  
511 C CG  . ASN A 106 ? 1.0085 0.8845 0.9874 0.0319  0.0940  -0.0958 124 ASN A CG  
512 O OD1 . ASN A 106 ? 1.0290 0.9009 0.9941 0.0333  0.1000  -0.1092 124 ASN A OD1 
513 N ND2 . ASN A 106 ? 0.9970 0.8796 0.9829 0.0323  0.0990  -0.0852 124 ASN A ND2 
514 N N   . THR A 107 ? 0.9593 0.8190 0.9496 0.0260  0.0579  -0.1028 125 THR A N   
515 C CA  . THR A 107 ? 0.8764 0.7351 0.8673 0.0230  0.0457  -0.0965 125 THR A CA  
516 C C   . THR A 107 ? 0.8150 0.6785 0.7836 0.0207  0.0430  -0.0869 125 THR A C   
517 O O   . THR A 107 ? 0.7699 0.6341 0.7148 0.0203  0.0471  -0.0905 125 THR A O   
518 C CB  . THR A 107 ? 0.9357 0.7864 0.9218 0.0222  0.0391  -0.1087 125 THR A CB  
519 O OG1 . THR A 107 ? 1.0040 0.8522 0.9599 0.0217  0.0420  -0.1182 125 THR A OG1 
520 C CG2 . THR A 107 ? 0.9648 0.8101 0.9764 0.0246  0.0412  -0.1186 125 THR A CG2 
521 N N   . TYR A 108 ? 0.6534 0.5202 0.6303 0.0189  0.0366  -0.0748 126 TYR A N   
522 C CA  . TYR A 108 ? 0.6214 0.4925 0.5816 0.0168  0.0343  -0.0655 126 TYR A CA  
523 C C   . TYR A 108 ? 0.6375 0.5063 0.5904 0.0144  0.0247  -0.0644 126 TYR A C   
524 O O   . TYR A 108 ? 0.6625 0.5287 0.6308 0.0139  0.0187  -0.0647 126 TYR A O   
525 C CB  . TYR A 108 ? 0.4844 0.3615 0.4564 0.0165  0.0354  -0.0530 126 TYR A CB  
526 C CG  . TYR A 108 ? 0.5518 0.4320 0.5280 0.0185  0.0444  -0.0527 126 TYR A CG  
527 C CD1 . TYR A 108 ? 0.5640 0.4437 0.5625 0.0204  0.0483  -0.0550 126 TYR A CD1 
528 C CD2 . TYR A 108 ? 0.5749 0.4585 0.5350 0.0183  0.0490  -0.0495 126 TYR A CD2 
529 C CE1 . TYR A 108 ? 0.5875 0.4702 0.5926 0.0223  0.0568  -0.0540 126 TYR A CE1 
530 C CE2 . TYR A 108 ? 0.5821 0.4689 0.5481 0.0200  0.0575  -0.0484 126 TYR A CE2 
531 C CZ  . TYR A 108 ? 0.6267 0.5132 0.6153 0.0220  0.0615  -0.0507 126 TYR A CZ  
532 O OH  . TYR A 108 ? 0.6986 0.5884 0.6956 0.0238  0.0699  -0.0490 126 TYR A OH  
533 N N   . ALA A 109 ? 0.6161 0.4860 0.5477 0.0127  0.0233  -0.0626 127 ALA A N   
534 C CA  . ALA A 109 ? 0.6255 0.4935 0.5498 0.0103  0.0142  -0.0611 127 ALA A CA  
535 C C   . ALA A 109 ? 0.5859 0.4562 0.5261 0.0094  0.0091  -0.0510 127 ALA A C   
536 O O   . ALA A 109 ? 0.5917 0.4597 0.5374 0.0080  0.0016  -0.0506 127 ALA A O   
537 C CB  . ALA A 109 ? 0.6531 0.5231 0.5544 0.0087  0.0141  -0.0585 127 ALA A CB  
538 N N   . ASN A 110 ? 0.4964 0.3716 0.4442 0.0101  0.0132  -0.0429 128 ASN A N   
539 C CA  . ASN A 110 ? 0.4564 0.3345 0.4194 0.0094  0.0102  -0.0339 128 ASN A CA  
540 C C   . ASN A 110 ? 0.4638 0.3461 0.4370 0.0103  0.0151  -0.0284 128 ASN A C   
541 O O   . ASN A 110 ? 0.4898 0.3725 0.4607 0.0115  0.0209  -0.0313 128 ASN A O   
542 C CB  . ASN A 110 ? 0.4556 0.3358 0.4106 0.0077  0.0067  -0.0270 128 ASN A CB  
543 C CG  . ASN A 110 ? 0.4784 0.3614 0.4185 0.0076  0.0107  -0.0239 128 ASN A CG  
544 O OD1 . ASN A 110 ? 0.4378 0.3238 0.3796 0.0083  0.0156  -0.0208 128 ASN A OD1 
545 N ND2 . ASN A 110 ? 0.4604 0.3428 0.3876 0.0064  0.0080  -0.0239 128 ASN A ND2 
546 N N   . LEU A 111 ? 0.4370 0.3224 0.4216 0.0093  0.0128  -0.0199 129 LEU A N   
547 C CA  . LEU A 111 ? 0.3837 0.2729 0.3789 0.0092  0.0154  -0.0137 129 LEU A CA  
548 C C   . LEU A 111 ? 0.3576 0.2500 0.3404 0.0087  0.0188  -0.0094 129 LEU A C   
549 O O   . LEU A 111 ? 0.3266 0.2213 0.3149 0.0087  0.0216  -0.0065 129 LEU A O   
550 C CB  . LEU A 111 ? 0.4021 0.2941 0.4122 0.0078  0.0113  -0.0058 129 LEU A CB  
551 C CG  . LEU A 111 ? 0.3667 0.2634 0.3890 0.0066  0.0116  0.0029  129 LEU A CG  
552 C CD1 . LEU A 111 ? 0.3792 0.2753 0.4154 0.0079  0.0141  0.0003  129 LEU A CD1 
553 C CD2 . LEU A 111 ? 0.4134 0.3126 0.4487 0.0052  0.0074  0.0101  129 LEU A CD2 
554 N N   . CYS A 112 ? 0.4129 0.3052 0.3809 0.0081  0.0181  -0.0089 130 CYS A N   
555 C CA  . CYS A 112 ? 0.4288 0.3231 0.3858 0.0076  0.0210  -0.0059 130 CYS A CA  
556 C C   . CYS A 112 ? 0.3768 0.2708 0.3294 0.0090  0.0259  -0.0101 130 CYS A C   
557 O O   . CYS A 112 ? 0.3743 0.2707 0.3281 0.0088  0.0288  -0.0065 130 CYS A O   
558 C CB  . CYS A 112 ? 0.3803 0.2743 0.3252 0.0069  0.0192  -0.0049 130 CYS A CB  
559 S SG  . CYS A 112 ? 0.3957 0.2910 0.3468 0.0056  0.0156  0.0008  130 CYS A SG  
560 N N   . GLN A 113 ? 0.3886 0.2796 0.3362 0.0101  0.0270  -0.0176 131 GLN A N   
561 C CA  . GLN A 113 ? 0.4882 0.3792 0.4302 0.0115  0.0330  -0.0224 131 GLN A CA  
562 C C   . GLN A 113 ? 0.4379 0.3295 0.3963 0.0130  0.0372  -0.0237 131 GLN A C   
563 O O   . GLN A 113 ? 0.4263 0.3202 0.3858 0.0140  0.0429  -0.0229 131 GLN A O   
564 C CB  . GLN A 113 ? 0.4968 0.3843 0.4257 0.0118  0.0328  -0.0308 131 GLN A CB  
565 C CG  . GLN A 113 ? 0.6015 0.4895 0.5138 0.0101  0.0296  -0.0281 131 GLN A CG  
566 C CD  . GLN A 113 ? 0.7467 0.6312 0.6459 0.0094  0.0267  -0.0351 131 GLN A CD  
567 O OE1 . GLN A 113 ? 0.7670 0.6493 0.6615 0.0104  0.0303  -0.0434 131 GLN A OE1 
568 N NE2 . GLN A 113 ? 0.7617 0.6455 0.6550 0.0075  0.0201  -0.0320 131 GLN A NE2 
569 N N   . LEU A 114 ? 0.4587 0.3488 0.4323 0.0132  0.0340  -0.0244 132 LEU A N   
570 C CA  . LEU A 114 ? 0.4397 0.3308 0.4335 0.0143  0.0365  -0.0235 132 LEU A CA  
571 C C   . LEU A 114 ? 0.4264 0.3222 0.4263 0.0129  0.0364  -0.0135 132 LEU A C   
572 O O   . LEU A 114 ? 0.4129 0.3105 0.4213 0.0139  0.0411  -0.0124 132 LEU A O   
573 C CB  . LEU A 114 ? 0.4237 0.3127 0.4348 0.0142  0.0319  -0.0245 132 LEU A CB  
574 C CG  . LEU A 114 ? 0.5151 0.4046 0.5506 0.0154  0.0340  -0.0241 132 LEU A CG  
575 C CD1 . LEU A 114 ? 0.4338 0.3189 0.4840 0.0164  0.0314  -0.0308 132 LEU A CD1 
576 C CD2 . LEU A 114 ? 0.4711 0.3657 0.5193 0.0132  0.0308  -0.0116 132 LEU A CD2 
577 N N   . ARG A 115 ? 0.3866 0.2842 0.3818 0.0106  0.0314  -0.0065 133 ARG A N   
578 C CA  . ARG A 115 ? 0.3651 0.2666 0.3636 0.0086  0.0299  0.0024  133 ARG A CA  
579 C C   . ARG A 115 ? 0.3536 0.2562 0.3424 0.0088  0.0338  0.0031  133 ARG A C   
580 O O   . ARG A 115 ? 0.3583 0.2634 0.3555 0.0079  0.0342  0.0082  133 ARG A O   
581 C CB  . ARG A 115 ? 0.3297 0.2324 0.3227 0.0062  0.0246  0.0081  133 ARG A CB  
582 C CG  . ARG A 115 ? 0.3463 0.2497 0.3532 0.0053  0.0206  0.0114  133 ARG A CG  
583 C CD  . ARG A 115 ? 0.3913 0.2962 0.3909 0.0033  0.0172  0.0160  133 ARG A CD  
584 N NE  . ARG A 115 ? 0.5538 0.4610 0.5434 0.0013  0.0168  0.0210  133 ARG A NE  
585 C CZ  . ARG A 115 ? 0.4732 0.3797 0.4477 0.0011  0.0176  0.0197  133 ARG A CZ  
586 N NH1 . ARG A 115 ? 0.4652 0.3690 0.4327 0.0026  0.0185  0.0147  133 ARG A NH1 
587 N NH2 . ARG A 115 ? 0.5493 0.4573 0.5167 -0.0009 0.0169  0.0233  133 ARG A NH2 
588 N N   . ALA A 116 ? 0.3538 0.2550 0.3267 0.0095  0.0358  -0.0011 134 ALA A N   
589 C CA  . ALA A 116 ? 0.3911 0.2939 0.3564 0.0097  0.0398  0.0001  134 ALA A CA  
590 C C   . ALA A 116 ? 0.4112 0.3152 0.3865 0.0117  0.0462  -0.0020 134 ALA A C   
591 O O   . ALA A 116 ? 0.4479 0.3545 0.4305 0.0113  0.0480  0.0031  134 ALA A O   
592 C CB  . ALA A 116 ? 0.4132 0.3147 0.3612 0.0099  0.0404  -0.0032 134 ALA A CB  
593 N N   . ALA A 117 ? 0.4561 0.3578 0.4327 0.0139  0.0499  -0.0097 135 ALA A N   
594 C CA  . ALA A 117 ? 0.4941 0.3967 0.4826 0.0163  0.0574  -0.0132 135 ALA A CA  
595 C C   . ALA A 117 ? 0.4503 0.3554 0.4617 0.0157  0.0562  -0.0064 135 ALA A C   
596 O O   . ALA A 117 ? 0.4618 0.3694 0.4831 0.0167  0.0614  -0.0039 135 ALA A O   
597 C CB  . ALA A 117 ? 0.4820 0.3806 0.4708 0.0184  0.0602  -0.0237 135 ALA A CB  
598 N N   . SER A 118 ? 0.4409 0.3453 0.4608 0.0140  0.0490  -0.0026 136 SER A N   
599 C CA  . SER A 118 ? 0.3638 0.2710 0.4045 0.0124  0.0457  0.0055  136 SER A CA  
600 C C   . SER A 118 ? 0.4405 0.3509 0.4790 0.0100  0.0435  0.0139  136 SER A C   
601 O O   . SER A 118 ? 0.3341 0.2470 0.3895 0.0097  0.0443  0.0190  136 SER A O   
602 C CB  . SER A 118 ? 0.4303 0.3371 0.4770 0.0104  0.0380  0.0091  136 SER A CB  
603 O OG  . SER A 118 ? 0.3626 0.2722 0.4308 0.0087  0.0347  0.0172  136 SER A OG  
604 N N   . ARG A 119 ? 0.3214 0.2313 0.3411 0.0083  0.0403  0.0152  137 ARG A N   
605 C CA  . ARG A 119 ? 0.3565 0.2684 0.3734 0.0060  0.0378  0.0217  137 ARG A CA  
606 C C   . ARG A 119 ? 0.4171 0.3308 0.4375 0.0077  0.0446  0.0216  137 ARG A C   
607 O O   . ARG A 119 ? 0.4401 0.3562 0.4713 0.0063  0.0432  0.0281  137 ARG A O   
608 C CB  . ARG A 119 ? 0.3702 0.2807 0.3676 0.0043  0.0339  0.0217  137 ARG A CB  
609 C CG  . ARG A 119 ? 0.3939 0.3041 0.3894 0.0018  0.0273  0.0244  137 ARG A CG  
610 C CD  . ARG A 119 ? 0.4151 0.3241 0.3940 0.0000  0.0243  0.0248  137 ARG A CD  
611 N NE  . ARG A 119 ? 0.3545 0.2615 0.3210 0.0021  0.0276  0.0192  137 ARG A NE  
612 C CZ  . ARG A 119 ? 0.3694 0.2749 0.3312 0.0032  0.0277  0.0153  137 ARG A CZ  
613 N NH1 . ARG A 119 ? 0.3725 0.2781 0.3413 0.0029  0.0253  0.0160  137 ARG A NH1 
614 N NH2 . ARG A 119 ? 0.4227 0.3264 0.3736 0.0044  0.0295  0.0114  137 ARG A NH2 
615 N N   . ARG A 120 ? 0.4646 0.3774 0.4755 0.0106  0.0516  0.0148  138 ARG A N   
616 C CA  . ARG A 120 ? 0.5842 0.4996 0.5972 0.0125  0.0597  0.0148  138 ARG A CA  
617 C C   . ARG A 120 ? 0.5806 0.4980 0.6174 0.0140  0.0644  0.0164  138 ARG A C   
618 O O   . ARG A 120 ? 0.6218 0.5425 0.6694 0.0140  0.0676  0.0218  138 ARG A O   
619 C CB  . ARG A 120 ? 0.6693 0.5835 0.6656 0.0148  0.0663  0.0068  138 ARG A CB  
620 C CG  . ARG A 120 ? 0.7439 0.6569 0.7191 0.0132  0.0623  0.0068  138 ARG A CG  
621 C CD  . ARG A 120 ? 0.7797 0.6928 0.7389 0.0149  0.0686  0.0012  138 ARG A CD  
622 N NE  . ARG A 120 ? 0.7915 0.7015 0.7471 0.0166  0.0707  -0.0081 138 ARG A NE  
623 C CZ  . ARG A 120 ? 0.7440 0.6503 0.6883 0.0159  0.0653  -0.0124 138 ARG A CZ  
624 N NH1 . ARG A 120 ? 0.7748 0.6806 0.7107 0.0136  0.0584  -0.0083 138 ARG A NH1 
625 N NH2 . ARG A 120 ? 0.7698 0.6729 0.7127 0.0173  0.0669  -0.0213 138 ARG A NH2 
626 N N   . SER A 121 ? 0.5680 0.4836 0.6155 0.0153  0.0647  0.0122  139 SER A N   
627 C CA  . SER A 121 ? 0.5736 0.4911 0.6479 0.0168  0.0683  0.0139  139 SER A CA  
628 C C   . SER A 121 ? 0.5675 0.4877 0.6591 0.0134  0.0607  0.0255  139 SER A C   
629 O O   . SER A 121 ? 0.4993 0.4226 0.6106 0.0139  0.0641  0.0303  139 SER A O   
630 C CB  . SER A 121 ? 0.6558 0.5701 0.7389 0.0185  0.0685  0.0071  139 SER A CB  
631 O OG  . SER A 121 ? 0.6408 0.5565 0.7524 0.0202  0.0726  0.0084  139 SER A OG  
632 N N   . GLU A 122 ? 0.5326 0.4518 0.6167 0.0098  0.0503  0.0299  140 GLU A N   
633 C CA  . GLU A 122 ? 0.5555 0.4771 0.6504 0.0056  0.0416  0.0406  140 GLU A CA  
634 C C   . GLU A 122 ? 0.5400 0.4630 0.6300 0.0041  0.0412  0.0452  140 GLU A C   
635 O O   . GLU A 122 ? 0.5587 0.4842 0.6655 0.0018  0.0372  0.0533  140 GLU A O   
636 C CB  . GLU A 122 ? 0.5743 0.4947 0.6587 0.0019  0.0316  0.0435  140 GLU A CB  
637 C CG  . GLU A 122 ? 0.6057 0.5258 0.7019 0.0022  0.0296  0.0431  140 GLU A CG  
638 C CD  . GLU A 122 ? 0.6716 0.5934 0.7699 -0.0026 0.0189  0.0521  140 GLU A CD  
639 O OE1 . GLU A 122 ? 0.6469 0.5704 0.7444 -0.0064 0.0128  0.0593  140 GLU A OE1 
640 O OE2 . GLU A 122 ? 0.7936 0.7152 0.8947 -0.0030 0.0162  0.0521  140 GLU A OE2 
641 N N   A ARG A 123 ? 0.5676 0.4894 0.6366 0.0051  0.0445  0.0405  141 ARG A N   
642 N N   B ARG A 123 ? 0.5674 0.4892 0.6368 0.0052  0.0447  0.0405  141 ARG A N   
643 C CA  A ARG A 123 ? 0.5865 0.5097 0.6521 0.0043  0.0452  0.0443  141 ARG A CA  
644 C CA  B ARG A 123 ? 0.5821 0.5053 0.6481 0.0041  0.0448  0.0446  141 ARG A CA  
645 C C   A ARG A 123 ? 0.6412 0.5682 0.7280 0.0062  0.0525  0.0478  141 ARG A C   
646 C C   B ARG A 123 ? 0.6352 0.5623 0.7208 0.0063  0.0529  0.0476  141 ARG A C   
647 O O   A ARG A 123 ? 0.6287 0.5579 0.7287 0.0040  0.0488  0.0557  141 ARG A O   
648 O O   B ARG A 123 ? 0.6204 0.5496 0.7168 0.0043  0.0502  0.0550  141 ARG A O   
649 C CB  A ARG A 123 ? 0.6043 0.5261 0.6472 0.0058  0.0494  0.0385  141 ARG A CB  
650 C CB  B ARG A 123 ? 0.6001 0.5215 0.6422 0.0049  0.0471  0.0395  141 ARG A CB  
651 C CG  A ARG A 123 ? 0.5964 0.5205 0.6386 0.0056  0.0522  0.0425  141 ARG A CG  
652 C CG  B ARG A 123 ? 0.5937 0.5153 0.6302 0.0023  0.0427  0.0443  141 ARG A CG  
653 C CD  A ARG A 123 ? 0.5256 0.4475 0.5581 0.0020  0.0432  0.0456  141 ARG A CD  
654 C CD  B ARG A 123 ? 0.5783 0.4962 0.5976 -0.0003 0.0347  0.0425  141 ARG A CD  
655 N NE  A ARG A 123 ? 0.5401 0.4587 0.5521 0.0020  0.0411  0.0398  141 ARG A NE  
656 N NE  B ARG A 123 ? 0.5314 0.4476 0.5331 0.0018  0.0384  0.0359  141 ARG A NE  
657 C CZ  A ARG A 123 ? 0.4031 0.3189 0.4046 -0.0006 0.0341  0.0400  141 ARG A CZ  
658 C CZ  B ARG A 123 ? 0.3420 0.2564 0.3375 0.0027  0.0381  0.0311  141 ARG A CZ  
659 N NH1 A ARG A 123 ? 0.5534 0.4688 0.5610 -0.0038 0.0278  0.0449  141 ARG A NH1 
660 N NH1 B ARG A 123 ? 0.5099 0.4244 0.5153 0.0018  0.0347  0.0325  141 ARG A NH1 
661 N NH2 A ARG A 123 ? 0.5056 0.4188 0.4913 -0.0002 0.0334  0.0350  141 ARG A NH2 
662 N NH2 B ARG A 123 ? 0.3441 0.2569 0.3250 0.0042  0.0405  0.0258  141 ARG A NH2 
663 N N   . LEU A 124 ? 0.6432 0.5711 0.7338 0.0105  0.0631  0.0417  142 LEU A N   
664 C CA  . LEU A 124 ? 0.6877 0.6193 0.7994 0.0132  0.0726  0.0439  142 LEU A CA  
665 C C   . LEU A 124 ? 0.6052 0.5377 0.7452 0.0133  0.0714  0.0469  142 LEU A C   
666 O O   . LEU A 124 ? 0.6746 0.6089 0.8321 0.0170  0.0815  0.0443  142 LEU A O   
667 C CB  . LEU A 124 ? 0.7009 0.6336 0.8013 0.0174  0.0861  0.0358  142 LEU A CB  
668 C CG  . LEU A 124 ? 0.7761 0.7051 0.8609 0.0201  0.0907  0.0241  142 LEU A CG  
669 C CD1 . LEU A 124 ? 0.7866 0.7164 0.8904 0.0240  0.1010  0.0185  142 LEU A CD1 
670 C CD2 . LEU A 124 ? 0.8285 0.7576 0.8862 0.0210  0.0957  0.0195  142 LEU A CD2 
671 N N   . HIS A 125 ? 0.5991 0.5303 0.7432 0.0093  0.0589  0.0526  143 HIS A N   
672 C CA  . HIS A 125 ? 0.7378 0.6709 0.9106 0.0075  0.0534  0.0603  143 HIS A CA  
673 C C   . HIS A 125 ? 0.8693 0.8017 1.0590 0.0103  0.0577  0.0558  143 HIS A C   
674 O O   . HIS A 125 ? 0.9242 0.8586 1.1432 0.0096  0.0555  0.0624  143 HIS A O   
675 C CB  . HIS A 125 ? 0.7473 0.6845 0.9439 0.0067  0.0543  0.0695  143 HIS A CB  
676 C CG  . HIS A 125 ? 0.8009 0.7381 0.9873 0.0021  0.0449  0.0762  143 HIS A CG  
677 N ND1 . HIS A 125 ? 0.8612 0.7994 1.0363 0.0031  0.0499  0.0754  143 HIS A ND1 
678 C CD2 . HIS A 125 ? 0.7988 0.7352 0.9842 -0.0035 0.0306  0.0836  143 HIS A CD2 
679 C CE1 . HIS A 125 ? 0.8879 0.8251 1.0576 -0.0015 0.0390  0.0814  143 HIS A CE1 
680 N NE2 . HIS A 125 ? 0.8538 0.7897 1.0283 -0.0057 0.0273  0.0858  143 HIS A NE2 
681 N N   . ARG A 126 ? 0.9097 0.8386 1.0824 0.0132  0.0629  0.0448  144 ARG A N   
682 C CA  . ARG A 126 ? 0.9300 0.8571 1.1175 0.0157  0.0657  0.0393  144 ARG A CA  
683 C C   . ARG A 126 ? 0.9162 0.8418 1.1002 0.0119  0.0534  0.0430  144 ARG A C   
684 O O   . ARG A 126 ? 0.8110 0.7377 0.9849 0.0073  0.0434  0.0508  144 ARG A O   
685 C CB  . ARG A 126 ? 0.9899 0.9140 1.1619 0.0204  0.0773  0.0253  144 ARG A CB  
686 C CG  . ARG A 126 ? 1.0154 0.9419 1.1888 0.0240  0.0906  0.0218  144 ARG A CG  
687 C CD  . ARG A 126 ? 1.1009 1.0243 1.2566 0.0281  0.1012  0.0074  144 ARG A CD  
688 N NE  . ARG A 126 ? 1.1843 1.1107 1.3384 0.0314  0.1148  0.0045  144 ARG A NE  
689 C CZ  . ARG A 126 ? 1.2385 1.1633 1.3786 0.0350  0.1263  -0.0078 144 ARG A CZ  
690 N NH1 . ARG A 126 ? 1.2451 1.1644 1.3725 0.0358  0.1250  -0.0189 144 ARG A NH1 
691 N NH2 . ARG A 126 ? 1.2541 1.1830 1.3927 0.0376  0.1392  -0.0088 144 ARG A NH2 
692 N N   . PRO A 127 ? 0.9641 0.8874 1.1568 0.0136  0.0543  0.0376  145 PRO A N   
693 C CA  . PRO A 127 ? 0.9022 0.8247 1.0913 0.0102  0.0436  0.0419  145 PRO A CA  
694 C C   . PRO A 127 ? 0.7854 0.7040 0.9450 0.0113  0.0447  0.0323  145 PRO A C   
695 O O   . PRO A 127 ? 0.8595 0.7760 1.0034 0.0144  0.0529  0.0231  145 PRO A O   
696 C CB  . PRO A 127 ? 0.9519 0.8741 1.1721 0.0120  0.0447  0.0416  145 PRO A CB  
697 C CG  . PRO A 127 ? 1.0083 0.9272 1.2278 0.0177  0.0580  0.0276  145 PRO A CG  
698 C CD  . PRO A 127 ? 1.0056 0.9263 1.2107 0.0188  0.0650  0.0267  145 PRO A CD  
699 N N   . PRO A 128 ? 0.7074 0.6255 0.8605 0.0086  0.0365  0.0351  146 PRO A N   
700 C CA  . PRO A 128 ? 0.6084 0.5228 0.7359 0.0096  0.0374  0.0267  146 PRO A CA  
701 C C   . PRO A 128 ? 0.5463 0.4566 0.6781 0.0138  0.0439  0.0146  146 PRO A C   
702 O O   . PRO A 128 ? 0.5235 0.4333 0.6800 0.0160  0.0476  0.0126  146 PRO A O   
703 C CB  . PRO A 128 ? 0.6614 0.5772 0.7848 0.0056  0.0274  0.0341  146 PRO A CB  
704 C CG  . PRO A 128 ? 0.6861 0.6052 0.8370 0.0034  0.0222  0.0442  146 PRO A CG  
705 C CD  . PRO A 128 ? 0.6638 0.5849 0.8288 0.0040  0.0258  0.0470  146 PRO A CD  
706 N N   . VAL A 129 ? 0.5154 0.4224 0.6235 0.0147  0.0451  0.0066  147 VAL A N   
707 C CA  . VAL A 129 ? 0.5535 0.4558 0.6624 0.0174  0.0478  -0.0044 147 VAL A CA  
708 C C   . VAL A 129 ? 0.5789 0.4808 0.6900 0.0149  0.0388  -0.0001 147 VAL A C   
709 O O   . VAL A 129 ? 0.5498 0.4523 0.6418 0.0127  0.0343  0.0031  147 VAL A O   
710 C CB  . VAL A 129 ? 0.5363 0.4354 0.6179 0.0192  0.0531  -0.0149 147 VAL A CB  
711 C CG1 . VAL A 129 ? 0.5478 0.4413 0.6287 0.0212  0.0542  -0.0266 147 VAL A CG1 
712 C CG2 . VAL A 129 ? 0.6396 0.5404 0.7178 0.0214  0.0626  -0.0174 147 VAL A CG2 
713 N N   . ILE A 130 ? 0.6571 0.5583 0.7935 0.0153  0.0367  0.0006  148 ILE A N   
714 C CA  . ILE A 130 ? 0.6771 0.5790 0.8210 0.0129  0.0283  0.0067  148 ILE A CA  
715 C C   . ILE A 130 ? 0.6770 0.5733 0.8182 0.0148  0.0283  -0.0040 148 ILE A C   
716 O O   . ILE A 130 ? 0.6973 0.5890 0.8399 0.0180  0.0343  -0.0162 148 ILE A O   
717 C CB  . ILE A 130 ? 0.8027 0.7080 0.9796 0.0114  0.0243  0.0169  148 ILE A CB  
718 C CG1 . ILE A 130 ? 0.7957 0.7073 0.9712 0.0074  0.0198  0.0306  148 ILE A CG1 
719 C CG2 . ILE A 130 ? 0.8484 0.7535 1.0405 0.0100  0.0177  0.0204  148 ILE A CG2 
720 C CD1 . ILE A 130 ? 0.8232 0.7365 1.0155 0.0084  0.0237  0.0329  148 ILE A CD1 
721 N N   . VAL A 131 ? 0.6646 0.5613 0.8018 0.0126  0.0216  0.0004  149 VAL A N   
722 C CA  . VAL A 131 ? 0.7722 0.6638 0.9093 0.0137  0.0197  -0.0083 149 VAL A CA  
723 C C   . VAL A 131 ? 0.7972 0.6867 0.9665 0.0147  0.0177  -0.0096 149 VAL A C   
724 O O   . VAL A 131 ? 0.7732 0.6673 0.9642 0.0126  0.0132  0.0022  149 VAL A O   
725 C CB  . VAL A 131 ? 0.7820 0.6753 0.9064 0.0111  0.0135  -0.0021 149 VAL A CB  
726 C CG1 . VAL A 131 ? 0.7808 0.6685 0.9032 0.0122  0.0111  -0.0114 149 VAL A CG1 
727 C CG2 . VAL A 131 ? 0.8113 0.7071 0.9080 0.0100  0.0151  0.0008  149 VAL A CG2 
728 N N   . LEU A 132 ? 0.8764 0.7590 1.0493 0.0176  0.0208  -0.0240 150 LEU A N   
729 C CA  . LEU A 132 ? 0.9539 0.8329 1.1583 0.0189  0.0188  -0.0278 150 LEU A CA  
730 C C   . LEU A 132 ? 1.0057 0.8818 1.2147 0.0176  0.0110  -0.0282 150 LEU A C   
731 O O   . LEU A 132 ? 1.0242 0.9037 1.2575 0.0157  0.0049  -0.0177 150 LEU A O   
732 C CB  . LEU A 132 ? 0.9608 0.8333 1.1692 0.0230  0.0271  -0.0445 150 LEU A CB  
733 C CG  . LEU A 132 ? 0.9726 0.8474 1.1873 0.0251  0.0361  -0.0450 150 LEU A CG  
734 C CD1 . LEU A 132 ? 0.9780 0.8458 1.1938 0.0294  0.0453  -0.0635 150 LEU A CD1 
735 C CD2 . LEU A 132 ? 0.9820 0.8621 1.2312 0.0240  0.0335  -0.0314 150 LEU A CD2 
736 N N   . GLN A 133 ? 1.0748 0.9455 1.2617 0.0182  0.0107  -0.0395 151 GLN A N   
737 C CA  . GLN A 133 ? 1.1075 0.9752 1.2980 0.0168  0.0028  -0.0402 151 GLN A CA  
738 C C   . GLN A 133 ? 1.1142 0.9812 1.2724 0.0156  0.0011  -0.0423 151 GLN A C   
739 O O   . GLN A 133 ? 1.0596 0.9326 1.2024 0.0139  0.0015  -0.0322 151 GLN A O   
740 C CB  . GLN A 133 ? 1.1296 0.9887 1.3400 0.0188  0.0015  -0.0540 151 GLN A CB  
741 C CG  . GLN A 133 ? 1.1640 1.0166 1.3637 0.0221  0.0099  -0.0716 151 GLN A CG  
742 C CD  . GLN A 133 ? 1.1931 1.0373 1.4177 0.0243  0.0095  -0.0853 151 GLN A CD  
743 O OE1 . GLN A 133 ? 1.2278 1.0658 1.4435 0.0269  0.0165  -0.1017 151 GLN A OE1 
744 N NE2 . GLN A 133 ? 1.1532 0.9975 1.4096 0.0231  0.0019  -0.0786 151 GLN A NE2 
745 N N   . ARG A 134 ? 1.1681 1.0277 1.3166 0.0162  -0.0012 -0.0552 152 ARG A N   
746 C CA  . ARG A 134 ? 1.1973 1.0560 1.3173 0.0147  -0.0036 -0.0568 152 ARG A CA  
747 C C   . ARG A 134 ? 1.1818 1.0323 1.2837 0.0157  -0.0033 -0.0738 152 ARG A C   
748 O O   . ARG A 134 ? 1.2063 1.0510 1.3127 0.0148  -0.0104 -0.0803 152 ARG A O   
749 C CB  . ARG A 134 ? 1.2287 1.0900 1.3571 0.0123  -0.0120 -0.0466 152 ARG A CB  
750 C CG  . ARG A 134 ? 1.2675 1.1327 1.3717 0.0106  -0.0126 -0.0400 152 ARG A CG  
751 C CD  . ARG A 134 ? 1.2898 1.1576 1.4041 0.0085  -0.0195 -0.0304 152 ARG A CD  
752 N NE  . ARG A 134 ? 1.3063 1.1793 1.4021 0.0073  -0.0180 -0.0219 152 ARG A NE  
753 C CZ  . ARG A 134 ? 1.3130 1.1893 1.4128 0.0058  -0.0220 -0.0134 152 ARG A CZ  
754 N NH1 . ARG A 134 ? 1.3361 1.2111 1.4577 0.0050  -0.0283 -0.0111 152 ARG A NH1 
755 N NH2 . ARG A 134 ? 1.3075 1.1882 1.3910 0.0051  -0.0193 -0.0072 152 ARG A NH2 
756 N N   . GLY A 135 ? 1.1605 1.0108 1.2418 0.0171  0.0046  -0.0805 153 GLY A N   
757 C CA  . GLY A 135 ? 1.1757 1.0193 1.2336 0.0176  0.0060  -0.0956 153 GLY A CA  
758 C C   . GLY A 135 ? 1.2347 1.0716 1.3017 0.0201  0.0108  -0.1113 153 GLY A C   
759 O O   . GLY A 135 ? 1.2574 1.0910 1.3025 0.0212  0.0169  -0.1231 153 GLY A O   
760 N N   . ALA A 136 ? 1.2341 1.0687 1.3336 0.0211  0.0085  -0.1117 154 ALA A N   
761 C CA  . ALA A 136 ? 1.2719 1.0989 1.3855 0.0237  0.0124  -0.1276 154 ALA A CA  
762 C C   . ALA A 136 ? 1.2708 1.1001 1.3866 0.0271  0.0255  -0.1312 154 ALA A C   
763 O O   . ALA A 136 ? 1.2339 1.0572 1.3442 0.0294  0.0325  -0.1476 154 ALA A O   
764 C CB  . ALA A 136 ? 1.2791 1.1036 1.4313 0.0236  0.0053  -0.1252 154 ALA A CB  
# 
